data_2KND
#
_entry.id   2KND
#
_entity_poly.entity_id   1
_entity_poly.type   'polypeptide(L)'
_entity_poly.pdbx_seq_one_letter_code
;CDSGTGLTGNYSQDTLTVIATLREAIDLPQDAPNRQEVQDTARGQINDYISRYRRKGDAGGLKSFTTMQTALNSLAGYYT
SYGARPIPEKLKKRLQLEFTQAERSIERGV
;
_entity_poly.pdbx_strand_id   A
#
# COMPACT_ATOMS: atom_id res chain seq x y z
N CYS A 1 8.23 14.28 8.62
CA CYS A 1 6.80 14.65 8.79
C CYS A 1 6.30 14.15 10.14
N ASP A 2 6.35 12.83 10.32
CA ASP A 2 5.89 12.24 11.58
C ASP A 2 6.44 10.82 11.73
N SER A 3 7.70 10.65 11.34
CA SER A 3 8.34 9.33 11.44
C SER A 3 8.28 8.82 12.87
N GLY A 4 7.89 7.56 13.02
CA GLY A 4 7.79 6.97 14.34
C GLY A 4 6.35 6.62 14.69
N THR A 5 6.15 5.54 15.44
CA THR A 5 4.81 5.12 15.82
C THR A 5 4.88 4.00 16.85
N GLY A 6 3.95 3.06 16.75
CA GLY A 6 3.91 1.93 17.67
C GLY A 6 3.63 0.64 16.92
N LEU A 7 3.55 0.73 15.60
CA LEU A 7 3.29 -0.45 14.77
C LEU A 7 3.98 -1.67 15.36
N THR A 8 3.43 -2.85 15.08
CA THR A 8 4.00 -4.09 15.59
C THR A 8 4.13 -5.13 14.47
N GLY A 9 3.72 -4.73 13.26
CA GLY A 9 3.78 -5.63 12.11
C GLY A 9 3.51 -7.08 12.54
N ASN A 10 2.35 -7.30 13.16
CA ASN A 10 1.98 -8.63 13.60
C ASN A 10 2.47 -9.70 12.62
N TYR A 11 1.74 -9.86 11.52
CA TYR A 11 2.11 -10.84 10.51
C TYR A 11 1.29 -10.63 9.24
N SER A 12 0.81 -11.73 8.66
CA SER A 12 0.01 -11.65 7.44
C SER A 12 -1.15 -10.68 7.64
N GLN A 13 -1.82 -10.80 8.79
CA GLN A 13 -2.94 -9.93 9.09
C GLN A 13 -2.56 -8.47 8.93
N ASP A 14 -1.34 -8.13 9.36
CA ASP A 14 -0.85 -6.76 9.24
C ASP A 14 -0.49 -6.44 7.80
N THR A 15 -0.07 -7.45 7.06
CA THR A 15 0.32 -7.25 5.66
C THR A 15 -0.88 -6.83 4.83
N LEU A 16 -2.00 -7.53 4.96
CA LEU A 16 -3.19 -7.19 4.19
C LEU A 16 -3.85 -5.94 4.76
N THR A 17 -3.70 -5.74 6.07
CA THR A 17 -4.29 -4.57 6.71
C THR A 17 -3.72 -3.29 6.11
N VAL A 18 -2.40 -3.27 5.92
CA VAL A 18 -1.74 -2.10 5.35
C VAL A 18 -2.17 -1.91 3.90
N ILE A 19 -2.00 -2.94 3.09
CA ILE A 19 -2.38 -2.85 1.68
C ILE A 19 -3.88 -2.65 1.54
N ALA A 20 -4.62 -3.13 2.54
CA ALA A 20 -6.06 -2.99 2.49
C ALA A 20 -6.45 -1.53 2.38
N THR A 21 -5.70 -0.66 3.03
CA THR A 21 -5.97 0.77 2.97
C THR A 21 -5.58 1.31 1.60
N LEU A 22 -4.57 0.68 1.01
CA LEU A 22 -4.10 1.08 -0.30
C LEU A 22 -5.08 0.62 -1.38
N ARG A 23 -5.44 -0.65 -1.31
CA ARG A 23 -6.39 -1.22 -2.27
C ARG A 23 -7.72 -0.51 -2.17
N GLU A 24 -8.02 -0.02 -0.97
CA GLU A 24 -9.28 0.69 -0.76
C GLU A 24 -9.18 2.10 -1.32
N ALA A 25 -7.97 2.63 -1.35
CA ALA A 25 -7.73 3.96 -1.87
C ALA A 25 -7.89 4.01 -3.39
N ILE A 26 -7.25 3.06 -4.07
CA ILE A 26 -7.33 3.01 -5.52
C ILE A 26 -8.79 2.91 -5.97
N ASP A 27 -9.61 2.30 -5.14
CA ASP A 27 -11.03 2.14 -5.46
C ASP A 27 -11.90 2.22 -4.22
N LEU A 28 -11.76 3.31 -3.46
CA LEU A 28 -12.58 3.48 -2.25
C LEU A 28 -14.03 3.75 -2.62
N PRO A 29 -14.96 3.50 -1.74
CA PRO A 29 -16.40 3.74 -2.02
C PRO A 29 -16.61 5.15 -2.59
N GLN A 30 -17.74 5.35 -3.26
CA GLN A 30 -18.04 6.65 -3.85
C GLN A 30 -18.17 7.71 -2.76
N ASP A 31 -17.93 7.32 -1.51
CA ASP A 31 -18.02 8.25 -0.40
C ASP A 31 -16.67 8.90 -0.13
N ALA A 32 -15.79 8.85 -1.13
CA ALA A 32 -14.46 9.44 -1.00
C ALA A 32 -13.91 9.85 -2.36
N PRO A 33 -14.52 10.83 -2.99
CA PRO A 33 -14.07 11.32 -4.33
C PRO A 33 -12.66 11.92 -4.26
N ASN A 34 -11.86 11.42 -3.32
CA ASN A 34 -10.50 11.90 -3.16
C ASN A 34 -9.59 10.72 -2.79
N ARG A 35 -9.38 9.84 -3.75
CA ARG A 35 -8.55 8.66 -3.53
C ARG A 35 -7.19 9.07 -2.97
N GLN A 36 -6.85 10.35 -3.13
CA GLN A 36 -5.57 10.85 -2.65
C GLN A 36 -5.59 11.06 -1.13
N GLU A 37 -6.68 11.63 -0.62
CA GLU A 37 -6.79 11.89 0.81
C GLU A 37 -6.66 10.59 1.61
N VAL A 38 -7.54 9.64 1.33
CA VAL A 38 -7.49 8.36 2.03
C VAL A 38 -6.07 7.80 2.00
N GLN A 39 -5.40 8.01 0.87
CA GLN A 39 -4.03 7.55 0.72
C GLN A 39 -3.14 8.19 1.78
N ASP A 40 -3.48 9.42 2.15
CA ASP A 40 -2.70 10.13 3.16
C ASP A 40 -2.67 9.33 4.45
N THR A 41 -3.82 8.79 4.84
CA THR A 41 -3.91 7.99 6.05
C THR A 41 -2.97 6.79 5.96
N ALA A 42 -2.85 6.24 4.75
CA ALA A 42 -1.98 5.09 4.53
C ALA A 42 -0.52 5.51 4.73
N ARG A 43 -0.19 6.71 4.25
CA ARG A 43 1.18 7.21 4.38
C ARG A 43 1.65 7.12 5.82
N GLY A 44 0.76 7.41 6.76
CA GLY A 44 1.10 7.34 8.18
C GLY A 44 1.60 5.95 8.52
N GLN A 45 0.86 4.94 8.06
CA GLN A 45 1.23 3.56 8.33
C GLN A 45 2.63 3.27 7.78
N ILE A 46 2.92 3.77 6.58
CA ILE A 46 4.23 3.56 5.97
C ILE A 46 5.33 4.02 6.92
N ASN A 47 5.19 5.26 7.40
CA ASN A 47 6.18 5.80 8.33
C ASN A 47 6.25 4.93 9.57
N ASP A 48 5.12 4.34 9.94
CA ASP A 48 5.06 3.49 11.11
C ASP A 48 5.76 2.16 10.86
N TYR A 49 5.45 1.53 9.74
CA TYR A 49 6.07 0.25 9.41
C TYR A 49 7.52 0.45 8.98
N ILE A 50 7.72 1.34 8.01
CA ILE A 50 9.06 1.61 7.49
C ILE A 50 9.90 2.45 8.45
N SER A 51 9.26 3.31 9.24
CA SER A 51 10.01 4.17 10.16
C SER A 51 9.70 3.87 11.63
N ARG A 52 9.52 2.60 11.97
CA ARG A 52 9.25 2.22 13.35
C ARG A 52 9.18 0.70 13.49
N TYR A 53 8.53 0.04 12.53
CA TYR A 53 8.42 -1.41 12.58
C TYR A 53 8.82 -2.02 11.24
N ARG A 54 10.09 -1.86 10.88
CA ARG A 54 10.59 -2.40 9.62
C ARG A 54 10.86 -3.90 9.76
N ARG A 55 11.13 -4.33 10.98
CA ARG A 55 11.40 -5.74 11.24
C ARG A 55 10.14 -6.58 11.00
N LYS A 56 10.35 -7.86 10.70
CA LYS A 56 9.23 -8.75 10.44
C LYS A 56 9.72 -10.19 10.24
N GLY A 57 9.17 -10.86 9.24
CA GLY A 57 9.56 -12.24 8.96
C GLY A 57 10.14 -12.36 7.55
N ASP A 58 11.25 -11.68 7.32
CA ASP A 58 11.90 -11.72 6.02
C ASP A 58 12.56 -13.07 5.78
N ALA A 59 11.80 -14.02 5.24
CA ALA A 59 12.32 -15.34 4.98
C ALA A 59 13.43 -15.28 3.93
N GLY A 60 13.46 -14.19 3.17
CA GLY A 60 14.47 -14.02 2.14
C GLY A 60 13.92 -14.38 0.76
N GLY A 61 12.62 -14.12 0.56
CA GLY A 61 11.98 -14.43 -0.71
C GLY A 61 10.58 -13.84 -0.77
N LEU A 62 10.22 -13.06 0.24
CA LEU A 62 8.90 -12.44 0.29
C LEU A 62 8.64 -11.63 -0.97
N LYS A 63 7.70 -12.09 -1.79
CA LYS A 63 7.37 -11.40 -3.03
C LYS A 63 6.41 -10.25 -2.77
N SER A 64 5.68 -10.34 -1.66
CA SER A 64 4.72 -9.31 -1.29
C SER A 64 5.44 -8.09 -0.72
N PHE A 65 6.32 -8.33 0.24
CA PHE A 65 7.07 -7.25 0.88
C PHE A 65 7.80 -6.41 -0.17
N THR A 66 8.44 -7.10 -1.13
CA THR A 66 9.17 -6.41 -2.18
C THR A 66 8.24 -5.51 -2.98
N THR A 67 6.97 -5.92 -3.10
CA THR A 67 5.99 -5.14 -3.83
C THR A 67 5.62 -3.89 -3.05
N MET A 68 5.53 -4.03 -1.73
CA MET A 68 5.18 -2.90 -0.89
C MET A 68 6.08 -1.72 -1.20
N GLN A 69 7.35 -2.00 -1.48
CA GLN A 69 8.31 -0.96 -1.82
C GLN A 69 8.15 -0.53 -3.28
N THR A 70 7.74 -1.48 -4.12
CA THR A 70 7.56 -1.19 -5.54
C THR A 70 6.31 -0.33 -5.74
N ALA A 71 5.21 -0.74 -5.13
CA ALA A 71 3.96 0.01 -5.24
C ALA A 71 4.04 1.33 -4.48
N LEU A 72 4.78 1.33 -3.37
CA LEU A 72 4.92 2.54 -2.57
C LEU A 72 5.40 3.68 -3.45
N ASN A 73 6.48 3.43 -4.19
CA ASN A 73 7.04 4.44 -5.07
C ASN A 73 6.00 4.87 -6.10
N SER A 74 5.21 3.92 -6.58
CA SER A 74 4.17 4.21 -7.57
C SER A 74 3.03 5.01 -6.95
N LEU A 75 2.57 4.56 -5.79
CA LEU A 75 1.48 5.24 -5.09
C LEU A 75 1.73 6.74 -5.08
N ALA A 76 2.75 7.11 -4.32
CA ALA A 76 3.14 8.50 -4.18
C ALA A 76 3.18 9.19 -5.55
N GLY A 77 3.29 8.38 -6.60
CA GLY A 77 3.36 8.93 -7.96
C GLY A 77 2.04 9.57 -8.35
N TYR A 78 0.93 8.96 -7.91
CA TYR A 78 -0.39 9.48 -8.22
C TYR A 78 -0.68 10.73 -7.40
N TYR A 79 -0.25 10.73 -6.14
CA TYR A 79 -0.49 11.86 -5.26
C TYR A 79 0.27 13.10 -5.75
N THR A 80 1.10 12.92 -6.77
CA THR A 80 1.87 14.02 -7.32
C THR A 80 0.94 15.16 -7.75
N SER A 81 1.15 16.33 -7.17
CA SER A 81 0.34 17.50 -7.51
C SER A 81 -1.14 17.13 -7.55
N TYR A 82 -1.46 15.94 -7.03
CA TYR A 82 -2.85 15.48 -7.01
C TYR A 82 -3.42 15.43 -8.42
N GLY A 83 -2.71 14.74 -9.31
CA GLY A 83 -3.16 14.62 -10.70
C GLY A 83 -4.44 13.79 -10.78
N ALA A 84 -5.57 14.47 -10.89
CA ALA A 84 -6.86 13.79 -10.98
C ALA A 84 -7.09 13.24 -12.39
N ARG A 85 -6.04 12.69 -12.98
CA ARG A 85 -6.14 12.13 -14.33
C ARG A 85 -6.13 10.61 -14.27
N PRO A 86 -6.53 9.97 -15.34
CA PRO A 86 -6.57 8.48 -15.42
C PRO A 86 -5.35 7.85 -14.77
N ILE A 87 -5.60 6.84 -13.93
CA ILE A 87 -4.52 6.15 -13.22
C ILE A 87 -3.42 5.71 -14.22
N PRO A 88 -2.27 6.34 -14.20
CA PRO A 88 -1.16 5.97 -15.12
C PRO A 88 -0.90 4.46 -15.13
N GLU A 89 -0.10 4.02 -16.10
CA GLU A 89 0.22 2.59 -16.22
C GLU A 89 1.00 2.13 -15.00
N LYS A 90 2.07 2.84 -14.67
CA LYS A 90 2.88 2.48 -13.53
C LYS A 90 2.05 2.52 -12.25
N LEU A 91 1.08 3.41 -12.20
CA LEU A 91 0.21 3.53 -11.04
C LEU A 91 -0.79 2.39 -11.04
N LYS A 92 -1.54 2.30 -12.13
CA LYS A 92 -2.53 1.25 -12.27
C LYS A 92 -1.85 -0.11 -12.32
N LYS A 93 -0.76 -0.20 -13.08
CA LYS A 93 -0.04 -1.47 -13.19
C LYS A 93 0.56 -1.87 -11.85
N ARG A 94 1.17 -0.93 -11.17
CA ARG A 94 1.75 -1.23 -9.86
C ARG A 94 0.65 -1.43 -8.85
N LEU A 95 -0.39 -0.60 -8.92
CA LEU A 95 -1.52 -0.73 -8.01
C LEU A 95 -2.32 -1.96 -8.37
N GLN A 96 -2.40 -2.23 -9.66
CA GLN A 96 -3.11 -3.40 -10.14
C GLN A 96 -2.27 -4.62 -9.83
N LEU A 97 -1.00 -4.52 -10.17
CA LEU A 97 -0.07 -5.60 -9.91
C LEU A 97 0.04 -5.78 -8.40
N GLU A 98 0.07 -4.66 -7.68
CA GLU A 98 0.15 -4.71 -6.23
C GLU A 98 -1.19 -5.14 -5.66
N PHE A 99 -2.27 -4.56 -6.19
CA PHE A 99 -3.60 -4.91 -5.73
C PHE A 99 -3.85 -6.37 -5.99
N THR A 100 -3.44 -6.84 -7.16
CA THR A 100 -3.63 -8.23 -7.48
C THR A 100 -2.57 -9.06 -6.78
N GLN A 101 -1.33 -8.60 -6.82
CA GLN A 101 -0.26 -9.32 -6.13
C GLN A 101 -0.56 -9.31 -4.63
N ALA A 102 -1.23 -8.26 -4.19
CA ALA A 102 -1.60 -8.14 -2.78
C ALA A 102 -2.92 -8.84 -2.53
N GLU A 103 -3.93 -8.46 -3.29
CA GLU A 103 -5.25 -9.03 -3.14
C GLU A 103 -5.33 -10.44 -3.73
N ARG A 104 -4.89 -10.57 -4.98
CA ARG A 104 -4.95 -11.89 -5.64
C ARG A 104 -4.08 -12.91 -4.92
N SER A 105 -2.82 -12.58 -4.68
CA SER A 105 -1.90 -13.51 -4.02
C SER A 105 -2.36 -13.82 -2.60
N ILE A 106 -2.54 -12.78 -1.78
CA ILE A 106 -2.94 -12.99 -0.39
C ILE A 106 -4.27 -13.76 -0.32
N GLU A 107 -5.09 -13.60 -1.36
CA GLU A 107 -6.37 -14.29 -1.40
C GLU A 107 -6.18 -15.80 -1.48
N ARG A 108 -4.98 -16.22 -1.86
CA ARG A 108 -4.68 -17.64 -1.98
C ARG A 108 -5.65 -18.31 -2.93
N GLY A 109 -5.48 -18.04 -4.23
CA GLY A 109 -6.34 -18.64 -5.24
C GLY A 109 -5.52 -19.32 -6.33
N VAL A 110 -4.43 -18.68 -6.73
CA VAL A 110 -3.56 -19.24 -7.77
C VAL A 110 -2.29 -19.80 -7.14
N CYS A 1 5.62 16.08 11.49
CA CYS A 1 4.44 15.29 11.94
C CYS A 1 4.02 14.33 10.82
N ASP A 2 2.77 13.90 10.86
CA ASP A 2 2.26 12.98 9.85
C ASP A 2 3.06 11.68 9.84
N SER A 3 3.85 11.47 10.89
CA SER A 3 4.66 10.27 10.99
C SER A 3 4.48 9.61 12.36
N GLY A 4 4.74 8.31 12.43
CA GLY A 4 4.61 7.58 13.69
C GLY A 4 3.18 7.09 13.89
N THR A 5 3.04 5.97 14.58
CA THR A 5 1.72 5.39 14.83
C THR A 5 1.82 4.24 15.84
N GLY A 6 1.08 3.18 15.57
CA GLY A 6 1.06 2.01 16.44
C GLY A 6 0.43 0.83 15.73
N LEU A 7 1.10 0.36 14.67
CA LEU A 7 0.59 -0.76 13.90
C LEU A 7 0.73 -2.07 14.67
N THR A 8 1.72 -2.87 14.31
CA THR A 8 1.96 -4.14 14.97
C THR A 8 3.13 -4.88 14.34
N GLY A 9 3.46 -4.54 13.09
CA GLY A 9 4.56 -5.19 12.39
C GLY A 9 4.50 -6.69 12.59
N ASN A 10 3.30 -7.25 12.53
CA ASN A 10 3.13 -8.68 12.71
C ASN A 10 3.67 -9.45 11.51
N TYR A 11 2.82 -10.27 10.90
CA TYR A 11 3.22 -11.05 9.74
C TYR A 11 2.28 -10.80 8.57
N SER A 12 1.82 -11.87 7.93
CA SER A 12 0.90 -11.75 6.81
C SER A 12 -0.29 -10.88 7.19
N GLN A 13 -0.77 -11.06 8.41
CA GLN A 13 -1.91 -10.29 8.91
C GLN A 13 -1.66 -8.80 8.75
N ASP A 14 -0.52 -8.34 9.25
CA ASP A 14 -0.17 -6.93 9.16
C ASP A 14 0.24 -6.56 7.74
N THR A 15 0.79 -7.52 7.02
CA THR A 15 1.23 -7.27 5.65
C THR A 15 0.04 -6.97 4.73
N LEU A 16 -1.00 -7.80 4.80
CA LEU A 16 -2.16 -7.59 3.96
C LEU A 16 -2.98 -6.41 4.45
N THR A 17 -2.99 -6.18 5.75
CA THR A 17 -3.74 -5.08 6.33
C THR A 17 -3.20 -3.73 5.85
N VAL A 18 -1.92 -3.48 6.13
CA VAL A 18 -1.30 -2.24 5.72
C VAL A 18 -1.32 -2.05 4.22
N ILE A 19 -0.79 -3.04 3.50
CA ILE A 19 -0.74 -2.96 2.04
C ILE A 19 -2.14 -2.80 1.45
N ALA A 20 -3.13 -3.38 2.11
CA ALA A 20 -4.49 -3.27 1.62
C ALA A 20 -5.01 -1.86 1.81
N THR A 21 -4.48 -1.17 2.82
CA THR A 21 -4.91 0.19 3.10
C THR A 21 -4.41 1.14 2.01
N LEU A 22 -3.16 0.96 1.59
CA LEU A 22 -2.61 1.82 0.54
C LEU A 22 -3.26 1.49 -0.79
N ARG A 23 -3.26 0.21 -1.13
CA ARG A 23 -3.86 -0.26 -2.37
C ARG A 23 -5.34 0.11 -2.39
N GLU A 24 -5.93 0.17 -1.20
CA GLU A 24 -7.34 0.54 -1.10
C GLU A 24 -7.50 2.04 -1.26
N ALA A 25 -6.51 2.77 -0.76
CA ALA A 25 -6.53 4.23 -0.84
C ALA A 25 -6.66 4.68 -2.29
N ILE A 26 -6.00 3.96 -3.20
CA ILE A 26 -6.06 4.31 -4.60
C ILE A 26 -7.34 3.78 -5.22
N ASP A 27 -7.79 2.66 -4.70
CA ASP A 27 -9.00 2.02 -5.21
C ASP A 27 -10.27 2.50 -4.50
N LEU A 28 -10.20 3.64 -3.81
CA LEU A 28 -11.39 4.14 -3.12
C LEU A 28 -12.50 4.48 -4.13
N PRO A 29 -13.74 4.14 -3.84
CA PRO A 29 -14.88 4.41 -4.77
C PRO A 29 -15.12 5.91 -4.96
N GLN A 30 -15.81 6.26 -6.04
CA GLN A 30 -16.11 7.66 -6.32
C GLN A 30 -16.82 8.30 -5.14
N ASP A 31 -17.10 7.50 -4.11
CA ASP A 31 -17.78 8.00 -2.93
C ASP A 31 -16.78 8.57 -1.95
N ALA A 32 -15.49 8.31 -2.20
CA ALA A 32 -14.44 8.82 -1.34
C ALA A 32 -13.33 9.47 -2.18
N PRO A 33 -13.68 10.46 -2.96
CA PRO A 33 -12.69 11.17 -3.82
C PRO A 33 -11.41 11.46 -3.06
N ASN A 34 -11.47 11.28 -1.75
CA ASN A 34 -10.31 11.51 -0.90
C ASN A 34 -9.27 10.41 -1.08
N ARG A 35 -9.21 9.85 -2.28
CA ARG A 35 -8.22 8.80 -2.55
C ARG A 35 -6.84 9.30 -2.15
N GLN A 36 -6.58 10.57 -2.43
CA GLN A 36 -5.31 11.18 -2.08
C GLN A 36 -5.26 11.51 -0.59
N GLU A 37 -6.40 11.96 -0.06
CA GLU A 37 -6.48 12.31 1.36
C GLU A 37 -6.40 11.05 2.21
N VAL A 38 -7.31 10.11 1.98
CA VAL A 38 -7.30 8.86 2.72
C VAL A 38 -5.91 8.25 2.63
N GLN A 39 -5.32 8.37 1.44
CA GLN A 39 -3.98 7.86 1.21
C GLN A 39 -3.00 8.56 2.13
N ASP A 40 -3.25 9.85 2.39
CA ASP A 40 -2.38 10.62 3.27
C ASP A 40 -2.31 9.93 4.63
N THR A 41 -3.47 9.60 5.18
CA THR A 41 -3.53 8.92 6.46
C THR A 41 -2.74 7.63 6.36
N ALA A 42 -2.87 6.94 5.23
CA ALA A 42 -2.14 5.71 5.00
C ALA A 42 -0.64 6.00 5.06
N ARG A 43 -0.25 7.15 4.52
CA ARG A 43 1.15 7.54 4.54
C ARG A 43 1.69 7.50 5.96
N GLY A 44 0.90 8.02 6.89
CA GLY A 44 1.29 8.01 8.28
C GLY A 44 1.50 6.59 8.75
N GLN A 45 0.58 5.71 8.36
CA GLN A 45 0.69 4.30 8.73
C GLN A 45 1.98 3.70 8.19
N ILE A 46 2.40 4.18 7.03
CA ILE A 46 3.64 3.70 6.42
C ILE A 46 4.84 4.16 7.22
N ASN A 47 4.82 5.41 7.66
CA ASN A 47 5.93 5.94 8.44
C ASN A 47 6.19 5.08 9.66
N ASP A 48 5.13 4.75 10.39
CA ASP A 48 5.27 3.93 11.58
C ASP A 48 5.58 2.48 11.20
N TYR A 49 4.80 1.94 10.27
CA TYR A 49 4.98 0.57 9.84
C TYR A 49 6.42 0.32 9.37
N ILE A 50 6.87 1.10 8.39
CA ILE A 50 8.22 0.95 7.87
C ILE A 50 9.26 1.51 8.83
N SER A 51 8.88 2.53 9.61
CA SER A 51 9.82 3.15 10.53
C SER A 51 9.46 2.89 12.00
N ARG A 52 9.04 1.67 12.32
CA ARG A 52 8.70 1.35 13.70
C ARG A 52 8.06 -0.03 13.81
N TYR A 53 7.10 -0.31 12.93
CA TYR A 53 6.42 -1.59 12.95
C TYR A 53 6.62 -2.34 11.64
N ARG A 54 7.84 -2.80 11.42
CA ARG A 54 8.17 -3.52 10.19
C ARG A 54 8.62 -4.94 10.50
N ARG A 55 9.05 -5.15 11.74
CA ARG A 55 9.51 -6.47 12.17
C ARG A 55 8.71 -7.58 11.49
N LYS A 56 9.33 -8.25 10.52
CA LYS A 56 8.66 -9.32 9.80
C LYS A 56 9.61 -10.49 9.59
N GLY A 57 10.63 -10.28 8.76
CA GLY A 57 11.60 -11.33 8.48
C GLY A 57 12.67 -10.84 7.52
N ASP A 58 12.96 -9.54 7.56
CA ASP A 58 13.97 -8.96 6.70
C ASP A 58 15.14 -9.92 6.51
N ALA A 59 15.32 -10.41 5.29
CA ALA A 59 16.40 -11.34 4.99
C ALA A 59 17.09 -10.97 3.69
N GLY A 60 16.40 -10.18 2.86
CA GLY A 60 16.96 -9.77 1.58
C GLY A 60 15.86 -9.68 0.51
N GLY A 61 14.61 -9.71 0.96
CA GLY A 61 13.49 -9.63 0.03
C GLY A 61 12.87 -11.01 -0.19
N LEU A 62 11.65 -11.19 0.28
CA LEU A 62 10.95 -12.46 0.14
C LEU A 62 9.80 -12.32 -0.86
N LYS A 63 9.94 -11.40 -1.80
CA LYS A 63 8.91 -11.18 -2.80
C LYS A 63 7.77 -10.34 -2.22
N SER A 64 7.56 -10.49 -0.92
CA SER A 64 6.50 -9.75 -0.24
C SER A 64 6.93 -8.31 0.00
N PHE A 65 8.10 -8.14 0.61
CA PHE A 65 8.62 -6.80 0.89
C PHE A 65 8.96 -6.08 -0.41
N THR A 66 9.48 -6.82 -1.38
CA THR A 66 9.85 -6.25 -2.67
C THR A 66 8.68 -5.49 -3.28
N THR A 67 7.54 -6.15 -3.40
CA THR A 67 6.36 -5.51 -3.97
C THR A 67 5.95 -4.31 -3.12
N MET A 68 6.04 -4.45 -1.81
CA MET A 68 5.68 -3.36 -0.92
C MET A 68 6.38 -2.08 -1.37
N GLN A 69 7.63 -2.24 -1.80
CA GLN A 69 8.40 -1.10 -2.27
C GLN A 69 7.97 -0.72 -3.69
N THR A 70 7.50 -1.72 -4.44
CA THR A 70 7.04 -1.48 -5.80
C THR A 70 5.78 -0.64 -5.80
N ALA A 71 4.80 -1.03 -4.99
CA ALA A 71 3.56 -0.28 -4.91
C ALA A 71 3.80 1.06 -4.22
N LEU A 72 4.72 1.08 -3.27
CA LEU A 72 5.04 2.31 -2.56
C LEU A 72 5.39 3.40 -3.57
N ASN A 73 6.28 3.06 -4.49
CA ASN A 73 6.69 4.00 -5.53
C ASN A 73 5.52 4.29 -6.46
N SER A 74 4.69 3.27 -6.71
CA SER A 74 3.54 3.43 -7.58
C SER A 74 2.61 4.50 -7.03
N LEU A 75 2.14 4.32 -5.80
CA LEU A 75 1.25 5.28 -5.18
C LEU A 75 1.84 6.68 -5.31
N ALA A 76 3.07 6.82 -4.83
CA ALA A 76 3.77 8.09 -4.87
C ALA A 76 3.63 8.73 -6.25
N GLY A 77 3.71 7.91 -7.30
CA GLY A 77 3.58 8.40 -8.66
C GLY A 77 2.19 8.97 -8.89
N TYR A 78 1.19 8.31 -8.31
CA TYR A 78 -0.19 8.75 -8.46
C TYR A 78 -0.46 10.01 -7.62
N TYR A 79 0.45 10.28 -6.68
CA TYR A 79 0.30 11.44 -5.81
C TYR A 79 1.12 12.61 -6.33
N THR A 80 1.88 12.36 -7.40
CA THR A 80 2.71 13.42 -7.99
C THR A 80 2.23 13.76 -9.39
N SER A 81 2.01 15.04 -9.64
CA SER A 81 1.54 15.49 -10.95
C SER A 81 0.27 14.76 -11.35
N TYR A 82 -0.36 14.10 -10.38
CA TYR A 82 -1.60 13.36 -10.65
C TYR A 82 -2.64 13.67 -9.59
N GLY A 83 -2.56 12.98 -8.46
CA GLY A 83 -3.51 13.19 -7.37
C GLY A 83 -4.94 12.92 -7.84
N ALA A 84 -5.80 13.93 -7.72
CA ALA A 84 -7.19 13.79 -8.13
C ALA A 84 -7.28 13.72 -9.66
N ARG A 85 -6.35 13.00 -10.26
CA ARG A 85 -6.33 12.86 -11.72
C ARG A 85 -6.49 11.39 -12.10
N PRO A 86 -7.02 11.11 -13.27
CA PRO A 86 -7.21 9.72 -13.74
C PRO A 86 -6.03 8.81 -13.38
N ILE A 87 -6.24 7.51 -13.46
CA ILE A 87 -5.19 6.55 -13.13
C ILE A 87 -4.67 5.84 -14.38
N PRO A 88 -3.58 6.30 -14.96
CA PRO A 88 -3.00 5.68 -16.18
C PRO A 88 -2.79 4.18 -15.99
N GLU A 89 -3.02 3.42 -17.06
CA GLU A 89 -2.86 1.97 -17.01
C GLU A 89 -1.59 1.62 -16.25
N LYS A 90 -0.72 2.60 -16.06
CA LYS A 90 0.53 2.36 -15.35
C LYS A 90 0.26 2.19 -13.86
N LEU A 91 -0.28 3.24 -13.24
CA LEU A 91 -0.59 3.19 -11.83
C LEU A 91 -1.79 2.29 -11.62
N LYS A 92 -2.70 2.32 -12.57
CA LYS A 92 -3.89 1.49 -12.50
C LYS A 92 -3.49 0.03 -12.56
N LYS A 93 -2.78 -0.36 -13.60
CA LYS A 93 -2.35 -1.75 -13.75
C LYS A 93 -1.28 -2.11 -12.74
N ARG A 94 -0.49 -1.13 -12.33
CA ARG A 94 0.54 -1.41 -11.34
C ARG A 94 -0.08 -1.62 -9.98
N LEU A 95 -0.89 -0.68 -9.53
CA LEU A 95 -1.55 -0.82 -8.23
C LEU A 95 -2.68 -1.84 -8.31
N GLN A 96 -3.26 -2.03 -9.49
CA GLN A 96 -4.34 -3.01 -9.64
C GLN A 96 -3.76 -4.40 -9.73
N LEU A 97 -2.66 -4.53 -10.46
CA LEU A 97 -2.00 -5.82 -10.60
C LEU A 97 -1.28 -6.12 -9.29
N GLU A 98 -0.75 -5.08 -8.68
CA GLU A 98 -0.07 -5.23 -7.40
C GLU A 98 -1.11 -5.44 -6.30
N PHE A 99 -2.26 -4.78 -6.45
CA PHE A 99 -3.34 -4.91 -5.47
C PHE A 99 -4.00 -6.27 -5.62
N THR A 100 -4.17 -6.70 -6.85
CA THR A 100 -4.78 -7.99 -7.10
C THR A 100 -3.77 -9.07 -6.80
N GLN A 101 -2.52 -8.81 -7.16
CA GLN A 101 -1.46 -9.76 -6.89
C GLN A 101 -1.19 -9.79 -5.39
N ALA A 102 -1.20 -8.62 -4.77
CA ALA A 102 -0.98 -8.50 -3.33
C ALA A 102 -2.16 -9.09 -2.57
N GLU A 103 -3.35 -8.69 -2.97
CA GLU A 103 -4.56 -9.15 -2.31
C GLU A 103 -4.83 -10.62 -2.62
N ARG A 104 -4.82 -10.96 -3.90
CA ARG A 104 -5.08 -12.34 -4.32
C ARG A 104 -3.97 -13.28 -3.87
N SER A 105 -2.72 -12.96 -4.19
CA SER A 105 -1.61 -13.83 -3.80
C SER A 105 -1.58 -14.02 -2.29
N ILE A 106 -1.58 -12.92 -1.54
CA ILE A 106 -1.56 -13.05 -0.08
C ILE A 106 -2.79 -13.82 0.40
N GLU A 107 -3.94 -13.49 -0.17
CA GLU A 107 -5.18 -14.16 0.20
C GLU A 107 -5.18 -15.61 -0.28
N ARG A 108 -4.17 -15.97 -1.06
CA ARG A 108 -4.05 -17.32 -1.58
C ARG A 108 -5.35 -17.73 -2.28
N GLY A 109 -5.97 -16.78 -2.96
CA GLY A 109 -7.21 -17.05 -3.68
C GLY A 109 -6.94 -17.76 -5.00
N VAL A 110 -5.79 -18.44 -5.07
CA VAL A 110 -5.42 -19.16 -6.29
C VAL A 110 -5.77 -20.64 -6.16
N CYS A 1 0.38 12.56 14.69
CA CYS A 1 0.31 11.08 14.69
C CYS A 1 0.49 10.56 13.26
N ASP A 2 0.23 11.44 12.29
CA ASP A 2 0.37 11.06 10.89
C ASP A 2 1.72 10.40 10.64
N SER A 3 2.69 10.72 11.48
CA SER A 3 4.03 10.13 11.34
C SER A 3 4.33 9.22 12.52
N GLY A 4 5.08 8.15 12.27
CA GLY A 4 5.43 7.21 13.33
C GLY A 4 4.22 6.39 13.75
N THR A 5 4.46 5.22 14.31
CA THR A 5 3.36 4.36 14.75
C THR A 5 3.91 3.16 15.53
N GLY A 6 3.29 2.00 15.29
CA GLY A 6 3.71 0.77 15.95
C GLY A 6 3.62 -0.41 14.99
N LEU A 7 2.49 -0.49 14.28
CA LEU A 7 2.28 -1.57 13.32
C LEU A 7 2.41 -2.93 14.01
N THR A 8 2.65 -2.90 15.32
CA THR A 8 2.78 -4.13 16.09
C THR A 8 3.76 -5.09 15.43
N GLY A 9 4.70 -4.54 14.66
CA GLY A 9 5.68 -5.36 13.98
C GLY A 9 5.00 -6.55 13.32
N ASN A 10 3.68 -6.50 13.24
CA ASN A 10 2.92 -7.58 12.62
C ASN A 10 3.33 -7.77 11.16
N TYR A 11 3.04 -8.95 10.62
CA TYR A 11 3.38 -9.25 9.24
C TYR A 11 2.11 -9.50 8.41
N SER A 12 1.50 -10.66 8.61
CA SER A 12 0.29 -11.01 7.88
C SER A 12 -0.86 -10.07 8.24
N GLN A 13 -1.22 -10.05 9.52
CA GLN A 13 -2.30 -9.19 9.98
C GLN A 13 -2.08 -7.74 9.55
N ASP A 14 -0.83 -7.29 9.66
CA ASP A 14 -0.49 -5.92 9.29
C ASP A 14 -0.64 -5.69 7.79
N THR A 15 -0.19 -6.67 7.00
CA THR A 15 -0.28 -6.54 5.54
C THR A 15 -1.70 -6.15 5.15
N LEU A 16 -2.69 -6.84 5.69
CA LEU A 16 -4.08 -6.54 5.37
C LEU A 16 -4.44 -5.13 5.82
N THR A 17 -3.96 -4.76 7.01
CA THR A 17 -4.25 -3.43 7.54
C THR A 17 -3.75 -2.36 6.57
N VAL A 18 -2.50 -2.53 6.13
CA VAL A 18 -1.91 -1.58 5.19
C VAL A 18 -2.53 -1.72 3.80
N ILE A 19 -2.57 -2.95 3.31
CA ILE A 19 -3.13 -3.22 1.98
C ILE A 19 -4.54 -2.69 1.86
N ALA A 20 -5.30 -2.81 2.93
CA ALA A 20 -6.68 -2.35 2.88
C ALA A 20 -6.75 -0.89 2.47
N THR A 21 -5.83 -0.09 2.98
CA THR A 21 -5.81 1.33 2.63
C THR A 21 -5.28 1.52 1.21
N LEU A 22 -4.40 0.62 0.78
CA LEU A 22 -3.83 0.72 -0.56
C LEU A 22 -4.88 0.38 -1.62
N ARG A 23 -5.55 -0.76 -1.44
CA ARG A 23 -6.57 -1.17 -2.40
C ARG A 23 -7.68 -0.13 -2.43
N GLU A 24 -7.88 0.55 -1.31
CA GLU A 24 -8.90 1.59 -1.23
C GLU A 24 -8.42 2.86 -1.92
N ALA A 25 -7.13 3.12 -1.81
CA ALA A 25 -6.55 4.32 -2.40
C ALA A 25 -6.62 4.29 -3.93
N ILE A 26 -6.55 3.11 -4.51
CA ILE A 26 -6.58 2.99 -5.97
C ILE A 26 -8.00 3.16 -6.51
N ASP A 27 -8.99 2.71 -5.74
CA ASP A 27 -10.36 2.83 -6.19
C ASP A 27 -11.36 2.61 -5.07
N LEU A 28 -11.13 3.24 -3.93
CA LEU A 28 -12.04 3.08 -2.80
C LEU A 28 -13.49 3.21 -3.27
N PRO A 29 -14.41 2.60 -2.57
CA PRO A 29 -15.86 2.66 -2.93
C PRO A 29 -16.36 4.10 -3.01
N GLN A 30 -17.47 4.31 -3.71
CA GLN A 30 -18.03 5.64 -3.86
C GLN A 30 -18.37 6.24 -2.50
N ASP A 31 -18.05 5.52 -1.43
CA ASP A 31 -18.33 6.00 -0.09
C ASP A 31 -17.19 6.85 0.43
N ALA A 32 -16.19 7.09 -0.43
CA ALA A 32 -15.04 7.89 -0.05
C ALA A 32 -14.67 8.84 -1.19
N PRO A 33 -15.46 9.87 -1.42
CA PRO A 33 -15.18 10.84 -2.51
C PRO A 33 -13.91 11.65 -2.26
N ASN A 34 -12.92 10.99 -1.66
CA ASN A 34 -11.65 11.64 -1.37
C ASN A 34 -10.50 10.65 -1.52
N ARG A 35 -10.35 10.12 -2.73
CA ARG A 35 -9.30 9.16 -3.02
C ARG A 35 -7.94 9.72 -2.60
N GLN A 36 -7.84 11.04 -2.54
CA GLN A 36 -6.58 11.69 -2.16
C GLN A 36 -6.36 11.62 -0.64
N GLU A 37 -7.41 11.88 0.12
CA GLU A 37 -7.31 11.85 1.58
C GLU A 37 -7.05 10.44 2.10
N VAL A 38 -7.90 9.50 1.72
CA VAL A 38 -7.73 8.13 2.17
C VAL A 38 -6.29 7.67 1.95
N GLN A 39 -5.70 8.13 0.86
CA GLN A 39 -4.32 7.76 0.55
C GLN A 39 -3.38 8.28 1.63
N ASP A 40 -3.77 9.40 2.25
CA ASP A 40 -2.95 9.98 3.31
C ASP A 40 -2.88 9.05 4.50
N THR A 41 -3.98 8.36 4.78
CA THR A 41 -4.03 7.43 5.90
C THR A 41 -3.02 6.30 5.69
N ALA A 42 -2.87 5.86 4.45
CA ALA A 42 -1.93 4.80 4.13
C ALA A 42 -0.50 5.27 4.41
N ARG A 43 -0.25 6.55 4.15
CA ARG A 43 1.07 7.12 4.37
C ARG A 43 1.48 6.96 5.83
N GLY A 44 0.51 7.07 6.72
CA GLY A 44 0.78 6.93 8.15
C GLY A 44 1.41 5.58 8.46
N GLN A 45 0.78 4.52 7.96
CA GLN A 45 1.30 3.17 8.18
C GLN A 45 2.69 3.02 7.57
N ILE A 46 2.87 3.56 6.37
CA ILE A 46 4.15 3.47 5.69
C ILE A 46 5.22 4.24 6.47
N ASN A 47 4.84 5.39 7.03
CA ASN A 47 5.78 6.17 7.80
C ASN A 47 6.42 5.30 8.87
N ASP A 48 5.58 4.59 9.61
CA ASP A 48 6.07 3.70 10.64
C ASP A 48 6.71 2.46 10.01
N TYR A 49 6.01 1.87 9.04
CA TYR A 49 6.54 0.69 8.37
C TYR A 49 7.97 0.95 7.93
N ILE A 50 8.17 2.01 7.16
CA ILE A 50 9.50 2.38 6.68
C ILE A 50 10.33 3.01 7.79
N SER A 51 9.66 3.65 8.76
CA SER A 51 10.38 4.34 9.84
C SER A 51 10.03 3.80 11.23
N ARG A 52 9.91 2.48 11.36
CA ARG A 52 9.62 1.87 12.67
C ARG A 52 9.43 0.37 12.55
N TYR A 53 8.66 -0.05 11.56
CA TYR A 53 8.41 -1.48 11.36
C TYR A 53 8.85 -1.88 9.95
N ARG A 54 10.16 -1.98 9.76
CA ARG A 54 10.72 -2.36 8.47
C ARG A 54 11.64 -3.56 8.62
N ARG A 55 11.06 -4.71 8.99
CA ARG A 55 11.83 -5.93 9.16
C ARG A 55 11.03 -7.14 8.74
N LYS A 56 9.81 -7.25 9.24
CA LYS A 56 8.94 -8.38 8.90
C LYS A 56 9.51 -9.67 9.47
N GLY A 57 10.42 -9.54 10.43
CA GLY A 57 11.02 -10.71 11.05
C GLY A 57 11.89 -11.47 10.05
N ASP A 58 11.85 -11.05 8.79
CA ASP A 58 12.63 -11.69 7.74
C ASP A 58 12.31 -13.18 7.68
N ALA A 59 11.24 -13.52 6.98
CA ALA A 59 10.83 -14.92 6.86
C ALA A 59 11.02 -15.40 5.42
N GLY A 60 12.16 -15.04 4.83
CA GLY A 60 12.46 -15.45 3.46
C GLY A 60 12.13 -14.34 2.47
N GLY A 61 11.28 -13.41 2.91
CA GLY A 61 10.89 -12.29 2.06
C GLY A 61 10.27 -12.78 0.76
N LEU A 62 9.04 -12.36 0.50
CA LEU A 62 8.34 -12.77 -0.72
C LEU A 62 8.01 -11.55 -1.58
N LYS A 63 7.82 -11.78 -2.88
CA LYS A 63 7.51 -10.70 -3.79
C LYS A 63 6.45 -9.77 -3.19
N SER A 64 5.70 -10.28 -2.23
CA SER A 64 4.65 -9.50 -1.58
C SER A 64 5.26 -8.29 -0.86
N PHE A 65 6.24 -8.56 0.00
CA PHE A 65 6.89 -7.49 0.75
C PHE A 65 7.59 -6.52 -0.19
N THR A 66 8.22 -7.06 -1.22
CA THR A 66 8.93 -6.21 -2.19
C THR A 66 7.96 -5.24 -2.85
N THR A 67 6.72 -5.66 -3.01
CA THR A 67 5.71 -4.81 -3.63
C THR A 67 5.40 -3.61 -2.74
N MET A 68 5.38 -3.84 -1.44
CA MET A 68 5.10 -2.77 -0.50
C MET A 68 5.99 -1.57 -0.79
N GLN A 69 7.26 -1.83 -1.05
CA GLN A 69 8.20 -0.76 -1.37
C GLN A 69 8.06 -0.31 -2.82
N THR A 70 7.62 -1.24 -3.67
CA THR A 70 7.44 -0.92 -5.08
C THR A 70 6.22 -0.02 -5.26
N ALA A 71 5.11 -0.40 -4.66
CA ALA A 71 3.88 0.39 -4.76
C ALA A 71 4.05 1.71 -4.01
N LEU A 72 4.80 1.67 -2.92
CA LEU A 72 5.03 2.87 -2.12
C LEU A 72 5.59 3.99 -3.00
N ASN A 73 6.64 3.68 -3.74
CA ASN A 73 7.26 4.67 -4.62
C ASN A 73 6.30 5.14 -5.71
N SER A 74 5.61 4.19 -6.34
CA SER A 74 4.68 4.51 -7.42
C SER A 74 3.44 5.22 -6.86
N LEU A 75 2.77 4.58 -5.91
CA LEU A 75 1.57 5.15 -5.31
C LEU A 75 1.88 6.53 -4.73
N ALA A 76 3.15 6.77 -4.45
CA ALA A 76 3.57 8.06 -3.90
C ALA A 76 3.38 9.17 -4.93
N GLY A 77 3.64 8.84 -6.20
CA GLY A 77 3.50 9.81 -7.27
C GLY A 77 2.06 10.30 -7.39
N TYR A 78 1.12 9.36 -7.39
CA TYR A 78 -0.29 9.72 -7.49
C TYR A 78 -0.67 10.73 -6.41
N TYR A 79 -0.23 10.48 -5.18
CA TYR A 79 -0.53 11.37 -4.08
C TYR A 79 -0.13 12.80 -4.43
N THR A 80 0.86 12.94 -5.31
CA THR A 80 1.33 14.26 -5.72
C THR A 80 0.78 14.61 -7.10
N SER A 81 1.33 15.67 -7.70
CA SER A 81 0.87 16.09 -9.02
C SER A 81 -0.57 16.60 -8.96
N TYR A 82 -1.34 16.26 -9.99
CA TYR A 82 -2.74 16.68 -10.05
C TYR A 82 -3.56 15.95 -8.99
N GLY A 83 -3.44 14.63 -8.96
CA GLY A 83 -4.17 13.83 -7.99
C GLY A 83 -5.50 13.35 -8.58
N ALA A 84 -5.64 13.49 -9.89
CA ALA A 84 -6.86 13.07 -10.57
C ALA A 84 -6.63 12.92 -12.06
N ARG A 85 -5.91 11.88 -12.45
CA ARG A 85 -5.63 11.63 -13.86
C ARG A 85 -5.39 10.15 -14.10
N PRO A 86 -5.57 9.71 -15.33
CA PRO A 86 -5.35 8.28 -15.70
C PRO A 86 -4.13 7.67 -15.02
N ILE A 87 -4.38 6.79 -14.06
CA ILE A 87 -3.30 6.14 -13.32
C ILE A 87 -2.29 5.52 -14.30
N PRO A 88 -1.09 6.06 -14.41
CA PRO A 88 -0.06 5.52 -15.33
C PRO A 88 0.11 4.01 -15.19
N GLU A 89 0.72 3.39 -16.19
CA GLU A 89 0.95 1.94 -16.17
C GLU A 89 1.76 1.55 -14.94
N LYS A 90 2.64 2.44 -14.50
CA LYS A 90 3.48 2.17 -13.34
C LYS A 90 2.61 2.03 -12.10
N LEU A 91 1.83 3.07 -11.80
CA LEU A 91 0.95 3.06 -10.65
C LEU A 91 -0.13 2.04 -10.88
N LYS A 92 -0.69 2.06 -12.07
CA LYS A 92 -1.73 1.11 -12.40
C LYS A 92 -1.18 -0.30 -12.25
N LYS A 93 -0.11 -0.59 -12.99
CA LYS A 93 0.51 -1.92 -12.90
C LYS A 93 0.98 -2.21 -11.49
N ARG A 94 1.58 -1.22 -10.86
CA ARG A 94 2.07 -1.40 -9.50
C ARG A 94 0.90 -1.61 -8.55
N LEU A 95 -0.02 -0.65 -8.53
CA LEU A 95 -1.19 -0.75 -7.67
C LEU A 95 -2.05 -1.93 -8.10
N GLN A 96 -2.08 -2.19 -9.41
CA GLN A 96 -2.85 -3.32 -9.94
C GLN A 96 -2.15 -4.62 -9.59
N LEU A 97 -0.89 -4.70 -9.98
CA LEU A 97 -0.08 -5.88 -9.69
C LEU A 97 0.03 -6.04 -8.18
N GLU A 98 0.12 -4.91 -7.49
CA GLU A 98 0.20 -4.94 -6.04
C GLU A 98 -1.18 -5.29 -5.50
N PHE A 99 -2.20 -4.67 -6.07
CA PHE A 99 -3.58 -4.96 -5.67
C PHE A 99 -3.90 -6.39 -5.97
N THR A 100 -3.40 -6.88 -7.09
CA THR A 100 -3.64 -8.27 -7.45
C THR A 100 -2.72 -9.15 -6.63
N GLN A 101 -1.46 -8.75 -6.52
CA GLN A 101 -0.52 -9.53 -5.71
C GLN A 101 -0.97 -9.45 -4.26
N ALA A 102 -1.64 -8.34 -3.93
CA ALA A 102 -2.14 -8.13 -2.58
C ALA A 102 -3.51 -8.77 -2.42
N GLU A 103 -4.42 -8.38 -3.31
CA GLU A 103 -5.78 -8.89 -3.27
C GLU A 103 -5.86 -10.31 -3.83
N ARG A 104 -5.32 -10.50 -5.03
CA ARG A 104 -5.39 -11.82 -5.67
C ARG A 104 -4.62 -12.89 -4.88
N SER A 105 -3.52 -12.49 -4.24
CA SER A 105 -2.73 -13.46 -3.47
C SER A 105 -3.27 -13.66 -2.06
N ILE A 106 -3.50 -12.56 -1.34
CA ILE A 106 -3.99 -12.65 0.02
C ILE A 106 -5.39 -13.26 0.06
N GLU A 107 -6.25 -12.82 -0.85
CA GLU A 107 -7.61 -13.33 -0.91
C GLU A 107 -7.64 -14.79 -1.31
N ARG A 108 -6.68 -15.18 -2.15
CA ARG A 108 -6.60 -16.56 -2.62
C ARG A 108 -5.21 -17.13 -2.38
N GLY A 109 -4.34 -17.00 -3.36
CA GLY A 109 -2.98 -17.51 -3.25
C GLY A 109 -2.43 -17.93 -4.60
N VAL A 110 -2.26 -16.97 -5.50
CA VAL A 110 -1.74 -17.25 -6.83
C VAL A 110 -2.34 -18.53 -7.38
N CYS A 1 13.23 7.67 9.44
CA CYS A 1 13.46 9.06 9.89
C CYS A 1 12.14 9.82 9.95
N ASP A 2 11.05 9.09 9.77
CA ASP A 2 9.72 9.69 9.81
C ASP A 2 8.80 8.93 10.76
N SER A 3 8.40 7.73 10.36
CA SER A 3 7.53 6.90 11.18
C SER A 3 6.31 7.70 11.63
N GLY A 4 5.15 7.41 11.03
CA GLY A 4 3.93 8.11 11.38
C GLY A 4 2.84 7.14 11.82
N THR A 5 3.15 6.32 12.82
CA THR A 5 2.18 5.35 13.32
C THR A 5 2.73 4.59 14.51
N GLY A 6 1.91 3.72 15.08
CA GLY A 6 2.31 2.92 16.21
C GLY A 6 2.49 1.47 15.77
N LEU A 7 1.59 1.02 14.90
CA LEU A 7 1.65 -0.33 14.38
C LEU A 7 2.08 -1.33 15.46
N THR A 8 2.45 -2.53 15.03
CA THR A 8 2.88 -3.57 15.97
C THR A 8 3.50 -4.75 15.23
N GLY A 9 3.90 -4.52 13.98
CA GLY A 9 4.51 -5.57 13.15
C GLY A 9 4.09 -6.96 13.60
N ASN A 10 2.78 -7.21 13.60
CA ASN A 10 2.26 -8.51 14.01
C ASN A 10 2.71 -9.60 13.04
N TYR A 11 1.97 -9.75 11.95
CA TYR A 11 2.29 -10.75 10.95
C TYR A 11 1.47 -10.55 9.68
N SER A 12 1.02 -11.65 9.09
CA SER A 12 0.21 -11.58 7.88
C SER A 12 -0.98 -10.65 8.10
N GLN A 13 -1.57 -10.74 9.28
CA GLN A 13 -2.71 -9.91 9.63
C GLN A 13 -2.37 -8.43 9.45
N ASP A 14 -1.17 -8.05 9.90
CA ASP A 14 -0.73 -6.67 9.79
C ASP A 14 -0.39 -6.34 8.34
N THR A 15 0.05 -7.35 7.60
CA THR A 15 0.42 -7.14 6.20
C THR A 15 -0.82 -6.85 5.37
N LEU A 16 -1.86 -7.66 5.54
CA LEU A 16 -3.10 -7.48 4.80
C LEU A 16 -3.88 -6.27 5.32
N THR A 17 -3.78 -6.01 6.61
CA THR A 17 -4.48 -4.88 7.21
C THR A 17 -4.09 -3.58 6.51
N VAL A 18 -2.78 -3.34 6.41
CA VAL A 18 -2.29 -2.12 5.76
C VAL A 18 -2.55 -2.19 4.26
N ILE A 19 -2.42 -3.37 3.68
CA ILE A 19 -2.66 -3.54 2.25
C ILE A 19 -4.12 -3.30 1.93
N ALA A 20 -4.98 -3.64 2.87
CA ALA A 20 -6.40 -3.46 2.65
C ALA A 20 -6.71 -1.99 2.39
N THR A 21 -5.92 -1.11 3.02
CA THR A 21 -6.10 0.31 2.83
C THR A 21 -5.65 0.71 1.43
N LEU A 22 -4.73 -0.06 0.87
CA LEU A 22 -4.24 0.21 -0.48
C LEU A 22 -5.30 -0.15 -1.52
N ARG A 23 -5.84 -1.36 -1.40
CA ARG A 23 -6.88 -1.79 -2.33
C ARG A 23 -8.02 -0.79 -2.30
N GLU A 24 -8.21 -0.17 -1.15
CA GLU A 24 -9.27 0.81 -0.98
C GLU A 24 -8.88 2.13 -1.64
N ALA A 25 -7.73 2.63 -1.26
CA ALA A 25 -7.22 3.89 -1.77
C ALA A 25 -7.29 3.96 -3.29
N ILE A 26 -7.05 2.85 -3.96
CA ILE A 26 -7.09 2.82 -5.42
C ILE A 26 -8.53 2.82 -5.92
N ASP A 27 -9.44 2.24 -5.12
CA ASP A 27 -10.84 2.18 -5.53
C ASP A 27 -11.80 2.61 -4.41
N LEU A 28 -11.57 3.77 -3.80
CA LEU A 28 -12.48 4.24 -2.76
C LEU A 28 -13.87 4.48 -3.34
N PRO A 29 -14.91 4.24 -2.58
CA PRO A 29 -16.31 4.45 -3.06
C PRO A 29 -16.59 5.92 -3.39
N GLN A 30 -17.63 6.15 -4.20
CA GLN A 30 -17.98 7.50 -4.59
C GLN A 30 -18.31 8.34 -3.35
N ASP A 31 -18.20 7.72 -2.17
CA ASP A 31 -18.48 8.42 -0.94
C ASP A 31 -17.22 9.13 -0.43
N ALA A 32 -16.08 8.77 -1.01
CA ALA A 32 -14.81 9.37 -0.62
C ALA A 32 -13.96 9.67 -1.85
N PRO A 33 -14.35 10.63 -2.63
CA PRO A 33 -13.62 11.03 -3.86
C PRO A 33 -12.22 11.57 -3.55
N ASN A 34 -11.64 11.08 -2.46
CA ASN A 34 -10.31 11.50 -2.06
C ASN A 34 -9.32 10.34 -2.10
N ARG A 35 -9.34 9.61 -3.21
CA ARG A 35 -8.44 8.46 -3.37
C ARG A 35 -7.00 8.89 -3.11
N GLN A 36 -6.66 10.10 -3.51
CA GLN A 36 -5.31 10.62 -3.32
C GLN A 36 -5.09 11.06 -1.88
N GLU A 37 -6.13 11.61 -1.26
CA GLU A 37 -6.02 12.08 0.12
C GLU A 37 -6.09 10.93 1.11
N VAL A 38 -7.14 10.11 1.01
CA VAL A 38 -7.27 8.99 1.92
C VAL A 38 -6.02 8.13 1.83
N GLN A 39 -5.49 8.01 0.62
CA GLN A 39 -4.28 7.23 0.40
C GLN A 39 -3.14 7.79 1.25
N ASP A 40 -3.14 9.10 1.47
CA ASP A 40 -2.10 9.72 2.27
C ASP A 40 -2.05 9.07 3.65
N THR A 41 -3.23 8.84 4.22
CA THR A 41 -3.31 8.22 5.54
C THR A 41 -2.70 6.82 5.50
N ALA A 42 -2.89 6.12 4.39
CA ALA A 42 -2.34 4.78 4.23
C ALA A 42 -0.81 4.83 4.26
N ARG A 43 -0.26 5.91 3.72
CA ARG A 43 1.20 6.08 3.68
C ARG A 43 1.75 6.18 5.09
N GLY A 44 0.96 6.77 5.99
CA GLY A 44 1.39 6.93 7.38
C GLY A 44 1.74 5.57 7.99
N GLN A 45 0.89 4.58 7.73
CA GLN A 45 1.13 3.23 8.24
C GLN A 45 2.43 2.67 7.68
N ILE A 46 2.62 2.82 6.38
CA ILE A 46 3.83 2.32 5.72
C ILE A 46 5.06 3.00 6.30
N ASN A 47 4.95 4.30 6.53
CA ASN A 47 6.08 5.04 7.10
C ASN A 47 6.53 4.36 8.39
N ASP A 48 5.56 4.02 9.22
CA ASP A 48 5.87 3.35 10.48
C ASP A 48 6.28 1.90 10.21
N TYR A 49 5.48 1.20 9.43
CA TYR A 49 5.77 -0.18 9.11
C TYR A 49 7.20 -0.31 8.60
N ILE A 50 7.52 0.46 7.57
CA ILE A 50 8.85 0.44 6.99
C ILE A 50 9.86 1.17 7.87
N SER A 51 9.39 2.13 8.66
CA SER A 51 10.30 2.89 9.53
C SER A 51 9.98 2.71 11.01
N ARG A 52 9.65 1.48 11.41
CA ARG A 52 9.37 1.22 12.81
C ARG A 52 8.85 -0.20 13.02
N TYR A 53 7.90 -0.63 12.18
CA TYR A 53 7.34 -1.97 12.33
C TYR A 53 7.35 -2.69 10.98
N ARG A 54 8.54 -3.02 10.50
CA ARG A 54 8.67 -3.71 9.22
C ARG A 54 8.55 -5.22 9.42
N ARG A 55 8.60 -5.66 10.66
CA ARG A 55 8.48 -7.08 10.96
C ARG A 55 7.40 -7.72 10.09
N LYS A 56 7.78 -8.76 9.35
CA LYS A 56 6.82 -9.44 8.48
C LYS A 56 7.03 -10.95 8.55
N GLY A 57 6.76 -11.62 7.42
CA GLY A 57 6.93 -13.07 7.36
C GLY A 57 8.40 -13.46 7.42
N ASP A 58 9.18 -12.93 6.49
CA ASP A 58 10.61 -13.23 6.43
C ASP A 58 10.83 -14.74 6.30
N ALA A 59 10.00 -15.38 5.49
CA ALA A 59 10.11 -16.82 5.28
C ALA A 59 11.34 -17.13 4.43
N GLY A 60 11.94 -16.10 3.86
CA GLY A 60 13.12 -16.26 3.02
C GLY A 60 12.74 -16.37 1.55
N GLY A 61 11.61 -15.76 1.19
CA GLY A 61 11.15 -15.78 -0.19
C GLY A 61 10.09 -14.72 -0.45
N LEU A 62 9.39 -14.33 0.62
CA LEU A 62 8.34 -13.32 0.51
C LEU A 62 8.70 -12.27 -0.54
N LYS A 63 7.80 -12.06 -1.49
CA LYS A 63 8.03 -11.08 -2.55
C LYS A 63 7.03 -9.93 -2.43
N SER A 64 5.88 -10.22 -1.84
CA SER A 64 4.84 -9.21 -1.67
C SER A 64 5.40 -7.96 -0.99
N PHE A 65 6.40 -8.16 -0.13
CA PHE A 65 7.01 -7.04 0.57
C PHE A 65 7.76 -6.13 -0.40
N THR A 66 8.45 -6.74 -1.35
CA THR A 66 9.20 -5.97 -2.33
C THR A 66 8.27 -5.06 -3.14
N THR A 67 7.03 -5.49 -3.32
CA THR A 67 6.05 -4.71 -4.05
C THR A 67 5.60 -3.51 -3.23
N MET A 68 5.43 -3.73 -1.93
CA MET A 68 5.01 -2.65 -1.04
C MET A 68 5.91 -1.44 -1.26
N GLN A 69 7.19 -1.71 -1.49
CA GLN A 69 8.15 -0.64 -1.74
C GLN A 69 8.00 -0.15 -3.16
N THR A 70 7.49 -1.01 -4.03
CA THR A 70 7.28 -0.65 -5.43
C THR A 70 6.08 0.29 -5.54
N ALA A 71 4.98 -0.09 -4.91
CA ALA A 71 3.77 0.74 -4.94
C ALA A 71 3.99 2.00 -4.12
N LEU A 72 4.76 1.88 -3.04
CA LEU A 72 5.03 3.03 -2.19
C LEU A 72 5.58 4.19 -3.02
N ASN A 73 6.58 3.91 -3.84
CA ASN A 73 7.19 4.93 -4.67
C ASN A 73 6.23 5.37 -5.78
N SER A 74 5.51 4.40 -6.35
CA SER A 74 4.56 4.71 -7.41
C SER A 74 3.37 5.50 -6.88
N LEU A 75 2.67 4.92 -5.91
CA LEU A 75 1.52 5.57 -5.32
C LEU A 75 1.92 6.91 -4.71
N ALA A 76 3.19 7.01 -4.31
CA ALA A 76 3.70 8.24 -3.72
C ALA A 76 3.69 9.36 -4.74
N GLY A 77 3.94 9.01 -5.99
CA GLY A 77 3.96 10.00 -7.07
C GLY A 77 2.55 10.49 -7.37
N TYR A 78 1.56 9.64 -7.09
CA TYR A 78 0.18 10.00 -7.34
C TYR A 78 -0.27 11.12 -6.39
N TYR A 79 0.40 11.20 -5.25
CA TYR A 79 0.09 12.23 -4.26
C TYR A 79 0.75 13.55 -4.64
N THR A 80 2.03 13.49 -4.99
CA THR A 80 2.77 14.68 -5.38
C THR A 80 2.15 15.33 -6.60
N SER A 81 1.39 14.54 -7.37
CA SER A 81 0.75 15.06 -8.57
C SER A 81 -0.77 14.98 -8.44
N TYR A 82 -1.42 16.14 -8.31
CA TYR A 82 -2.86 16.18 -8.18
C TYR A 82 -3.54 15.86 -9.52
N GLY A 83 -3.12 14.77 -10.14
CA GLY A 83 -3.68 14.37 -11.43
C GLY A 83 -5.02 13.67 -11.24
N ALA A 84 -6.10 14.43 -11.44
CA ALA A 84 -7.45 13.88 -11.29
C ALA A 84 -7.89 13.24 -12.60
N ARG A 85 -7.00 12.48 -13.23
CA ARG A 85 -7.30 11.83 -14.49
C ARG A 85 -7.13 10.32 -14.35
N PRO A 86 -7.58 9.57 -15.33
CA PRO A 86 -7.47 8.08 -15.29
C PRO A 86 -6.13 7.61 -14.75
N ILE A 87 -6.18 6.71 -13.77
CA ILE A 87 -4.96 6.19 -13.16
C ILE A 87 -3.97 5.70 -14.23
N PRO A 88 -2.87 6.39 -14.44
CA PRO A 88 -1.87 5.96 -15.46
C PRO A 88 -1.50 4.49 -15.31
N GLU A 89 -1.09 3.87 -16.41
CA GLU A 89 -0.71 2.46 -16.39
C GLU A 89 0.32 2.20 -15.31
N LYS A 90 1.13 3.20 -14.99
CA LYS A 90 2.15 3.04 -13.96
C LYS A 90 1.51 2.84 -12.60
N LEU A 91 0.73 3.83 -12.17
CA LEU A 91 0.06 3.75 -10.89
C LEU A 91 -0.97 2.64 -10.95
N LYS A 92 -1.64 2.53 -12.09
CA LYS A 92 -2.63 1.51 -12.25
C LYS A 92 -1.94 0.15 -12.23
N LYS A 93 -0.99 -0.08 -13.13
CA LYS A 93 -0.28 -1.34 -13.16
C LYS A 93 0.44 -1.59 -11.84
N ARG A 94 0.95 -0.53 -11.25
CA ARG A 94 1.64 -0.65 -9.98
C ARG A 94 0.64 -0.94 -8.87
N LEU A 95 -0.34 -0.06 -8.72
CA LEU A 95 -1.36 -0.25 -7.70
C LEU A 95 -2.17 -1.48 -8.02
N GLN A 96 -2.30 -1.78 -9.31
CA GLN A 96 -3.03 -2.97 -9.73
C GLN A 96 -2.16 -4.19 -9.49
N LEU A 97 -0.90 -4.09 -9.93
CA LEU A 97 0.03 -5.18 -9.70
C LEU A 97 0.18 -5.33 -8.20
N GLU A 98 0.08 -4.20 -7.51
CA GLU A 98 0.16 -4.21 -6.06
C GLU A 98 -1.12 -4.79 -5.50
N PHE A 99 -2.26 -4.32 -6.02
CA PHE A 99 -3.55 -4.84 -5.56
C PHE A 99 -3.64 -6.30 -5.88
N THR A 100 -3.15 -6.67 -7.05
CA THR A 100 -3.19 -8.06 -7.43
C THR A 100 -2.10 -8.82 -6.68
N GLN A 101 -0.93 -8.21 -6.60
CA GLN A 101 0.17 -8.85 -5.86
C GLN A 101 -0.19 -8.85 -4.38
N ALA A 102 -1.00 -7.87 -3.99
CA ALA A 102 -1.45 -7.76 -2.60
C ALA A 102 -2.69 -8.62 -2.39
N GLU A 103 -3.69 -8.37 -3.21
CA GLU A 103 -4.96 -9.08 -3.12
C GLU A 103 -4.86 -10.48 -3.72
N ARG A 104 -4.38 -10.57 -4.95
CA ARG A 104 -4.27 -11.86 -5.63
C ARG A 104 -3.28 -12.80 -4.94
N SER A 105 -2.17 -12.27 -4.46
CA SER A 105 -1.17 -13.12 -3.81
C SER A 105 -1.59 -13.48 -2.39
N ILE A 106 -1.92 -12.48 -1.58
CA ILE A 106 -2.32 -12.76 -0.20
C ILE A 106 -3.56 -13.64 -0.15
N GLU A 107 -4.43 -13.52 -1.15
CA GLU A 107 -5.64 -14.33 -1.21
C GLU A 107 -5.28 -15.82 -1.19
N ARG A 108 -4.01 -16.12 -1.32
CA ARG A 108 -3.54 -17.51 -1.32
C ARG A 108 -2.57 -17.74 -0.18
N GLY A 109 -1.42 -17.07 -0.24
CA GLY A 109 -0.41 -17.21 0.81
C GLY A 109 0.66 -16.13 0.68
N VAL A 110 1.67 -16.40 -0.14
CA VAL A 110 2.74 -15.44 -0.35
C VAL A 110 2.18 -14.03 -0.50
N CYS A 1 16.80 8.35 8.37
CA CYS A 1 15.50 8.75 7.78
C CYS A 1 14.39 7.93 8.41
N ASP A 2 14.75 6.80 9.01
CA ASP A 2 13.76 5.94 9.64
C ASP A 2 12.77 6.77 10.46
N SER A 3 11.53 6.30 10.52
CA SER A 3 10.50 7.01 11.27
C SER A 3 10.29 6.36 12.64
N GLY A 4 9.30 5.48 12.72
CA GLY A 4 9.01 4.80 13.98
C GLY A 4 7.51 4.73 14.24
N THR A 5 7.03 3.60 14.75
CA THR A 5 5.60 3.44 15.02
C THR A 5 5.32 2.15 15.80
N GLY A 6 4.24 1.48 15.42
CA GLY A 6 3.83 0.24 16.07
C GLY A 6 2.60 -0.33 15.36
N LEU A 7 2.74 -0.59 14.07
CA LEU A 7 1.64 -1.11 13.25
C LEU A 7 0.66 -1.91 14.09
N THR A 8 1.13 -2.99 14.71
CA THR A 8 0.24 -3.81 15.54
C THR A 8 1.06 -4.82 16.35
N GLY A 9 1.93 -5.55 15.67
CA GLY A 9 2.76 -6.55 16.35
C GLY A 9 2.34 -7.97 15.94
N ASN A 10 1.51 -8.06 14.90
CA ASN A 10 1.05 -9.35 14.42
C ASN A 10 1.82 -9.74 13.15
N TYR A 11 1.15 -10.48 12.27
CA TYR A 11 1.78 -10.92 11.02
C TYR A 11 0.89 -10.60 9.83
N SER A 12 0.24 -11.62 9.29
CA SER A 12 -0.64 -11.43 8.14
C SER A 12 -1.65 -10.33 8.42
N GLN A 13 -2.21 -10.33 9.62
CA GLN A 13 -3.19 -9.33 10.02
C GLN A 13 -2.64 -7.92 9.77
N ASP A 14 -1.36 -7.74 10.05
CA ASP A 14 -0.73 -6.44 9.86
C ASP A 14 -0.51 -6.15 8.38
N THR A 15 -0.20 -7.19 7.61
CA THR A 15 0.04 -7.02 6.17
C THR A 15 -1.22 -6.55 5.46
N LEU A 16 -2.35 -7.20 5.74
CA LEU A 16 -3.61 -6.83 5.11
C LEU A 16 -4.15 -5.53 5.69
N THR A 17 -3.84 -5.27 6.95
CA THR A 17 -4.30 -4.05 7.61
C THR A 17 -3.80 -2.82 6.86
N VAL A 18 -2.49 -2.71 6.71
CA VAL A 18 -1.90 -1.58 6.02
C VAL A 18 -2.28 -1.60 4.53
N ILE A 19 -2.08 -2.76 3.91
CA ILE A 19 -2.41 -2.91 2.49
C ILE A 19 -3.88 -2.63 2.25
N ALA A 20 -4.70 -2.88 3.25
CA ALA A 20 -6.13 -2.63 3.08
C ALA A 20 -6.40 -1.16 2.80
N THR A 21 -5.61 -0.29 3.42
CA THR A 21 -5.79 1.14 3.23
C THR A 21 -5.28 1.56 1.85
N LEU A 22 -4.15 0.99 1.44
CA LEU A 22 -3.57 1.31 0.14
C LEU A 22 -4.47 0.82 -0.98
N ARG A 23 -4.88 -0.44 -0.90
CA ARG A 23 -5.75 -1.02 -1.91
C ARG A 23 -7.07 -0.28 -1.92
N GLU A 24 -7.46 0.23 -0.76
CA GLU A 24 -8.72 0.96 -0.64
C GLU A 24 -8.59 2.36 -1.22
N ALA A 25 -7.36 2.83 -1.30
CA ALA A 25 -7.08 4.17 -1.82
C ALA A 25 -7.23 4.23 -3.34
N ILE A 26 -6.63 3.25 -4.03
CA ILE A 26 -6.68 3.22 -5.48
C ILE A 26 -8.12 3.12 -5.96
N ASP A 27 -8.93 2.34 -5.24
CA ASP A 27 -10.33 2.16 -5.63
C ASP A 27 -11.24 2.15 -4.41
N LEU A 28 -11.20 3.23 -3.63
CA LEU A 28 -12.06 3.31 -2.46
C LEU A 28 -13.52 3.39 -2.89
N PRO A 29 -14.43 3.09 -2.01
CA PRO A 29 -15.89 3.15 -2.32
C PRO A 29 -16.31 4.54 -2.78
N GLN A 30 -17.24 4.60 -3.72
CA GLN A 30 -17.71 5.88 -4.24
C GLN A 30 -18.16 6.79 -3.10
N ASP A 31 -18.14 6.27 -1.88
CA ASP A 31 -18.54 7.04 -0.72
C ASP A 31 -17.37 7.84 -0.16
N ALA A 32 -16.32 7.97 -0.97
CA ALA A 32 -15.13 8.71 -0.53
C ALA A 32 -14.32 9.17 -1.74
N PRO A 33 -14.83 10.11 -2.47
CA PRO A 33 -14.13 10.67 -3.67
C PRO A 33 -12.82 11.37 -3.30
N ASN A 34 -12.20 10.91 -2.22
CA ASN A 34 -10.95 11.49 -1.76
C ASN A 34 -9.82 10.48 -1.93
N ARG A 35 -9.69 9.95 -3.14
CA ARG A 35 -8.65 8.96 -3.44
C ARG A 35 -7.28 9.49 -3.04
N GLN A 36 -7.05 10.79 -3.26
CA GLN A 36 -5.78 11.40 -2.91
C GLN A 36 -5.67 11.64 -1.41
N GLU A 37 -6.77 12.10 -0.81
CA GLU A 37 -6.77 12.37 0.63
C GLU A 37 -6.75 11.08 1.44
N VAL A 38 -7.71 10.19 1.17
CA VAL A 38 -7.75 8.92 1.89
C VAL A 38 -6.39 8.25 1.81
N GLN A 39 -5.76 8.36 0.65
CA GLN A 39 -4.45 7.78 0.44
C GLN A 39 -3.48 8.33 1.49
N ASP A 40 -3.70 9.58 1.90
CA ASP A 40 -2.87 10.21 2.90
C ASP A 40 -2.87 9.39 4.18
N THR A 41 -4.07 8.96 4.58
CA THR A 41 -4.19 8.14 5.79
C THR A 41 -3.32 6.91 5.65
N ALA A 42 -3.23 6.40 4.43
CA ALA A 42 -2.41 5.23 4.16
C ALA A 42 -0.93 5.59 4.33
N ARG A 43 -0.59 6.84 4.02
CA ARG A 43 0.78 7.29 4.16
C ARG A 43 1.28 7.00 5.56
N GLY A 44 0.44 7.26 6.55
CA GLY A 44 0.80 7.00 7.94
C GLY A 44 1.16 5.53 8.13
N GLN A 45 0.34 4.66 7.55
CA GLN A 45 0.57 3.22 7.63
C GLN A 45 1.94 2.86 7.06
N ILE A 46 2.38 3.58 6.05
CA ILE A 46 3.69 3.32 5.46
C ILE A 46 4.77 3.62 6.48
N ASN A 47 4.73 4.81 7.05
CA ASN A 47 5.69 5.17 8.07
C ASN A 47 5.65 4.10 9.13
N ASP A 48 4.46 3.54 9.32
CA ASP A 48 4.26 2.47 10.29
C ASP A 48 4.85 1.16 9.80
N TYR A 49 4.54 0.81 8.57
CA TYR A 49 5.03 -0.43 7.98
C TYR A 49 6.55 -0.40 7.87
N ILE A 50 7.08 0.67 7.28
CA ILE A 50 8.51 0.82 7.12
C ILE A 50 9.18 1.16 8.45
N SER A 51 8.42 1.72 9.37
CA SER A 51 8.98 2.09 10.68
C SER A 51 9.70 0.90 11.30
N ARG A 52 8.93 -0.11 11.68
CA ARG A 52 9.50 -1.30 12.30
C ARG A 52 8.80 -2.56 11.80
N TYR A 53 7.95 -2.39 10.80
CA TYR A 53 7.22 -3.51 10.24
C TYR A 53 7.65 -3.79 8.80
N ARG A 54 8.91 -3.49 8.51
CA ARG A 54 9.44 -3.70 7.16
C ARG A 54 9.50 -5.19 6.84
N ARG A 55 10.57 -5.84 7.29
CA ARG A 55 10.74 -7.28 7.04
C ARG A 55 9.63 -8.07 7.70
N LYS A 56 8.75 -8.65 6.89
CA LYS A 56 7.64 -9.44 7.41
C LYS A 56 8.15 -10.76 8.00
N GLY A 57 9.10 -11.37 7.30
CA GLY A 57 9.67 -12.64 7.76
C GLY A 57 10.99 -12.94 7.05
N ASP A 58 12.07 -12.38 7.57
CA ASP A 58 13.38 -12.59 6.97
C ASP A 58 13.55 -14.05 6.56
N ALA A 59 13.29 -14.34 5.29
CA ALA A 59 13.42 -15.70 4.78
C ALA A 59 14.11 -15.70 3.42
N GLY A 60 14.50 -14.53 2.95
CA GLY A 60 15.16 -14.40 1.66
C GLY A 60 14.54 -13.28 0.83
N GLY A 61 13.28 -12.96 1.13
CA GLY A 61 12.58 -11.90 0.41
C GLY A 61 11.55 -12.50 -0.55
N LEU A 62 10.32 -11.99 -0.47
CA LEU A 62 9.25 -12.48 -1.34
C LEU A 62 8.96 -11.46 -2.44
N LYS A 63 7.97 -11.77 -3.27
CA LYS A 63 7.61 -10.88 -4.36
C LYS A 63 6.52 -9.91 -3.92
N SER A 64 5.74 -10.31 -2.91
CA SER A 64 4.66 -9.47 -2.41
C SER A 64 5.23 -8.36 -1.52
N PHE A 65 6.25 -8.71 -0.74
CA PHE A 65 6.87 -7.73 0.15
C PHE A 65 7.62 -6.67 -0.65
N THR A 66 8.30 -7.09 -1.71
CA THR A 66 9.05 -6.15 -2.54
C THR A 66 8.10 -5.18 -3.23
N THR A 67 6.86 -5.60 -3.44
CA THR A 67 5.87 -4.75 -4.09
C THR A 67 5.45 -3.61 -3.17
N MET A 68 5.29 -3.93 -1.88
CA MET A 68 4.90 -2.91 -0.92
C MET A 68 5.81 -1.70 -1.05
N GLN A 69 7.09 -1.95 -1.27
CA GLN A 69 8.06 -0.88 -1.44
C GLN A 69 7.98 -0.32 -2.85
N THR A 70 7.54 -1.15 -3.79
CA THR A 70 7.42 -0.73 -5.18
C THR A 70 6.22 0.19 -5.35
N ALA A 71 5.06 -0.23 -4.83
CA ALA A 71 3.86 0.59 -4.93
C ALA A 71 4.01 1.85 -4.08
N LEU A 72 4.69 1.72 -2.96
CA LEU A 72 4.91 2.88 -2.08
C LEU A 72 5.53 4.02 -2.87
N ASN A 73 6.63 3.72 -3.55
CA ASN A 73 7.33 4.73 -4.35
C ASN A 73 6.51 5.12 -5.57
N SER A 74 5.92 4.13 -6.24
CA SER A 74 5.12 4.40 -7.43
C SER A 74 3.84 5.14 -7.05
N LEU A 75 3.05 4.53 -6.17
CA LEU A 75 1.80 5.14 -5.75
C LEU A 75 2.07 6.52 -5.15
N ALA A 76 3.28 6.70 -4.62
CA ALA A 76 3.65 7.97 -4.02
C ALA A 76 3.67 9.07 -5.08
N GLY A 77 4.26 8.76 -6.23
CA GLY A 77 4.34 9.74 -7.32
C GLY A 77 2.95 10.25 -7.68
N TYR A 78 1.96 9.38 -7.59
CA TYR A 78 0.59 9.77 -7.90
C TYR A 78 0.07 10.79 -6.90
N TYR A 79 0.29 10.52 -5.61
CA TYR A 79 -0.16 11.43 -4.56
C TYR A 79 0.26 12.86 -4.88
N THR A 80 1.45 13.01 -5.47
CA THR A 80 1.94 14.33 -5.81
C THR A 80 1.09 14.97 -6.89
N SER A 81 0.98 16.29 -6.86
CA SER A 81 0.18 17.01 -7.85
C SER A 81 0.61 16.63 -9.27
N TYR A 82 -0.18 15.77 -9.90
CA TYR A 82 0.14 15.33 -11.26
C TYR A 82 -1.15 15.08 -12.05
N GLY A 83 -2.06 14.31 -11.47
CA GLY A 83 -3.32 14.00 -12.13
C GLY A 83 -4.41 13.65 -11.11
N ALA A 84 -5.66 13.75 -11.52
CA ALA A 84 -6.77 13.44 -10.64
C ALA A 84 -7.88 12.72 -11.40
N ARG A 85 -7.54 11.59 -12.00
CA ARG A 85 -8.51 10.80 -12.76
C ARG A 85 -7.80 9.81 -13.69
N PRO A 86 -6.72 10.22 -14.29
CA PRO A 86 -5.94 9.35 -15.21
C PRO A 86 -4.89 8.51 -14.46
N ILE A 87 -5.00 7.20 -14.57
CA ILE A 87 -4.06 6.31 -13.90
C ILE A 87 -3.19 5.57 -14.91
N PRO A 88 -2.03 6.07 -15.22
CA PRO A 88 -1.10 5.43 -16.19
C PRO A 88 -0.87 3.95 -15.85
N GLU A 89 -0.60 3.14 -16.88
CA GLU A 89 -0.36 1.72 -16.68
C GLU A 89 0.60 1.50 -15.52
N LYS A 90 1.51 2.43 -15.31
CA LYS A 90 2.48 2.31 -14.24
C LYS A 90 1.80 2.16 -12.89
N LEU A 91 1.00 3.17 -12.53
CA LEU A 91 0.29 3.15 -11.27
C LEU A 91 -0.81 2.10 -11.33
N LYS A 92 -1.52 2.08 -12.44
CA LYS A 92 -2.58 1.13 -12.62
C LYS A 92 -2.02 -0.28 -12.56
N LYS A 93 -1.08 -0.60 -13.45
CA LYS A 93 -0.48 -1.92 -13.47
C LYS A 93 0.24 -2.21 -12.16
N ARG A 94 0.93 -1.22 -11.65
CA ARG A 94 1.65 -1.41 -10.38
C ARG A 94 0.65 -1.60 -9.25
N LEU A 95 -0.26 -0.65 -9.08
CA LEU A 95 -1.26 -0.75 -8.03
C LEU A 95 -2.19 -1.92 -8.32
N GLN A 96 -2.46 -2.16 -9.59
CA GLN A 96 -3.32 -3.29 -9.99
C GLN A 96 -2.58 -4.59 -9.76
N LEU A 97 -1.40 -4.68 -10.34
CA LEU A 97 -0.58 -5.87 -10.19
C LEU A 97 -0.21 -6.02 -8.73
N GLU A 98 0.01 -4.91 -8.05
CA GLU A 98 0.33 -4.94 -6.63
C GLU A 98 -0.94 -5.27 -5.86
N PHE A 99 -2.05 -4.63 -6.27
CA PHE A 99 -3.33 -4.88 -5.63
C PHE A 99 -3.69 -6.33 -5.84
N THR A 100 -3.42 -6.83 -7.04
CA THR A 100 -3.72 -8.21 -7.33
C THR A 100 -2.67 -9.10 -6.69
N GLN A 101 -1.41 -8.72 -6.83
CA GLN A 101 -0.34 -9.51 -6.20
C GLN A 101 -0.52 -9.44 -4.69
N ALA A 102 -1.11 -8.34 -4.24
CA ALA A 102 -1.37 -8.14 -2.82
C ALA A 102 -2.69 -8.79 -2.44
N GLU A 103 -3.74 -8.40 -3.15
CA GLU A 103 -5.07 -8.92 -2.91
C GLU A 103 -5.25 -10.32 -3.49
N ARG A 104 -4.93 -10.47 -4.77
CA ARG A 104 -5.09 -11.77 -5.43
C ARG A 104 -4.23 -12.86 -4.79
N SER A 105 -3.07 -12.48 -4.28
CA SER A 105 -2.18 -13.46 -3.67
C SER A 105 -2.53 -13.68 -2.21
N ILE A 106 -2.67 -12.61 -1.45
CA ILE A 106 -3.01 -12.73 -0.03
C ILE A 106 -4.32 -13.51 0.15
N GLU A 107 -5.32 -13.13 -0.63
CA GLU A 107 -6.62 -13.78 -0.55
C GLU A 107 -6.54 -15.21 -1.09
N ARG A 108 -5.32 -15.67 -1.35
CA ARG A 108 -5.13 -17.03 -1.87
C ARG A 108 -5.93 -17.23 -3.16
N GLY A 109 -5.34 -16.84 -4.28
CA GLY A 109 -6.01 -17.00 -5.57
C GLY A 109 -5.10 -17.70 -6.57
N VAL A 110 -3.95 -18.18 -6.10
CA VAL A 110 -3.02 -18.88 -6.96
C VAL A 110 -3.33 -20.38 -7.01
N CYS A 1 9.57 10.94 17.13
CA CYS A 1 9.72 9.96 16.02
C CYS A 1 8.75 10.31 14.90
N ASP A 2 8.97 9.74 13.72
CA ASP A 2 8.10 10.01 12.58
C ASP A 2 7.09 8.88 12.40
N SER A 3 6.70 8.26 13.52
CA SER A 3 5.74 7.16 13.47
C SER A 3 4.31 7.71 13.57
N GLY A 4 3.63 7.81 12.43
CA GLY A 4 2.27 8.32 12.41
C GLY A 4 1.25 7.20 12.33
N THR A 5 1.47 6.13 13.11
CA THR A 5 0.54 5.00 13.11
C THR A 5 0.80 4.10 14.32
N GLY A 6 -0.19 3.25 14.62
CA GLY A 6 -0.07 2.34 15.74
C GLY A 6 0.41 0.97 15.27
N LEU A 7 0.94 0.92 14.05
CA LEU A 7 1.44 -0.32 13.50
C LEU A 7 2.09 -1.17 14.59
N THR A 8 1.81 -2.47 14.57
CA THR A 8 2.37 -3.38 15.55
C THR A 8 3.36 -4.33 14.91
N GLY A 9 3.11 -4.68 13.66
CA GLY A 9 4.00 -5.59 12.94
C GLY A 9 3.61 -7.04 13.18
N ASN A 10 2.40 -7.40 12.79
CA ASN A 10 1.92 -8.77 12.96
C ASN A 10 2.29 -9.62 11.75
N TYR A 11 1.33 -10.39 11.25
CA TYR A 11 1.57 -11.24 10.10
C TYR A 11 0.54 -10.97 9.01
N SER A 12 -0.12 -12.03 8.56
CA SER A 12 -1.14 -11.88 7.52
C SER A 12 -2.15 -10.82 7.91
N GLN A 13 -2.51 -10.78 9.19
CA GLN A 13 -3.46 -9.82 9.68
C GLN A 13 -2.98 -8.38 9.43
N ASP A 14 -1.77 -8.09 9.89
CA ASP A 14 -1.21 -6.76 9.71
C ASP A 14 -0.79 -6.54 8.26
N THR A 15 -0.41 -7.62 7.58
CA THR A 15 0.03 -7.52 6.19
C THR A 15 -1.13 -7.15 5.27
N LEU A 16 -2.25 -7.85 5.41
CA LEU A 16 -3.41 -7.59 4.56
C LEU A 16 -4.09 -6.27 4.95
N THR A 17 -4.04 -5.93 6.23
CA THR A 17 -4.65 -4.70 6.70
C THR A 17 -3.96 -3.48 6.10
N VAL A 18 -2.64 -3.44 6.20
CA VAL A 18 -1.88 -2.31 5.65
C VAL A 18 -1.99 -2.26 4.14
N ILE A 19 -1.64 -3.36 3.47
CA ILE A 19 -1.70 -3.40 2.01
C ILE A 19 -3.10 -3.10 1.52
N ALA A 20 -4.09 -3.61 2.22
CA ALA A 20 -5.46 -3.38 1.82
C ALA A 20 -5.84 -1.91 1.93
N THR A 21 -5.26 -1.21 2.89
CA THR A 21 -5.56 0.20 3.10
C THR A 21 -4.98 1.08 1.99
N LEU A 22 -3.68 0.92 1.72
CA LEU A 22 -3.02 1.72 0.70
C LEU A 22 -3.66 1.50 -0.66
N ARG A 23 -3.81 0.24 -1.03
CA ARG A 23 -4.40 -0.12 -2.30
C ARG A 23 -5.89 0.24 -2.29
N GLU A 24 -6.50 0.19 -1.12
CA GLU A 24 -7.92 0.54 -1.04
C GLU A 24 -8.09 2.01 -1.39
N ALA A 25 -7.07 2.78 -1.07
CA ALA A 25 -7.07 4.21 -1.35
C ALA A 25 -6.95 4.46 -2.84
N ILE A 26 -6.05 3.73 -3.50
CA ILE A 26 -5.87 3.91 -4.93
C ILE A 26 -7.16 3.63 -5.68
N ASP A 27 -7.95 2.71 -5.14
CA ASP A 27 -9.23 2.36 -5.77
C ASP A 27 -10.27 2.04 -4.72
N LEU A 28 -10.51 2.98 -3.80
CA LEU A 28 -11.50 2.78 -2.75
C LEU A 28 -12.90 2.81 -3.36
N PRO A 29 -13.85 2.18 -2.71
CA PRO A 29 -15.26 2.15 -3.20
C PRO A 29 -15.78 3.56 -3.49
N GLN A 30 -16.81 3.65 -4.32
CA GLN A 30 -17.39 4.94 -4.66
C GLN A 30 -17.91 5.65 -3.42
N ASP A 31 -17.70 5.03 -2.26
CA ASP A 31 -18.15 5.61 -1.00
C ASP A 31 -17.09 6.54 -0.43
N ALA A 32 -16.05 6.80 -1.21
CA ALA A 32 -14.96 7.68 -0.77
C ALA A 32 -14.47 8.53 -1.93
N PRO A 33 -15.26 9.46 -2.36
CA PRO A 33 -14.91 10.36 -3.51
C PRO A 33 -13.65 11.20 -3.22
N ASN A 34 -12.87 10.77 -2.25
CA ASN A 34 -11.64 11.48 -1.88
C ASN A 34 -10.47 10.51 -1.80
N ARG A 35 -10.16 9.87 -2.93
CA ARG A 35 -9.07 8.92 -2.98
C ARG A 35 -7.78 9.56 -2.47
N GLN A 36 -7.73 10.88 -2.47
CA GLN A 36 -6.55 11.60 -2.01
C GLN A 36 -6.47 11.61 -0.49
N GLU A 37 -7.60 11.89 0.17
CA GLU A 37 -7.64 11.94 1.62
C GLU A 37 -7.29 10.59 2.23
N VAL A 38 -8.05 9.57 1.86
CA VAL A 38 -7.77 8.23 2.39
C VAL A 38 -6.32 7.88 2.17
N GLN A 39 -5.78 8.29 1.02
CA GLN A 39 -4.39 8.02 0.71
C GLN A 39 -3.50 8.69 1.76
N ASP A 40 -3.92 9.88 2.22
CA ASP A 40 -3.17 10.59 3.23
C ASP A 40 -3.04 9.71 4.47
N THR A 41 -4.15 9.09 4.85
CA THR A 41 -4.15 8.20 6.01
C THR A 41 -3.12 7.10 5.78
N ALA A 42 -3.06 6.62 4.54
CA ALA A 42 -2.10 5.58 4.18
C ALA A 42 -0.69 6.13 4.38
N ARG A 43 -0.53 7.41 4.05
CA ARG A 43 0.77 8.05 4.21
C ARG A 43 1.25 7.85 5.64
N GLY A 44 0.35 8.04 6.58
CA GLY A 44 0.68 7.84 7.99
C GLY A 44 1.14 6.41 8.23
N GLN A 45 0.40 5.46 7.68
CA GLN A 45 0.74 4.05 7.81
C GLN A 45 2.15 3.82 7.26
N ILE A 46 2.48 4.54 6.19
CA ILE A 46 3.80 4.41 5.58
C ILE A 46 4.86 4.98 6.49
N ASN A 47 4.52 6.07 7.18
CA ASN A 47 5.45 6.70 8.09
C ASN A 47 5.94 5.67 9.10
N ASP A 48 5.00 4.97 9.72
CA ASP A 48 5.34 3.96 10.70
C ASP A 48 5.92 2.72 10.01
N TYR A 49 5.28 2.28 8.93
CA TYR A 49 5.77 1.12 8.20
C TYR A 49 7.26 1.28 7.94
N ILE A 50 7.61 2.39 7.31
CA ILE A 50 9.01 2.69 7.01
C ILE A 50 9.75 3.12 8.27
N SER A 51 9.00 3.63 9.25
CA SER A 51 9.61 4.11 10.49
C SER A 51 8.99 3.46 11.73
N ARG A 52 8.99 2.13 11.78
CA ARG A 52 8.45 1.42 12.92
C ARG A 52 8.10 -0.02 12.55
N TYR A 53 7.41 -0.17 11.43
CA TYR A 53 7.01 -1.49 10.97
C TYR A 53 7.46 -1.72 9.53
N ARG A 54 8.77 -1.87 9.37
CA ARG A 54 9.36 -2.09 8.05
C ARG A 54 9.81 -3.54 7.90
N ARG A 55 10.79 -3.93 8.71
CA ARG A 55 11.32 -5.29 8.65
C ARG A 55 10.26 -6.28 9.13
N LYS A 56 9.45 -6.77 8.20
CA LYS A 56 8.41 -7.73 8.54
C LYS A 56 8.98 -9.14 8.60
N GLY A 57 10.14 -9.33 7.99
CA GLY A 57 10.79 -10.64 7.97
C GLY A 57 11.37 -10.94 6.59
N ASP A 58 11.95 -9.92 5.97
CA ASP A 58 12.54 -10.08 4.65
C ASP A 58 13.76 -11.00 4.72
N ALA A 59 14.06 -11.67 3.61
CA ALA A 59 15.19 -12.58 3.55
C ALA A 59 15.18 -13.36 2.24
N GLY A 60 14.61 -12.77 1.21
CA GLY A 60 14.54 -13.42 -0.10
C GLY A 60 13.80 -14.75 0.00
N GLY A 61 12.83 -14.82 0.92
CA GLY A 61 12.04 -16.03 1.10
C GLY A 61 10.58 -15.80 0.72
N LEU A 62 10.19 -14.53 0.64
CA LEU A 62 8.82 -14.19 0.28
C LEU A 62 8.79 -13.02 -0.70
N LYS A 63 7.75 -12.96 -1.51
CA LYS A 63 7.61 -11.89 -2.49
C LYS A 63 6.66 -10.81 -1.98
N SER A 64 6.16 -11.00 -0.77
CA SER A 64 5.23 -10.05 -0.17
C SER A 64 5.94 -8.74 0.14
N PHE A 65 7.11 -8.84 0.76
CA PHE A 65 7.88 -7.66 1.12
C PHE A 65 8.32 -6.90 -0.14
N THR A 66 8.69 -7.65 -1.18
CA THR A 66 9.12 -7.04 -2.43
C THR A 66 8.04 -6.13 -2.99
N THR A 67 6.80 -6.64 -3.03
CA THR A 67 5.70 -5.86 -3.54
C THR A 67 5.42 -4.67 -2.63
N MET A 68 5.49 -4.90 -1.33
CA MET A 68 5.26 -3.84 -0.36
C MET A 68 6.11 -2.63 -0.72
N GLN A 69 7.35 -2.89 -1.12
CA GLN A 69 8.25 -1.81 -1.50
C GLN A 69 7.92 -1.31 -2.90
N THR A 70 7.36 -2.19 -3.72
CA THR A 70 6.99 -1.82 -5.08
C THR A 70 5.81 -0.84 -5.06
N ALA A 71 4.77 -1.20 -4.32
CA ALA A 71 3.60 -0.34 -4.24
C ALA A 71 3.97 0.96 -3.53
N LEU A 72 4.86 0.87 -2.54
CA LEU A 72 5.29 2.05 -1.80
C LEU A 72 5.81 3.10 -2.78
N ASN A 73 6.74 2.69 -3.64
CA ASN A 73 7.31 3.59 -4.63
C ASN A 73 6.24 4.02 -5.64
N SER A 74 5.28 3.13 -5.90
CA SER A 74 4.21 3.43 -6.84
C SER A 74 3.34 4.58 -6.32
N LEU A 75 2.77 4.40 -5.14
CA LEU A 75 1.93 5.43 -4.55
C LEU A 75 2.65 6.76 -4.60
N ALA A 76 3.89 6.76 -4.12
CA ALA A 76 4.70 7.97 -4.11
C ALA A 76 4.63 8.67 -5.46
N GLY A 77 4.86 7.91 -6.54
CA GLY A 77 4.82 8.48 -7.87
C GLY A 77 3.50 9.21 -8.11
N TYR A 78 2.40 8.62 -7.63
CA TYR A 78 1.08 9.22 -7.81
C TYR A 78 0.97 10.50 -6.99
N TYR A 79 1.44 10.45 -5.75
CA TYR A 79 1.38 11.62 -4.88
C TYR A 79 2.21 12.76 -5.46
N THR A 80 3.41 12.43 -5.92
CA THR A 80 4.30 13.44 -6.50
C THR A 80 3.78 13.88 -7.86
N SER A 81 2.46 13.92 -8.00
CA SER A 81 1.84 14.32 -9.27
C SER A 81 0.54 15.08 -9.00
N TYR A 82 -0.09 14.78 -7.88
CA TYR A 82 -1.34 15.44 -7.52
C TYR A 82 -2.41 15.18 -8.57
N GLY A 83 -2.26 14.07 -9.30
CA GLY A 83 -3.22 13.72 -10.35
C GLY A 83 -4.61 13.55 -9.77
N ALA A 84 -5.58 13.26 -10.65
CA ALA A 84 -6.95 13.08 -10.21
C ALA A 84 -7.47 11.71 -10.63
N ARG A 85 -8.62 11.71 -11.26
CA ARG A 85 -9.25 10.47 -11.72
C ARG A 85 -8.31 9.68 -12.63
N PRO A 86 -7.65 10.35 -13.54
CA PRO A 86 -6.71 9.70 -14.50
C PRO A 86 -5.45 9.20 -13.82
N ILE A 87 -5.25 7.88 -13.83
CA ILE A 87 -4.08 7.28 -13.21
C ILE A 87 -3.17 6.66 -14.27
N PRO A 88 -1.97 7.16 -14.45
CA PRO A 88 -1.02 6.60 -15.46
C PRO A 88 -0.96 5.07 -15.42
N GLU A 89 -1.08 4.44 -16.58
CA GLU A 89 -1.03 2.99 -16.67
C GLU A 89 0.08 2.44 -15.79
N LYS A 90 1.02 3.30 -15.44
CA LYS A 90 2.14 2.90 -14.61
C LYS A 90 1.68 2.71 -13.17
N LEU A 91 1.18 3.78 -12.56
CA LEU A 91 0.71 3.72 -11.20
C LEU A 91 -0.59 2.94 -11.14
N LYS A 92 -1.35 3.01 -12.21
CA LYS A 92 -2.60 2.29 -12.28
C LYS A 92 -2.32 0.79 -12.39
N LYS A 93 -1.52 0.41 -13.38
CA LYS A 93 -1.19 -1.00 -13.55
C LYS A 93 -0.30 -1.48 -12.43
N ARG A 94 0.50 -0.58 -11.87
CA ARG A 94 1.39 -0.97 -10.77
C ARG A 94 0.57 -1.16 -9.51
N LEU A 95 -0.21 -0.16 -9.13
CA LEU A 95 -1.03 -0.28 -7.92
C LEU A 95 -2.20 -1.23 -8.17
N GLN A 96 -2.61 -1.38 -9.43
CA GLN A 96 -3.72 -2.29 -9.76
C GLN A 96 -3.21 -3.71 -9.79
N LEU A 97 -2.06 -3.90 -10.42
CA LEU A 97 -1.43 -5.21 -10.50
C LEU A 97 -0.90 -5.58 -9.14
N GLU A 98 -0.40 -4.58 -8.42
CA GLU A 98 0.12 -4.80 -7.09
C GLU A 98 -1.05 -4.98 -6.13
N PHE A 99 -2.14 -4.24 -6.38
CA PHE A 99 -3.33 -4.34 -5.54
C PHE A 99 -3.98 -5.70 -5.76
N THR A 100 -4.01 -6.12 -7.01
CA THR A 100 -4.60 -7.40 -7.34
C THR A 100 -3.64 -8.51 -6.96
N GLN A 101 -2.37 -8.28 -7.22
CA GLN A 101 -1.35 -9.27 -6.87
C GLN A 101 -1.21 -9.33 -5.36
N ALA A 102 -1.42 -8.19 -4.71
CA ALA A 102 -1.33 -8.10 -3.26
C ALA A 102 -2.59 -8.66 -2.63
N GLU A 103 -3.72 -8.18 -3.12
CA GLU A 103 -5.01 -8.62 -2.60
C GLU A 103 -5.31 -10.06 -2.97
N ARG A 104 -5.11 -10.40 -4.24
CA ARG A 104 -5.38 -11.77 -4.71
C ARG A 104 -4.37 -12.76 -4.15
N SER A 105 -3.08 -12.48 -4.33
CA SER A 105 -2.06 -13.41 -3.83
C SER A 105 -2.21 -13.64 -2.33
N ILE A 106 -2.33 -12.56 -1.55
CA ILE A 106 -2.47 -12.74 -0.11
C ILE A 106 -3.67 -13.63 0.19
N GLU A 107 -4.74 -13.45 -0.57
CA GLU A 107 -5.95 -14.24 -0.38
C GLU A 107 -5.62 -15.73 -0.49
N ARG A 108 -4.54 -16.04 -1.20
CA ARG A 108 -4.14 -17.43 -1.37
C ARG A 108 -5.29 -18.27 -1.91
N GLY A 109 -6.37 -17.59 -2.30
CA GLY A 109 -7.54 -18.28 -2.83
C GLY A 109 -7.55 -18.26 -4.36
N VAL A 110 -6.41 -17.86 -4.94
CA VAL A 110 -6.29 -17.80 -6.39
C VAL A 110 -6.21 -19.20 -6.98
N CYS A 1 5.03 12.37 9.28
CA CYS A 1 6.30 12.85 8.69
C CYS A 1 7.47 12.08 9.31
N ASP A 2 7.69 12.30 10.61
CA ASP A 2 8.78 11.62 11.30
C ASP A 2 8.44 10.14 11.49
N SER A 3 9.27 9.27 10.93
CA SER A 3 9.06 7.84 11.05
C SER A 3 9.03 7.42 12.53
N GLY A 4 8.21 6.43 12.85
CA GLY A 4 8.12 5.96 14.23
C GLY A 4 6.67 5.65 14.61
N THR A 5 6.41 4.39 14.97
CA THR A 5 5.06 3.99 15.34
C THR A 5 5.04 2.58 15.91
N GLY A 6 4.14 1.76 15.38
CA GLY A 6 3.98 0.39 15.81
C GLY A 6 2.56 -0.09 15.54
N LEU A 7 2.13 0.02 14.28
CA LEU A 7 0.79 -0.41 13.89
C LEU A 7 0.31 -1.56 14.77
N THR A 8 1.22 -2.46 15.10
CA THR A 8 0.87 -3.61 15.94
C THR A 8 2.06 -4.55 16.07
N GLY A 9 2.86 -4.65 15.02
CA GLY A 9 4.02 -5.53 15.03
C GLY A 9 3.61 -6.98 14.75
N ASN A 10 2.41 -7.14 14.23
CA ASN A 10 1.89 -8.47 13.92
C ASN A 10 2.60 -9.05 12.69
N TYR A 11 1.87 -9.87 11.94
CA TYR A 11 2.44 -10.49 10.74
C TYR A 11 1.54 -10.23 9.53
N SER A 12 0.98 -11.30 8.97
CA SER A 12 0.12 -11.17 7.80
C SER A 12 -1.05 -10.23 8.10
N GLN A 13 -1.60 -10.33 9.32
CA GLN A 13 -2.72 -9.49 9.71
C GLN A 13 -2.38 -8.02 9.46
N ASP A 14 -1.20 -7.61 9.89
CA ASP A 14 -0.76 -6.24 9.70
C ASP A 14 -0.40 -5.98 8.24
N THR A 15 0.07 -7.02 7.55
CA THR A 15 0.45 -6.89 6.15
C THR A 15 -0.75 -6.56 5.28
N LEU A 16 -1.85 -7.30 5.45
CA LEU A 16 -3.05 -7.06 4.67
C LEU A 16 -3.79 -5.82 5.15
N THR A 17 -3.71 -5.56 6.45
CA THR A 17 -4.39 -4.40 7.04
C THR A 17 -3.93 -3.11 6.35
N VAL A 18 -2.64 -2.86 6.38
CA VAL A 18 -2.09 -1.66 5.76
C VAL A 18 -2.32 -1.66 4.25
N ILE A 19 -2.27 -2.85 3.66
CA ILE A 19 -2.47 -3.00 2.22
C ILE A 19 -3.90 -2.66 1.85
N ALA A 20 -4.82 -2.87 2.77
CA ALA A 20 -6.21 -2.59 2.49
C ALA A 20 -6.41 -1.10 2.22
N THR A 21 -6.00 -0.26 3.15
CA THR A 21 -6.16 1.18 3.00
C THR A 21 -5.39 1.67 1.77
N LEU A 22 -4.30 0.99 1.44
CA LEU A 22 -3.50 1.39 0.29
C LEU A 22 -4.19 0.99 -1.01
N ARG A 23 -4.62 -0.26 -1.07
CA ARG A 23 -5.32 -0.76 -2.25
C ARG A 23 -6.72 -0.16 -2.32
N GLU A 24 -7.29 0.14 -1.16
CA GLU A 24 -8.62 0.73 -1.14
C GLU A 24 -8.54 2.20 -1.52
N ALA A 25 -7.44 2.82 -1.15
CA ALA A 25 -7.21 4.23 -1.44
C ALA A 25 -7.48 4.53 -2.91
N ILE A 26 -7.03 3.64 -3.78
CA ILE A 26 -7.24 3.80 -5.21
C ILE A 26 -8.64 3.34 -5.58
N ASP A 27 -9.16 2.39 -4.81
CA ASP A 27 -10.49 1.84 -5.09
C ASP A 27 -11.55 2.38 -4.12
N LEU A 28 -11.33 3.56 -3.54
CA LEU A 28 -12.31 4.12 -2.61
C LEU A 28 -13.67 4.24 -3.30
N PRO A 29 -14.75 4.04 -2.56
CA PRO A 29 -16.12 4.14 -3.14
C PRO A 29 -16.43 5.55 -3.65
N GLN A 30 -17.36 5.64 -4.58
CA GLN A 30 -17.73 6.94 -5.14
C GLN A 30 -18.21 7.87 -4.04
N ASP A 31 -18.23 7.35 -2.81
CA ASP A 31 -18.66 8.15 -1.67
C ASP A 31 -17.48 8.90 -1.06
N ALA A 32 -16.27 8.57 -1.54
CA ALA A 32 -15.06 9.21 -1.04
C ALA A 32 -14.10 9.51 -2.18
N PRO A 33 -14.46 10.43 -3.03
CA PRO A 33 -13.60 10.83 -4.19
C PRO A 33 -12.28 11.45 -3.73
N ASN A 34 -11.81 11.04 -2.56
CA ASN A 34 -10.58 11.56 -2.01
C ASN A 34 -9.50 10.47 -1.99
N ARG A 35 -9.33 9.78 -3.11
CA ARG A 35 -8.33 8.74 -3.22
C ARG A 35 -6.96 9.28 -2.82
N GLN A 36 -6.71 10.54 -3.15
CA GLN A 36 -5.45 11.18 -2.82
C GLN A 36 -5.38 11.55 -1.34
N GLU A 37 -6.45 12.18 -0.85
CA GLU A 37 -6.50 12.61 0.55
C GLU A 37 -6.61 11.41 1.49
N VAL A 38 -7.58 10.53 1.24
CA VAL A 38 -7.73 9.37 2.09
C VAL A 38 -6.43 8.58 2.07
N GLN A 39 -5.80 8.56 0.91
CA GLN A 39 -4.52 7.86 0.76
C GLN A 39 -3.51 8.44 1.76
N ASP A 40 -3.65 9.74 2.05
CA ASP A 40 -2.75 10.40 3.00
C ASP A 40 -2.79 9.67 4.33
N THR A 41 -4.00 9.32 4.78
CA THR A 41 -4.14 8.61 6.04
C THR A 41 -3.31 7.32 5.98
N ALA A 42 -3.27 6.73 4.81
CA ALA A 42 -2.50 5.51 4.61
C ALA A 42 -1.02 5.83 4.74
N ARG A 43 -0.64 7.04 4.35
CA ARG A 43 0.75 7.45 4.44
C ARG A 43 1.29 7.21 5.83
N GLY A 44 0.50 7.60 6.84
CA GLY A 44 0.91 7.40 8.23
C GLY A 44 1.20 5.93 8.49
N GLN A 45 0.32 5.06 8.00
CA GLN A 45 0.50 3.63 8.18
C GLN A 45 1.84 3.18 7.61
N ILE A 46 2.26 3.80 6.50
CA ILE A 46 3.54 3.45 5.88
C ILE A 46 4.68 3.92 6.75
N ASN A 47 4.68 5.20 7.11
CA ASN A 47 5.74 5.71 7.98
C ASN A 47 5.78 4.84 9.20
N ASP A 48 4.61 4.36 9.60
CA ASP A 48 4.47 3.49 10.76
C ASP A 48 4.98 2.09 10.44
N TYR A 49 4.53 1.55 9.32
CA TYR A 49 4.91 0.21 8.90
C TYR A 49 6.43 0.08 8.71
N ILE A 50 6.99 0.94 7.86
CA ILE A 50 8.41 0.90 7.57
C ILE A 50 9.26 1.45 8.73
N SER A 51 8.68 2.30 9.55
CA SER A 51 9.43 2.89 10.66
C SER A 51 10.10 1.81 11.51
N ARG A 52 9.29 0.99 12.16
CA ARG A 52 9.82 -0.06 13.03
C ARG A 52 9.31 -1.43 12.64
N TYR A 53 8.26 -1.46 11.83
CA TYR A 53 7.68 -2.73 11.41
C TYR A 53 8.05 -3.04 9.97
N ARG A 54 9.35 -3.22 9.72
CA ARG A 54 9.83 -3.52 8.38
C ARG A 54 9.81 -5.03 8.14
N ARG A 55 10.21 -5.79 9.16
CA ARG A 55 10.23 -7.24 9.06
C ARG A 55 10.87 -7.68 7.74
N LYS A 56 12.17 -7.96 7.79
CA LYS A 56 12.90 -8.38 6.59
C LYS A 56 13.84 -9.53 6.93
N GLY A 57 13.55 -10.70 6.37
CA GLY A 57 14.38 -11.88 6.62
C GLY A 57 13.58 -12.99 7.27
N ASP A 58 12.46 -13.36 6.65
CA ASP A 58 11.61 -14.41 7.19
C ASP A 58 10.62 -14.89 6.13
N ALA A 59 9.62 -15.65 6.57
CA ALA A 59 8.60 -16.17 5.66
C ALA A 59 9.25 -16.99 4.55
N GLY A 60 10.38 -17.62 4.87
CA GLY A 60 11.10 -18.43 3.89
C GLY A 60 11.52 -17.61 2.68
N GLY A 61 11.53 -16.28 2.85
CA GLY A 61 11.91 -15.38 1.77
C GLY A 61 10.78 -14.42 1.45
N LEU A 62 10.95 -13.16 1.80
CA LEU A 62 9.94 -12.14 1.54
C LEU A 62 9.81 -11.89 0.04
N LYS A 63 8.56 -11.76 -0.41
CA LYS A 63 8.30 -11.52 -1.83
C LYS A 63 7.24 -10.43 -1.99
N SER A 64 6.14 -10.57 -1.26
CA SER A 64 5.07 -9.59 -1.33
C SER A 64 5.52 -8.27 -0.69
N PHE A 65 6.45 -8.37 0.25
CA PHE A 65 6.98 -7.19 0.92
C PHE A 65 7.79 -6.35 -0.04
N THR A 66 8.53 -7.02 -0.91
CA THR A 66 9.37 -6.31 -1.89
C THR A 66 8.50 -5.41 -2.77
N THR A 67 7.26 -5.84 -2.99
CA THR A 67 6.34 -5.06 -3.80
C THR A 67 5.88 -3.83 -3.04
N MET A 68 5.62 -4.00 -1.75
CA MET A 68 5.17 -2.88 -0.93
C MET A 68 6.10 -1.71 -1.13
N GLN A 69 7.38 -2.00 -1.36
CA GLN A 69 8.37 -0.94 -1.57
C GLN A 69 8.29 -0.45 -3.01
N THR A 70 7.70 -1.27 -3.89
CA THR A 70 7.57 -0.90 -5.30
C THR A 70 6.41 0.06 -5.52
N ALA A 71 5.23 -0.28 -4.99
CA ALA A 71 4.06 0.59 -5.18
C ALA A 71 4.19 1.86 -4.34
N LEU A 72 4.78 1.74 -3.16
CA LEU A 72 4.94 2.90 -2.29
C LEU A 72 5.65 4.04 -3.02
N ASN A 73 6.83 3.76 -3.57
CA ASN A 73 7.59 4.77 -4.28
C ASN A 73 6.97 5.07 -5.65
N SER A 74 6.47 4.02 -6.30
CA SER A 74 5.87 4.19 -7.62
C SER A 74 4.53 4.91 -7.53
N LEU A 75 3.60 4.36 -6.73
CA LEU A 75 2.28 4.96 -6.57
C LEU A 75 2.38 6.35 -5.96
N ALA A 76 3.42 6.58 -5.15
CA ALA A 76 3.60 7.88 -4.52
C ALA A 76 4.05 8.92 -5.54
N GLY A 77 5.16 8.65 -6.21
CA GLY A 77 5.68 9.56 -7.21
C GLY A 77 4.61 9.89 -8.25
N TYR A 78 3.82 8.89 -8.62
CA TYR A 78 2.77 9.08 -9.61
C TYR A 78 1.59 9.84 -9.00
N TYR A 79 1.23 9.47 -7.77
CA TYR A 79 0.10 10.13 -7.10
C TYR A 79 0.61 11.12 -6.05
N THR A 80 1.71 11.79 -6.36
CA THR A 80 2.27 12.77 -5.43
C THR A 80 1.36 13.98 -5.31
N SER A 81 1.06 14.61 -6.44
CA SER A 81 0.18 15.78 -6.44
C SER A 81 -0.29 16.10 -7.85
N TYR A 82 0.05 15.23 -8.80
CA TYR A 82 -0.34 15.43 -10.19
C TYR A 82 -1.44 14.45 -10.57
N GLY A 83 -1.07 13.18 -10.73
CA GLY A 83 -2.03 12.16 -11.09
C GLY A 83 -3.27 12.21 -10.21
N ALA A 84 -4.41 12.48 -10.81
CA ALA A 84 -5.66 12.57 -10.07
C ALA A 84 -6.71 11.65 -10.69
N ARG A 85 -7.87 12.21 -10.95
CA ARG A 85 -8.97 11.45 -11.55
C ARG A 85 -8.44 10.38 -12.50
N PRO A 86 -7.70 10.76 -13.52
CA PRO A 86 -7.14 9.79 -14.50
C PRO A 86 -6.03 8.92 -13.88
N ILE A 87 -6.15 7.61 -14.05
CA ILE A 87 -5.16 6.69 -13.50
C ILE A 87 -4.38 6.00 -14.62
N PRO A 88 -3.23 6.53 -14.98
CA PRO A 88 -2.38 5.92 -16.05
C PRO A 88 -2.05 4.46 -15.75
N GLU A 89 -1.91 3.66 -16.81
CA GLU A 89 -1.61 2.25 -16.64
C GLU A 89 -0.51 2.04 -15.60
N LYS A 90 0.40 3.00 -15.50
CA LYS A 90 1.48 2.89 -14.53
C LYS A 90 0.92 2.75 -13.12
N LEU A 91 -0.05 3.60 -12.79
CA LEU A 91 -0.67 3.56 -11.48
C LEU A 91 -1.60 2.36 -11.41
N LYS A 92 -2.49 2.28 -12.39
CA LYS A 92 -3.43 1.19 -12.46
C LYS A 92 -2.69 -0.14 -12.52
N LYS A 93 -1.83 -0.30 -13.52
CA LYS A 93 -1.07 -1.54 -13.68
C LYS A 93 -0.25 -1.85 -12.44
N ARG A 94 0.41 -0.84 -11.89
CA ARG A 94 1.20 -1.05 -10.69
C ARG A 94 0.30 -1.33 -9.51
N LEU A 95 -0.69 -0.46 -9.31
CA LEU A 95 -1.62 -0.63 -8.21
C LEU A 95 -2.46 -1.87 -8.44
N GLN A 96 -2.74 -2.16 -9.70
CA GLN A 96 -3.51 -3.34 -10.07
C GLN A 96 -2.64 -4.56 -9.92
N LEU A 97 -1.45 -4.48 -10.49
CA LEU A 97 -0.49 -5.57 -10.39
C LEU A 97 -0.12 -5.74 -8.93
N GLU A 98 -0.04 -4.61 -8.23
CA GLU A 98 0.27 -4.65 -6.82
C GLU A 98 -0.96 -5.13 -6.06
N PHE A 99 -2.15 -4.66 -6.46
CA PHE A 99 -3.37 -5.10 -5.80
C PHE A 99 -3.57 -6.57 -6.09
N THR A 100 -3.27 -6.99 -7.30
CA THR A 100 -3.44 -8.38 -7.63
C THR A 100 -2.29 -9.16 -7.02
N GLN A 101 -1.09 -8.60 -7.12
CA GLN A 101 0.06 -9.27 -6.52
C GLN A 101 -0.08 -9.21 -5.00
N ALA A 102 -0.77 -8.18 -4.52
CA ALA A 102 -0.99 -8.03 -3.09
C ALA A 102 -2.25 -8.79 -2.67
N GLU A 103 -3.35 -8.48 -3.33
CA GLU A 103 -4.64 -9.10 -3.05
C GLU A 103 -4.73 -10.51 -3.59
N ARG A 104 -4.42 -10.68 -4.88
CA ARG A 104 -4.51 -12.02 -5.48
C ARG A 104 -3.54 -12.99 -4.83
N SER A 105 -2.39 -12.50 -4.38
CA SER A 105 -1.40 -13.36 -3.75
C SER A 105 -1.68 -13.55 -2.27
N ILE A 106 -1.90 -12.46 -1.55
CA ILE A 106 -2.18 -12.57 -0.11
C ILE A 106 -3.38 -13.47 0.14
N GLU A 107 -4.34 -13.42 -0.79
CA GLU A 107 -5.54 -14.25 -0.66
C GLU A 107 -5.17 -15.72 -0.58
N ARG A 108 -3.88 -16.01 -0.70
CA ARG A 108 -3.41 -17.39 -0.64
C ARG A 108 -2.10 -17.49 0.15
N GLY A 109 -1.02 -16.98 -0.44
CA GLY A 109 0.29 -17.02 0.22
C GLY A 109 1.35 -17.61 -0.70
N VAL A 110 1.63 -16.91 -1.80
CA VAL A 110 2.62 -17.37 -2.75
C VAL A 110 4.02 -16.92 -2.33
N CYS A 1 3.62 16.55 14.89
CA CYS A 1 3.86 16.82 13.45
C CYS A 1 3.12 15.79 12.60
N ASP A 2 3.59 15.58 11.38
CA ASP A 2 2.96 14.61 10.48
C ASP A 2 3.61 13.24 10.63
N SER A 3 3.25 12.32 9.75
CA SER A 3 3.80 10.98 9.78
C SER A 3 3.57 10.34 11.15
N GLY A 4 3.97 9.08 11.29
CA GLY A 4 3.79 8.38 12.56
C GLY A 4 2.58 7.46 12.51
N THR A 5 2.69 6.29 13.14
CA THR A 5 1.59 5.34 13.16
C THR A 5 1.58 4.53 14.45
N GLY A 6 0.52 3.77 14.66
CA GLY A 6 0.40 2.95 15.86
C GLY A 6 0.83 1.52 15.57
N LEU A 7 1.44 1.32 14.40
CA LEU A 7 1.89 -0.01 14.02
C LEU A 7 2.44 -0.76 15.23
N THR A 8 2.09 -2.04 15.33
CA THR A 8 2.54 -2.85 16.46
C THR A 8 3.72 -3.73 16.04
N GLY A 9 3.48 -4.64 15.12
CA GLY A 9 4.52 -5.55 14.65
C GLY A 9 3.98 -6.96 14.45
N ASN A 10 2.93 -7.07 13.64
CA ASN A 10 2.33 -8.38 13.36
C ASN A 10 2.91 -8.97 12.08
N TYR A 11 2.05 -9.62 11.30
CA TYR A 11 2.49 -10.22 10.04
C TYR A 11 1.35 -10.22 9.02
N SER A 12 0.83 -11.41 8.70
CA SER A 12 -0.26 -11.52 7.74
C SER A 12 -1.41 -10.59 8.13
N GLN A 13 -1.51 -10.28 9.42
CA GLN A 13 -2.56 -9.40 9.91
C GLN A 13 -2.29 -7.96 9.51
N ASP A 14 -1.13 -7.45 9.91
CA ASP A 14 -0.76 -6.07 9.59
C ASP A 14 -0.82 -5.83 8.08
N THR A 15 -0.56 -6.86 7.30
CA THR A 15 -0.59 -6.73 5.86
C THR A 15 -1.98 -6.30 5.39
N LEU A 16 -3.01 -6.99 5.87
CA LEU A 16 -4.38 -6.65 5.47
C LEU A 16 -4.70 -5.21 5.87
N THR A 17 -4.25 -4.83 7.06
CA THR A 17 -4.49 -3.48 7.56
C THR A 17 -3.88 -2.44 6.62
N VAL A 18 -2.58 -2.58 6.37
CA VAL A 18 -1.88 -1.66 5.49
C VAL A 18 -2.35 -1.81 4.04
N ILE A 19 -2.32 -3.04 3.54
CA ILE A 19 -2.75 -3.30 2.15
C ILE A 19 -4.19 -2.88 1.95
N ALA A 20 -4.97 -2.93 3.01
CA ALA A 20 -6.37 -2.56 2.87
C ALA A 20 -6.52 -1.10 2.48
N THR A 21 -5.91 -0.20 3.25
CA THR A 21 -6.00 1.23 2.97
C THR A 21 -5.32 1.58 1.65
N LEU A 22 -4.32 0.77 1.27
CA LEU A 22 -3.60 1.01 0.03
C LEU A 22 -4.45 0.60 -1.17
N ARG A 23 -4.97 -0.61 -1.12
CA ARG A 23 -5.82 -1.11 -2.20
C ARG A 23 -7.07 -0.25 -2.28
N GLU A 24 -7.45 0.32 -1.15
CA GLU A 24 -8.62 1.17 -1.11
C GLU A 24 -8.34 2.49 -1.81
N ALA A 25 -7.11 2.93 -1.73
CA ALA A 25 -6.70 4.18 -2.35
C ALA A 25 -6.86 4.12 -3.88
N ILE A 26 -6.58 2.95 -4.46
CA ILE A 26 -6.69 2.82 -5.90
C ILE A 26 -8.16 2.71 -6.32
N ASP A 27 -8.99 2.19 -5.44
CA ASP A 27 -10.41 2.05 -5.75
C ASP A 27 -11.25 1.92 -4.49
N LEU A 28 -11.20 2.93 -3.64
CA LEU A 28 -11.98 2.90 -2.40
C LEU A 28 -13.48 3.04 -2.70
N PRO A 29 -14.33 2.56 -1.84
CA PRO A 29 -15.81 2.67 -2.04
C PRO A 29 -16.23 4.08 -2.43
N GLN A 30 -17.39 4.19 -3.06
CA GLN A 30 -17.90 5.50 -3.48
C GLN A 30 -18.15 6.40 -2.27
N ASP A 31 -17.86 5.89 -1.09
CA ASP A 31 -18.05 6.66 0.14
C ASP A 31 -16.81 7.49 0.43
N ALA A 32 -15.92 7.57 -0.55
CA ALA A 32 -14.69 8.33 -0.40
C ALA A 32 -14.28 8.95 -1.74
N PRO A 33 -15.06 9.86 -2.25
CA PRO A 33 -14.76 10.52 -3.55
C PRO A 33 -13.45 11.33 -3.50
N ASN A 34 -12.54 10.89 -2.65
CA ASN A 34 -11.25 11.55 -2.50
C ASN A 34 -10.15 10.50 -2.34
N ARG A 35 -9.90 9.77 -3.42
CA ARG A 35 -8.88 8.72 -3.41
C ARG A 35 -7.56 9.29 -2.91
N GLN A 36 -7.40 10.60 -3.02
CA GLN A 36 -6.17 11.26 -2.58
C GLN A 36 -6.13 11.37 -1.06
N GLU A 37 -7.21 11.90 -0.47
CA GLU A 37 -7.27 12.06 0.97
C GLU A 37 -6.98 10.75 1.68
N VAL A 38 -7.75 9.71 1.37
CA VAL A 38 -7.54 8.41 1.99
C VAL A 38 -6.07 8.02 1.89
N GLN A 39 -5.44 8.39 0.78
CA GLN A 39 -4.04 8.08 0.57
C GLN A 39 -3.18 8.75 1.64
N ASP A 40 -3.61 9.94 2.07
CA ASP A 40 -2.87 10.66 3.10
C ASP A 40 -2.73 9.81 4.35
N THR A 41 -3.80 9.11 4.69
CA THR A 41 -3.79 8.24 5.87
C THR A 41 -2.77 7.12 5.66
N ALA A 42 -2.66 6.64 4.43
CA ALA A 42 -1.72 5.58 4.11
C ALA A 42 -0.29 6.08 4.32
N ARG A 43 -0.03 7.29 3.85
CA ARG A 43 1.30 7.90 3.99
C ARG A 43 1.76 7.82 5.44
N GLY A 44 0.80 7.82 6.36
CA GLY A 44 1.13 7.75 7.79
C GLY A 44 1.68 6.38 8.18
N GLN A 45 1.05 5.33 7.68
CA GLN A 45 1.50 3.96 7.99
C GLN A 45 2.91 3.71 7.45
N ILE A 46 3.14 4.10 6.21
CA ILE A 46 4.45 3.93 5.59
C ILE A 46 5.55 4.50 6.46
N ASN A 47 5.25 5.63 7.09
CA ASN A 47 6.21 6.27 7.96
C ASN A 47 6.71 5.27 9.00
N ASP A 48 5.77 4.65 9.72
CA ASP A 48 6.12 3.67 10.73
C ASP A 48 6.58 2.39 10.07
N TYR A 49 5.86 1.96 9.04
CA TYR A 49 6.20 0.75 8.33
C TYR A 49 7.69 0.77 7.99
N ILE A 50 8.10 1.83 7.31
CA ILE A 50 9.50 1.99 6.95
C ILE A 50 10.31 2.42 8.17
N SER A 51 9.63 3.02 9.13
CA SER A 51 10.31 3.50 10.34
C SER A 51 9.70 2.93 11.62
N ARG A 52 9.60 1.61 11.70
CA ARG A 52 9.05 0.96 12.88
C ARG A 52 8.56 -0.45 12.58
N TYR A 53 7.77 -0.58 11.53
CA TYR A 53 7.23 -1.89 11.16
C TYR A 53 7.60 -2.24 9.72
N ARG A 54 8.87 -2.53 9.49
CA ARG A 54 9.34 -2.90 8.16
C ARG A 54 9.77 -4.36 8.13
N ARG A 55 10.12 -4.85 6.95
CA ARG A 55 10.55 -6.24 6.80
C ARG A 55 9.47 -7.18 7.31
N LYS A 56 8.83 -7.89 6.38
CA LYS A 56 7.77 -8.83 6.75
C LYS A 56 8.36 -10.16 7.20
N GLY A 57 9.21 -10.74 6.36
CA GLY A 57 9.84 -12.02 6.70
C GLY A 57 11.15 -12.19 5.94
N ASP A 58 11.18 -11.69 4.70
CA ASP A 58 12.39 -11.79 3.88
C ASP A 58 13.08 -13.13 4.11
N ALA A 59 12.35 -14.21 3.83
CA ALA A 59 12.91 -15.55 4.01
C ALA A 59 14.07 -15.78 3.05
N GLY A 60 13.78 -15.76 1.75
CA GLY A 60 14.81 -15.97 0.75
C GLY A 60 14.72 -14.92 -0.36
N GLY A 61 13.50 -14.53 -0.70
CA GLY A 61 13.28 -13.54 -1.74
C GLY A 61 11.80 -13.16 -1.83
N LEU A 62 11.15 -13.05 -0.68
CA LEU A 62 9.74 -12.70 -0.64
C LEU A 62 9.41 -11.68 -1.74
N LYS A 63 8.28 -11.89 -2.41
CA LYS A 63 7.86 -10.99 -3.48
C LYS A 63 6.87 -9.96 -2.95
N SER A 64 5.96 -10.41 -2.08
CA SER A 64 4.96 -9.53 -1.51
C SER A 64 5.63 -8.33 -0.83
N PHE A 65 6.56 -8.61 0.06
CA PHE A 65 7.27 -7.54 0.77
C PHE A 65 7.90 -6.56 -0.21
N THR A 66 8.41 -7.10 -1.32
CA THR A 66 9.04 -6.26 -2.33
C THR A 66 8.02 -5.29 -2.94
N THR A 67 6.87 -5.81 -3.35
CA THR A 67 5.84 -4.98 -3.94
C THR A 67 5.41 -3.91 -2.95
N MET A 68 5.33 -4.30 -1.68
CA MET A 68 4.92 -3.36 -0.64
C MET A 68 5.73 -2.08 -0.74
N GLN A 69 7.05 -2.21 -0.84
CA GLN A 69 7.91 -1.05 -0.95
C GLN A 69 7.85 -0.47 -2.36
N THR A 70 7.42 -1.30 -3.31
CA THR A 70 7.33 -0.85 -4.69
C THR A 70 6.10 0.04 -4.89
N ALA A 71 4.95 -0.42 -4.40
CA ALA A 71 3.73 0.36 -4.53
C ALA A 71 3.75 1.58 -3.61
N LEU A 72 4.38 1.43 -2.45
CA LEU A 72 4.46 2.53 -1.50
C LEU A 72 5.07 3.77 -2.17
N ASN A 73 6.18 3.56 -2.86
CA ASN A 73 6.85 4.66 -3.54
C ASN A 73 6.06 5.10 -4.78
N SER A 74 5.56 4.13 -5.54
CA SER A 74 4.79 4.44 -6.74
C SER A 74 3.47 5.09 -6.39
N LEU A 75 2.66 4.39 -5.59
CA LEU A 75 1.37 4.91 -5.17
C LEU A 75 1.54 6.28 -4.52
N ALA A 76 2.71 6.50 -3.93
CA ALA A 76 3.00 7.78 -3.28
C ALA A 76 3.07 8.89 -4.30
N GLY A 77 3.44 8.53 -5.53
CA GLY A 77 3.54 9.50 -6.60
C GLY A 77 2.17 10.02 -7.01
N TYR A 78 1.19 9.11 -7.04
CA TYR A 78 -0.16 9.49 -7.41
C TYR A 78 -0.71 10.54 -6.45
N TYR A 79 -0.19 10.57 -5.23
CA TYR A 79 -0.63 11.52 -4.23
C TYR A 79 0.09 12.87 -4.41
N THR A 80 1.28 12.82 -5.01
CA THR A 80 2.05 14.04 -5.23
C THR A 80 1.14 15.21 -5.55
N SER A 81 0.51 15.18 -6.72
CA SER A 81 -0.40 16.24 -7.13
C SER A 81 -1.07 15.89 -8.46
N TYR A 82 -0.69 14.74 -9.02
CA TYR A 82 -1.26 14.30 -10.28
C TYR A 82 -2.76 14.58 -10.31
N GLY A 83 -3.52 13.80 -9.54
CA GLY A 83 -4.96 13.98 -9.48
C GLY A 83 -5.68 12.75 -10.04
N ALA A 84 -7.00 12.85 -10.18
CA ALA A 84 -7.79 11.74 -10.70
C ALA A 84 -7.54 11.55 -12.19
N ARG A 85 -6.28 11.69 -12.60
CA ARG A 85 -5.93 11.54 -14.00
C ARG A 85 -5.63 10.07 -14.31
N PRO A 86 -5.74 9.69 -15.56
CA PRO A 86 -5.47 8.29 -16.00
C PRO A 86 -4.27 7.69 -15.28
N ILE A 87 -4.54 6.79 -14.33
CA ILE A 87 -3.47 6.15 -13.57
C ILE A 87 -2.42 5.55 -14.52
N PRO A 88 -1.24 6.12 -14.60
CA PRO A 88 -0.16 5.61 -15.49
C PRO A 88 0.05 4.10 -15.33
N GLU A 89 0.31 3.43 -16.45
CA GLU A 89 0.54 1.99 -16.42
C GLU A 89 1.42 1.60 -15.25
N LYS A 90 2.38 2.46 -14.92
CA LYS A 90 3.28 2.19 -13.82
C LYS A 90 2.51 2.02 -12.53
N LEU A 91 1.67 3.00 -12.22
CA LEU A 91 0.85 2.95 -11.02
C LEU A 91 -0.25 1.93 -11.22
N LYS A 92 -0.92 2.04 -12.34
CA LYS A 92 -1.99 1.11 -12.64
C LYS A 92 -1.44 -0.32 -12.59
N LYS A 93 -0.42 -0.60 -13.40
CA LYS A 93 0.18 -1.93 -13.43
C LYS A 93 0.74 -2.30 -12.06
N ARG A 94 1.42 -1.35 -11.44
CA ARG A 94 1.99 -1.60 -10.12
C ARG A 94 0.86 -1.79 -9.11
N LEU A 95 0.00 -0.79 -8.98
CA LEU A 95 -1.12 -0.88 -8.06
C LEU A 95 -2.03 -2.03 -8.44
N GLN A 96 -2.18 -2.26 -9.74
CA GLN A 96 -3.03 -3.35 -10.23
C GLN A 96 -2.34 -4.67 -9.97
N LEU A 97 -1.10 -4.77 -10.45
CA LEU A 97 -0.32 -5.98 -10.24
C LEU A 97 -0.10 -6.18 -8.74
N GLU A 98 0.08 -5.06 -8.05
CA GLU A 98 0.25 -5.10 -6.60
C GLU A 98 -1.09 -5.40 -5.95
N PHE A 99 -2.13 -4.73 -6.42
CA PHE A 99 -3.47 -4.96 -5.89
C PHE A 99 -3.87 -6.39 -6.14
N THR A 100 -3.55 -6.88 -7.33
CA THR A 100 -3.87 -8.25 -7.66
C THR A 100 -2.89 -9.17 -6.98
N GLN A 101 -1.61 -8.84 -7.06
CA GLN A 101 -0.60 -9.65 -6.41
C GLN A 101 -0.86 -9.61 -4.91
N ALA A 102 -1.43 -8.51 -4.45
CA ALA A 102 -1.76 -8.35 -3.04
C ALA A 102 -3.13 -8.95 -2.76
N GLU A 103 -4.12 -8.50 -3.51
CA GLU A 103 -5.49 -8.98 -3.35
C GLU A 103 -5.67 -10.37 -3.94
N ARG A 104 -5.27 -10.54 -5.19
CA ARG A 104 -5.43 -11.84 -5.85
C ARG A 104 -4.66 -12.93 -5.10
N SER A 105 -3.52 -12.57 -4.52
CA SER A 105 -2.73 -13.56 -3.78
C SER A 105 -3.20 -13.71 -2.35
N ILE A 106 -3.36 -12.59 -1.64
CA ILE A 106 -3.81 -12.65 -0.25
C ILE A 106 -5.16 -13.36 -0.14
N GLU A 107 -6.11 -12.92 -0.95
CA GLU A 107 -7.44 -13.52 -0.94
C GLU A 107 -7.39 -14.95 -1.46
N ARG A 108 -6.20 -15.42 -1.78
CA ARG A 108 -6.02 -16.77 -2.28
C ARG A 108 -6.97 -17.03 -3.46
N GLY A 109 -6.63 -16.48 -4.62
CA GLY A 109 -7.45 -16.66 -5.80
C GLY A 109 -6.64 -17.25 -6.95
N VAL A 110 -5.32 -17.30 -6.77
CA VAL A 110 -4.44 -17.85 -7.80
C VAL A 110 -4.89 -19.25 -8.20
N CYS A 1 9.64 15.01 12.35
CA CYS A 1 8.90 15.33 13.61
C CYS A 1 7.60 14.53 13.65
N ASP A 2 7.40 13.70 12.63
CA ASP A 2 6.19 12.88 12.56
C ASP A 2 6.54 11.41 12.48
N SER A 3 7.73 11.11 11.96
CA SER A 3 8.17 9.73 11.83
C SER A 3 8.21 9.06 13.19
N GLY A 4 7.89 7.76 13.23
CA GLY A 4 7.89 7.02 14.48
C GLY A 4 6.47 6.68 14.92
N THR A 5 6.32 5.59 15.66
CA THR A 5 5.01 5.17 16.15
C THR A 5 5.15 4.01 17.13
N GLY A 6 4.18 3.11 17.11
CA GLY A 6 4.20 1.95 17.99
C GLY A 6 3.78 0.70 17.23
N LEU A 7 3.64 0.83 15.91
CA LEU A 7 3.25 -0.28 15.06
C LEU A 7 3.88 -1.59 15.56
N THR A 8 3.27 -2.70 15.18
CA THR A 8 3.76 -4.02 15.59
C THR A 8 4.03 -4.89 14.38
N GLY A 9 3.61 -4.41 13.21
CA GLY A 9 3.80 -5.15 11.97
C GLY A 9 3.55 -6.64 12.16
N ASN A 10 2.36 -6.98 12.66
CA ASN A 10 2.01 -8.38 12.88
C ASN A 10 2.23 -9.18 11.61
N TYR A 11 1.89 -10.46 11.66
CA TYR A 11 2.05 -11.33 10.51
C TYR A 11 1.17 -10.88 9.35
N SER A 12 0.60 -11.84 8.62
CA SER A 12 -0.26 -11.50 7.49
C SER A 12 -1.33 -10.52 7.93
N GLN A 13 -1.66 -10.56 9.21
CA GLN A 13 -2.68 -9.67 9.76
C GLN A 13 -2.33 -8.22 9.44
N ASP A 14 -1.11 -7.82 9.75
CA ASP A 14 -0.67 -6.46 9.51
C ASP A 14 -0.40 -6.21 8.03
N THR A 15 0.12 -7.22 7.34
CA THR A 15 0.42 -7.10 5.92
C THR A 15 -0.81 -6.66 5.13
N LEU A 16 -1.94 -7.33 5.36
CA LEU A 16 -3.17 -6.98 4.64
C LEU A 16 -3.77 -5.70 5.18
N THR A 17 -3.58 -5.44 6.48
CA THR A 17 -4.11 -4.24 7.09
C THR A 17 -3.61 -3.00 6.35
N VAL A 18 -2.29 -2.92 6.18
CA VAL A 18 -1.69 -1.79 5.49
C VAL A 18 -2.07 -1.80 4.00
N ILE A 19 -1.80 -2.93 3.35
CA ILE A 19 -2.12 -3.07 1.93
C ILE A 19 -3.58 -2.77 1.67
N ALA A 20 -4.42 -3.02 2.66
CA ALA A 20 -5.83 -2.78 2.49
C ALA A 20 -6.10 -1.30 2.20
N THR A 21 -5.31 -0.43 2.83
CA THR A 21 -5.47 1.00 2.62
C THR A 21 -5.06 1.39 1.20
N LEU A 22 -4.00 0.76 0.70
CA LEU A 22 -3.52 1.04 -0.64
C LEU A 22 -4.54 0.60 -1.68
N ARG A 23 -5.00 -0.64 -1.55
CA ARG A 23 -5.99 -1.18 -2.47
C ARG A 23 -7.29 -0.39 -2.35
N GLU A 24 -7.54 0.13 -1.16
CA GLU A 24 -8.75 0.91 -0.92
C GLU A 24 -8.59 2.31 -1.50
N ALA A 25 -7.35 2.75 -1.58
CA ALA A 25 -7.04 4.07 -2.11
C ALA A 25 -7.16 4.11 -3.63
N ILE A 26 -6.69 3.06 -4.29
CA ILE A 26 -6.75 3.01 -5.76
C ILE A 26 -8.19 3.12 -6.23
N ASP A 27 -9.11 2.56 -5.44
CA ASP A 27 -10.52 2.60 -5.81
C ASP A 27 -11.41 2.46 -4.58
N LEU A 28 -11.26 3.37 -3.63
CA LEU A 28 -12.08 3.32 -2.43
C LEU A 28 -13.56 3.45 -2.81
N PRO A 29 -14.47 3.06 -1.94
CA PRO A 29 -15.92 3.18 -2.23
C PRO A 29 -16.27 4.58 -2.72
N GLN A 30 -17.34 4.69 -3.51
CA GLN A 30 -17.74 5.98 -4.05
C GLN A 30 -18.02 6.97 -2.92
N ASP A 31 -17.82 6.53 -1.69
CA ASP A 31 -18.03 7.40 -0.54
C ASP A 31 -16.76 8.17 -0.19
N ALA A 32 -15.82 8.20 -1.14
CA ALA A 32 -14.57 8.90 -0.92
C ALA A 32 -14.03 9.45 -2.24
N PRO A 33 -14.70 10.43 -2.81
CA PRO A 33 -14.26 11.04 -4.10
C PRO A 33 -12.92 11.75 -3.96
N ASN A 34 -12.15 11.36 -2.95
CA ASN A 34 -10.84 11.95 -2.71
C ASN A 34 -9.82 10.86 -2.42
N ARG A 35 -9.56 10.03 -3.42
CA ARG A 35 -8.62 8.93 -3.28
C ARG A 35 -7.27 9.44 -2.75
N GLN A 36 -7.06 10.74 -2.87
CA GLN A 36 -5.81 11.35 -2.42
C GLN A 36 -5.79 11.50 -0.89
N GLU A 37 -6.91 11.98 -0.34
CA GLU A 37 -7.01 12.19 1.10
C GLU A 37 -6.86 10.89 1.87
N VAL A 38 -7.69 9.90 1.57
CA VAL A 38 -7.62 8.62 2.26
C VAL A 38 -6.18 8.12 2.27
N GLN A 39 -5.46 8.39 1.18
CA GLN A 39 -4.07 7.98 1.08
C GLN A 39 -3.25 8.64 2.19
N ASP A 40 -3.64 9.86 2.56
CA ASP A 40 -2.93 10.58 3.62
C ASP A 40 -2.93 9.75 4.90
N THR A 41 -4.08 9.18 5.23
CA THR A 41 -4.18 8.35 6.43
C THR A 41 -3.17 7.22 6.39
N ALA A 42 -3.00 6.65 5.20
CA ALA A 42 -2.04 5.56 5.03
C ALA A 42 -0.62 6.08 5.23
N ARG A 43 -0.39 7.33 4.82
CA ARG A 43 0.93 7.94 4.97
C ARG A 43 1.41 7.80 6.41
N GLY A 44 0.49 7.99 7.35
CA GLY A 44 0.83 7.88 8.77
C GLY A 44 1.35 6.49 9.08
N GLN A 45 0.58 5.48 8.68
CA GLN A 45 0.97 4.10 8.91
C GLN A 45 2.29 3.79 8.22
N ILE A 46 2.49 4.35 7.04
CA ILE A 46 3.74 4.13 6.29
C ILE A 46 4.93 4.50 7.14
N ASN A 47 4.92 5.71 7.70
CA ASN A 47 6.01 6.16 8.55
C ASN A 47 6.13 5.24 9.75
N ASP A 48 5.01 4.68 10.17
CA ASP A 48 5.00 3.79 11.32
C ASP A 48 5.64 2.44 10.95
N TYR A 49 5.21 1.88 9.84
CA TYR A 49 5.74 0.60 9.40
C TYR A 49 7.17 0.75 8.91
N ILE A 50 7.39 1.65 7.97
CA ILE A 50 8.73 1.87 7.42
C ILE A 50 9.64 2.63 8.37
N SER A 51 9.06 3.53 9.17
CA SER A 51 9.87 4.32 10.10
C SER A 51 9.63 3.96 11.57
N ARG A 52 9.45 2.67 11.86
CA ARG A 52 9.24 2.25 13.24
C ARG A 52 9.11 0.72 13.34
N TYR A 53 8.41 0.12 12.37
CA TYR A 53 8.25 -1.34 12.39
C TYR A 53 8.33 -1.91 10.97
N ARG A 54 9.56 -2.06 10.47
CA ARG A 54 9.77 -2.60 9.14
C ARG A 54 10.18 -4.07 9.21
N ARG A 55 10.78 -4.45 10.33
CA ARG A 55 11.22 -5.83 10.51
C ARG A 55 10.03 -6.75 10.78
N LYS A 56 9.75 -7.64 9.83
CA LYS A 56 8.64 -8.58 9.98
C LYS A 56 9.13 -10.01 9.87
N GLY A 57 8.88 -10.64 8.72
CA GLY A 57 9.30 -12.01 8.49
C GLY A 57 9.87 -12.18 7.10
N ASP A 58 10.84 -11.35 6.75
CA ASP A 58 11.47 -11.41 5.43
C ASP A 58 12.36 -12.65 5.33
N ALA A 59 11.80 -13.74 4.82
CA ALA A 59 12.55 -14.98 4.67
C ALA A 59 13.89 -14.71 3.97
N GLY A 60 13.99 -13.55 3.34
CA GLY A 60 15.21 -13.18 2.63
C GLY A 60 15.01 -13.20 1.12
N GLY A 61 13.74 -13.25 0.70
CA GLY A 61 13.43 -13.26 -0.72
C GLY A 61 11.93 -13.53 -0.95
N LEU A 62 11.11 -12.55 -0.56
CA LEU A 62 9.66 -12.69 -0.73
C LEU A 62 9.27 -12.43 -2.18
N LYS A 63 7.97 -12.36 -2.42
CA LYS A 63 7.43 -12.10 -3.74
C LYS A 63 6.31 -11.07 -3.65
N SER A 64 5.48 -11.23 -2.63
CA SER A 64 4.37 -10.31 -2.42
C SER A 64 4.86 -9.02 -1.76
N PHE A 65 5.69 -9.17 -0.72
CA PHE A 65 6.23 -8.00 -0.03
C PHE A 65 7.02 -7.12 -0.99
N THR A 66 7.73 -7.74 -1.92
CA THR A 66 8.53 -6.99 -2.89
C THR A 66 7.68 -5.92 -3.57
N THR A 67 6.45 -6.28 -3.94
CA THR A 67 5.55 -5.34 -4.58
C THR A 67 5.16 -4.25 -3.60
N MET A 68 4.97 -4.64 -2.34
CA MET A 68 4.59 -3.69 -1.30
C MET A 68 5.54 -2.50 -1.33
N GLN A 69 6.82 -2.78 -1.51
CA GLN A 69 7.82 -1.72 -1.57
C GLN A 69 7.83 -1.08 -2.95
N THR A 70 7.30 -1.79 -3.93
CA THR A 70 7.24 -1.29 -5.30
C THR A 70 6.09 -0.31 -5.45
N ALA A 71 4.90 -0.71 -5.00
CA ALA A 71 3.74 0.16 -5.10
C ALA A 71 3.86 1.33 -4.13
N LEU A 72 4.47 1.08 -2.98
CA LEU A 72 4.65 2.13 -1.98
C LEU A 72 5.34 3.34 -2.60
N ASN A 73 6.46 3.09 -3.28
CA ASN A 73 7.20 4.16 -3.92
C ASN A 73 6.48 4.66 -5.17
N SER A 74 5.92 3.73 -5.93
CA SER A 74 5.20 4.09 -7.15
C SER A 74 3.90 4.81 -6.83
N LEU A 75 3.04 4.17 -6.06
CA LEU A 75 1.76 4.76 -5.70
C LEU A 75 1.98 6.11 -5.02
N ALA A 76 3.16 6.28 -4.41
CA ALA A 76 3.48 7.52 -3.74
C ALA A 76 3.60 8.67 -4.75
N GLY A 77 4.07 8.34 -5.95
CA GLY A 77 4.22 9.34 -6.99
C GLY A 77 2.86 9.86 -7.45
N TYR A 78 1.89 8.96 -7.51
CA TYR A 78 0.55 9.33 -7.92
C TYR A 78 0.04 10.51 -7.10
N TYR A 79 0.24 10.44 -5.78
CA TYR A 79 -0.20 11.52 -4.90
C TYR A 79 0.71 12.72 -5.02
N THR A 80 1.85 12.53 -5.70
CA THR A 80 2.80 13.61 -5.89
C THR A 80 3.19 13.73 -7.36
N SER A 81 2.20 13.64 -8.24
CA SER A 81 2.44 13.74 -9.67
C SER A 81 1.16 14.03 -10.43
N TYR A 82 0.05 13.44 -9.97
CA TYR A 82 -1.24 13.64 -10.61
C TYR A 82 -2.32 13.93 -9.58
N GLY A 83 -3.21 12.96 -9.38
CA GLY A 83 -4.30 13.11 -8.42
C GLY A 83 -5.64 12.77 -9.05
N ALA A 84 -6.41 13.80 -9.39
CA ALA A 84 -7.72 13.59 -10.01
C ALA A 84 -7.56 13.40 -11.52
N ARG A 85 -6.62 12.55 -11.91
CA ARG A 85 -6.39 12.29 -13.32
C ARG A 85 -6.22 10.79 -13.56
N PRO A 86 -6.38 10.35 -14.79
CA PRO A 86 -6.25 8.90 -15.15
C PRO A 86 -5.08 8.23 -14.42
N ILE A 87 -5.10 6.90 -14.42
CA ILE A 87 -4.05 6.14 -13.75
C ILE A 87 -3.13 5.46 -14.76
N PRO A 88 -2.00 6.06 -15.08
CA PRO A 88 -1.03 5.47 -16.06
C PRO A 88 -0.78 3.99 -15.80
N GLU A 89 -0.57 3.24 -16.87
CA GLU A 89 -0.33 1.81 -16.76
C GLU A 89 0.68 1.52 -15.65
N LYS A 90 1.61 2.44 -15.42
CA LYS A 90 2.61 2.25 -14.39
C LYS A 90 1.95 2.11 -13.03
N LEU A 91 1.07 3.05 -12.71
CA LEU A 91 0.35 3.03 -11.45
C LEU A 91 -0.70 1.93 -11.52
N LYS A 92 -1.45 1.94 -12.61
CA LYS A 92 -2.47 0.95 -12.81
C LYS A 92 -1.85 -0.45 -12.75
N LYS A 93 -0.88 -0.69 -13.62
CA LYS A 93 -0.22 -2.01 -13.64
C LYS A 93 0.44 -2.31 -12.31
N ARG A 94 1.10 -1.32 -11.73
CA ARG A 94 1.74 -1.52 -10.44
C ARG A 94 0.69 -1.76 -9.38
N LEU A 95 -0.26 -0.84 -9.28
CA LEU A 95 -1.33 -0.96 -8.30
C LEU A 95 -2.21 -2.15 -8.63
N GLN A 96 -2.38 -2.42 -9.92
CA GLN A 96 -3.19 -3.56 -10.35
C GLN A 96 -2.42 -4.85 -10.10
N LEU A 97 -1.18 -4.86 -10.57
CA LEU A 97 -0.32 -6.02 -10.37
C LEU A 97 -0.07 -6.16 -8.88
N GLU A 98 0.08 -5.03 -8.19
CA GLU A 98 0.29 -5.05 -6.76
C GLU A 98 -1.02 -5.41 -6.07
N PHE A 99 -2.11 -4.79 -6.52
CA PHE A 99 -3.42 -5.07 -5.94
C PHE A 99 -3.75 -6.52 -6.16
N THR A 100 -3.43 -7.01 -7.35
CA THR A 100 -3.69 -8.38 -7.65
C THR A 100 -2.64 -9.24 -6.97
N GLN A 101 -1.38 -8.88 -7.13
CA GLN A 101 -0.32 -9.63 -6.48
C GLN A 101 -0.53 -9.57 -4.97
N ALA A 102 -1.16 -8.48 -4.52
CA ALA A 102 -1.45 -8.31 -3.11
C ALA A 102 -2.77 -8.98 -2.76
N GLU A 103 -3.81 -8.57 -3.46
CA GLU A 103 -5.15 -9.12 -3.25
C GLU A 103 -5.28 -10.53 -3.81
N ARG A 104 -4.91 -10.69 -5.08
CA ARG A 104 -5.01 -11.99 -5.72
C ARG A 104 -4.17 -13.05 -4.98
N SER A 105 -3.02 -12.63 -4.45
CA SER A 105 -2.17 -13.58 -3.74
C SER A 105 -2.59 -13.71 -2.28
N ILE A 106 -2.76 -12.59 -1.59
CA ILE A 106 -3.16 -12.64 -0.18
C ILE A 106 -4.55 -13.26 -0.04
N GLU A 107 -5.51 -12.71 -0.77
CA GLU A 107 -6.87 -13.24 -0.72
C GLU A 107 -6.93 -14.64 -1.30
N ARG A 108 -5.80 -15.09 -1.85
CA ARG A 108 -5.72 -16.42 -2.44
C ARG A 108 -6.75 -16.57 -3.56
N GLY A 109 -6.92 -15.51 -4.35
CA GLY A 109 -7.87 -15.54 -5.46
C GLY A 109 -7.44 -16.54 -6.52
N VAL A 110 -6.15 -16.90 -6.50
CA VAL A 110 -5.63 -17.84 -7.47
C VAL A 110 -6.55 -19.05 -7.62
N CYS A 1 11.31 12.13 14.03
CA CYS A 1 10.72 13.48 13.79
C CYS A 1 9.92 13.46 12.48
N ASP A 2 10.25 12.52 11.61
CA ASP A 2 9.55 12.39 10.34
C ASP A 2 9.01 10.98 10.15
N SER A 3 9.38 10.08 11.06
CA SER A 3 8.91 8.70 10.99
C SER A 3 8.81 8.10 12.39
N GLY A 4 8.18 6.94 12.48
CA GLY A 4 8.02 6.26 13.77
C GLY A 4 6.54 6.10 14.12
N THR A 5 6.20 5.00 14.79
CA THR A 5 4.82 4.75 15.17
C THR A 5 4.73 3.56 16.12
N GLY A 6 3.80 2.66 15.82
CA GLY A 6 3.58 1.47 16.62
C GLY A 6 2.38 0.69 16.10
N LEU A 7 2.44 0.35 14.81
CA LEU A 7 1.35 -0.39 14.17
C LEU A 7 0.60 -1.26 15.17
N THR A 8 1.23 -2.35 15.60
CA THR A 8 0.61 -3.25 16.56
C THR A 8 1.62 -4.28 17.06
N GLY A 9 2.55 -4.66 16.19
CA GLY A 9 3.56 -5.64 16.56
C GLY A 9 3.06 -7.06 16.31
N ASN A 10 2.17 -7.21 15.35
CA ASN A 10 1.62 -8.52 15.03
C ASN A 10 2.39 -9.16 13.88
N TYR A 11 1.67 -9.67 12.88
CA TYR A 11 2.30 -10.31 11.73
C TYR A 11 1.55 -9.97 10.45
N SER A 12 1.32 -10.98 9.62
CA SER A 12 0.60 -10.78 8.36
C SER A 12 -0.73 -10.07 8.63
N GLN A 13 -1.24 -10.23 9.84
CA GLN A 13 -2.50 -9.60 10.22
C GLN A 13 -2.47 -8.10 9.92
N ASP A 14 -1.32 -7.48 10.19
CA ASP A 14 -1.16 -6.05 9.95
C ASP A 14 -1.22 -5.74 8.46
N THR A 15 -0.59 -6.59 7.65
CA THR A 15 -0.59 -6.38 6.21
C THR A 15 -2.03 -6.27 5.69
N LEU A 16 -2.89 -7.20 6.11
CA LEU A 16 -4.28 -7.16 5.68
C LEU A 16 -4.90 -5.81 6.02
N THR A 17 -4.52 -5.27 7.18
CA THR A 17 -5.05 -3.98 7.61
C THR A 17 -4.42 -2.85 6.81
N VAL A 18 -3.10 -2.91 6.65
CA VAL A 18 -2.38 -1.87 5.90
C VAL A 18 -2.75 -1.93 4.42
N ILE A 19 -2.60 -3.11 3.82
CA ILE A 19 -2.91 -3.28 2.40
C ILE A 19 -4.38 -2.98 2.14
N ALA A 20 -5.21 -3.21 3.13
CA ALA A 20 -6.63 -2.96 2.97
C ALA A 20 -6.90 -1.47 2.76
N THR A 21 -6.27 -0.65 3.60
CA THR A 21 -6.45 0.80 3.49
C THR A 21 -5.72 1.34 2.26
N LEU A 22 -4.58 0.74 1.95
CA LEU A 22 -3.79 1.15 0.80
C LEU A 22 -4.52 0.79 -0.50
N ARG A 23 -4.95 -0.45 -0.60
CA ARG A 23 -5.66 -0.91 -1.78
C ARG A 23 -7.04 -0.29 -1.85
N GLU A 24 -7.61 0.00 -0.68
CA GLU A 24 -8.93 0.61 -0.62
C GLU A 24 -8.87 2.05 -1.07
N ALA A 25 -7.71 2.65 -0.93
CA ALA A 25 -7.50 4.05 -1.32
C ALA A 25 -7.68 4.23 -2.83
N ILE A 26 -7.02 3.38 -3.61
CA ILE A 26 -7.11 3.47 -5.06
C ILE A 26 -8.50 3.07 -5.53
N ASP A 27 -9.18 2.26 -4.72
CA ASP A 27 -10.51 1.80 -5.09
C ASP A 27 -11.50 1.97 -3.93
N LEU A 28 -11.49 3.14 -3.30
CA LEU A 28 -12.43 3.39 -2.21
C LEU A 28 -13.81 3.71 -2.77
N PRO A 29 -14.86 3.44 -2.04
CA PRO A 29 -16.24 3.72 -2.52
C PRO A 29 -16.36 5.12 -3.09
N GLN A 30 -17.14 5.26 -4.15
CA GLN A 30 -17.31 6.56 -4.79
C GLN A 30 -17.79 7.60 -3.78
N ASP A 31 -18.00 7.17 -2.54
CA ASP A 31 -18.45 8.07 -1.49
C ASP A 31 -17.25 8.75 -0.82
N ALA A 32 -16.13 8.80 -1.54
CA ALA A 32 -14.93 9.42 -1.01
C ALA A 32 -14.10 10.02 -2.14
N PRO A 33 -14.63 11.03 -2.80
CA PRO A 33 -13.92 11.71 -3.92
C PRO A 33 -12.49 12.06 -3.56
N ASN A 34 -12.14 11.84 -2.29
CA ASN A 34 -10.80 12.14 -1.82
C ASN A 34 -9.89 10.92 -2.02
N ARG A 35 -10.00 10.30 -3.19
CA ARG A 35 -9.18 9.14 -3.51
C ARG A 35 -7.71 9.47 -3.27
N GLN A 36 -7.33 10.71 -3.55
CA GLN A 36 -5.95 11.15 -3.36
C GLN A 36 -5.68 11.43 -1.88
N GLU A 37 -6.67 12.01 -1.19
CA GLU A 37 -6.53 12.33 0.23
C GLU A 37 -6.53 11.06 1.08
N VAL A 38 -7.55 10.23 0.91
CA VAL A 38 -7.64 9.00 1.68
C VAL A 38 -6.31 8.26 1.62
N GLN A 39 -5.68 8.31 0.44
CA GLN A 39 -4.39 7.66 0.26
C GLN A 39 -3.38 8.22 1.26
N ASP A 40 -3.53 9.50 1.58
CA ASP A 40 -2.63 10.15 2.52
C ASP A 40 -2.67 9.41 3.86
N THR A 41 -3.87 9.07 4.30
CA THR A 41 -4.04 8.35 5.56
C THR A 41 -3.28 7.03 5.49
N ALA A 42 -3.28 6.41 4.32
CA ALA A 42 -2.58 5.14 4.13
C ALA A 42 -1.08 5.36 4.28
N ARG A 43 -0.61 6.53 3.85
CA ARG A 43 0.81 6.84 3.95
C ARG A 43 1.27 6.72 5.40
N GLY A 44 0.43 7.17 6.33
CA GLY A 44 0.75 7.10 7.74
C GLY A 44 1.03 5.66 8.15
N GLN A 45 0.17 4.75 7.72
CA GLN A 45 0.34 3.33 8.03
C GLN A 45 1.68 2.84 7.51
N ILE A 46 2.12 3.39 6.38
CA ILE A 46 3.40 2.99 5.81
C ILE A 46 4.53 3.51 6.68
N ASN A 47 4.49 4.80 6.99
CA ASN A 47 5.50 5.37 7.85
C ASN A 47 5.57 4.53 9.11
N ASP A 48 4.39 4.04 9.52
CA ASP A 48 4.28 3.20 10.70
C ASP A 48 4.82 1.80 10.42
N TYR A 49 4.38 1.24 9.30
CA TYR A 49 4.81 -0.10 8.91
C TYR A 49 6.33 -0.18 8.78
N ILE A 50 6.88 0.69 7.94
CA ILE A 50 8.33 0.70 7.70
C ILE A 50 9.08 1.29 8.90
N SER A 51 8.39 2.11 9.69
CA SER A 51 9.03 2.72 10.85
C SER A 51 9.77 1.69 11.69
N ARG A 52 9.01 0.80 12.31
CA ARG A 52 9.60 -0.23 13.17
C ARG A 52 8.91 -1.57 12.97
N TYR A 53 7.92 -1.61 12.10
CA TYR A 53 7.19 -2.85 11.85
C TYR A 53 7.40 -3.31 10.42
N ARG A 54 8.62 -3.73 10.11
CA ARG A 54 8.94 -4.20 8.76
C ARG A 54 9.38 -5.65 8.79
N ARG A 55 9.51 -6.22 9.99
CA ARG A 55 9.94 -7.60 10.13
C ARG A 55 9.04 -8.53 9.31
N LYS A 56 9.61 -9.14 8.28
CA LYS A 56 8.85 -10.04 7.42
C LYS A 56 9.66 -11.30 7.11
N GLY A 57 9.57 -12.29 7.98
CA GLY A 57 10.30 -13.54 7.79
C GLY A 57 11.66 -13.28 7.13
N ASP A 58 12.61 -12.76 7.91
CA ASP A 58 13.93 -12.47 7.40
C ASP A 58 14.41 -13.58 6.46
N ALA A 59 14.14 -13.42 5.17
CA ALA A 59 14.53 -14.41 4.18
C ALA A 59 14.99 -13.73 2.89
N GLY A 60 15.47 -12.50 3.01
CA GLY A 60 15.94 -11.75 1.85
C GLY A 60 14.83 -10.85 1.32
N GLY A 61 13.60 -11.12 1.72
CA GLY A 61 12.46 -10.31 1.28
C GLY A 61 11.60 -11.10 0.30
N LEU A 62 10.29 -10.99 0.45
CA LEU A 62 9.36 -11.70 -0.42
C LEU A 62 8.78 -10.74 -1.47
N LYS A 63 7.84 -11.25 -2.27
CA LYS A 63 7.21 -10.43 -3.30
C LYS A 63 6.22 -9.45 -2.68
N SER A 64 5.47 -9.91 -1.69
CA SER A 64 4.49 -9.05 -1.02
C SER A 64 5.16 -7.90 -0.29
N PHE A 65 6.32 -8.18 0.31
CA PHE A 65 7.04 -7.15 1.05
C PHE A 65 7.71 -6.17 0.09
N THR A 66 8.37 -6.69 -0.93
CA THR A 66 9.05 -5.85 -1.91
C THR A 66 8.06 -4.98 -2.68
N THR A 67 6.79 -5.42 -2.73
CA THR A 67 5.77 -4.68 -3.45
C THR A 67 5.43 -3.39 -2.71
N MET A 68 5.23 -3.50 -1.40
CA MET A 68 4.88 -2.34 -0.60
C MET A 68 5.86 -1.20 -0.88
N GLN A 69 7.13 -1.55 -1.02
CA GLN A 69 8.16 -0.56 -1.31
C GLN A 69 8.15 -0.20 -2.80
N THR A 70 7.56 -1.08 -3.62
CA THR A 70 7.51 -0.83 -5.06
C THR A 70 6.41 0.16 -5.41
N ALA A 71 5.19 -0.09 -4.91
CA ALA A 71 4.09 0.82 -5.18
C ALA A 71 4.26 2.12 -4.41
N LEU A 72 4.85 2.02 -3.23
CA LEU A 72 5.07 3.19 -2.40
C LEU A 72 5.83 4.26 -3.19
N ASN A 73 6.96 3.87 -3.79
CA ASN A 73 7.76 4.79 -4.57
C ASN A 73 7.09 5.11 -5.90
N SER A 74 6.51 4.09 -6.51
CA SER A 74 5.84 4.27 -7.79
C SER A 74 4.58 5.12 -7.64
N LEU A 75 3.67 4.66 -6.79
CA LEU A 75 2.43 5.38 -6.55
C LEU A 75 2.73 6.81 -6.09
N ALA A 76 3.83 6.97 -5.36
CA ALA A 76 4.20 8.29 -4.86
C ALA A 76 4.69 9.17 -6.00
N GLY A 77 5.53 8.62 -6.86
CA GLY A 77 6.06 9.36 -7.99
C GLY A 77 4.93 9.92 -8.84
N TYR A 78 3.93 9.08 -9.09
CA TYR A 78 2.79 9.49 -9.91
C TYR A 78 1.87 10.43 -9.12
N TYR A 79 1.31 9.92 -8.04
CA TYR A 79 0.41 10.73 -7.21
C TYR A 79 1.21 11.66 -6.29
N THR A 80 2.46 11.92 -6.68
CA THR A 80 3.31 12.81 -5.88
C THR A 80 2.54 14.04 -5.42
N SER A 81 1.81 14.65 -6.36
CA SER A 81 1.03 15.85 -6.05
C SER A 81 0.35 16.38 -7.30
N TYR A 82 0.66 15.78 -8.45
CA TYR A 82 0.07 16.21 -9.71
C TYR A 82 -1.07 15.28 -10.12
N GLY A 83 -0.77 13.99 -10.21
CA GLY A 83 -1.78 13.00 -10.59
C GLY A 83 -2.82 12.85 -9.48
N ALA A 84 -3.92 13.60 -9.59
CA ALA A 84 -4.98 13.52 -8.60
C ALA A 84 -6.34 13.35 -9.28
N ARG A 85 -6.40 12.45 -10.25
CA ARG A 85 -7.63 12.20 -10.97
C ARG A 85 -7.41 11.20 -12.12
N PRO A 86 -6.42 11.44 -12.93
CA PRO A 86 -6.08 10.55 -14.08
C PRO A 86 -5.23 9.37 -13.66
N ILE A 87 -5.77 8.16 -13.78
CA ILE A 87 -5.04 6.96 -13.40
C ILE A 87 -4.74 6.12 -14.64
N PRO A 88 -3.57 6.26 -15.23
CA PRO A 88 -3.19 5.49 -16.43
C PRO A 88 -2.76 4.07 -16.09
N GLU A 89 -2.78 3.19 -17.09
CA GLU A 89 -2.39 1.80 -16.88
C GLU A 89 -1.15 1.70 -16.00
N LYS A 90 -0.27 2.68 -16.10
CA LYS A 90 0.95 2.68 -15.31
C LYS A 90 0.62 2.53 -13.83
N LEU A 91 -0.25 3.41 -13.33
CA LEU A 91 -0.64 3.35 -11.93
C LEU A 91 -1.58 2.18 -11.75
N LYS A 92 -2.64 2.17 -12.55
CA LYS A 92 -3.60 1.11 -12.48
C LYS A 92 -2.91 -0.24 -12.55
N LYS A 93 -2.16 -0.47 -13.62
CA LYS A 93 -1.44 -1.73 -13.76
C LYS A 93 -0.49 -1.95 -12.59
N ARG A 94 0.38 -1.00 -12.36
CA ARG A 94 1.33 -1.14 -11.26
C ARG A 94 0.58 -1.34 -9.94
N LEU A 95 -0.24 -0.36 -9.58
CA LEU A 95 -1.00 -0.45 -8.35
C LEU A 95 -1.87 -1.70 -8.35
N GLN A 96 -2.67 -1.87 -9.40
CA GLN A 96 -3.56 -3.03 -9.49
C GLN A 96 -2.78 -4.33 -9.54
N LEU A 97 -1.76 -4.38 -10.39
CA LEU A 97 -0.94 -5.58 -10.51
C LEU A 97 -0.20 -5.82 -9.21
N GLU A 98 0.31 -4.74 -8.63
CA GLU A 98 1.02 -4.84 -7.38
C GLU A 98 0.04 -5.07 -6.24
N PHE A 99 -1.08 -4.34 -6.27
CA PHE A 99 -2.10 -4.49 -5.27
C PHE A 99 -2.71 -5.86 -5.40
N THR A 100 -2.98 -6.27 -6.63
CA THR A 100 -3.51 -7.59 -6.84
C THR A 100 -2.45 -8.55 -6.35
N GLN A 101 -1.22 -8.32 -6.78
CA GLN A 101 -0.12 -9.15 -6.31
C GLN A 101 -0.06 -9.03 -4.80
N ALA A 102 -0.52 -7.89 -4.28
CA ALA A 102 -0.54 -7.67 -2.84
C ALA A 102 -1.69 -8.41 -2.20
N GLU A 103 -2.89 -8.13 -2.68
CA GLU A 103 -4.09 -8.78 -2.15
C GLU A 103 -4.23 -10.20 -2.68
N ARG A 104 -4.15 -10.34 -3.99
CA ARG A 104 -4.27 -11.64 -4.62
C ARG A 104 -3.29 -12.64 -4.04
N SER A 105 -2.02 -12.25 -3.94
CA SER A 105 -1.00 -13.14 -3.39
C SER A 105 -1.19 -13.30 -1.89
N ILE A 106 -1.54 -12.20 -1.21
CA ILE A 106 -1.74 -12.26 0.24
C ILE A 106 -2.77 -13.33 0.59
N GLU A 107 -3.85 -13.38 -0.19
CA GLU A 107 -4.91 -14.35 0.05
C GLU A 107 -4.39 -15.77 -0.17
N ARG A 108 -4.25 -16.14 -1.43
CA ARG A 108 -3.76 -17.48 -1.77
C ARG A 108 -3.36 -17.54 -3.24
N GLY A 109 -2.68 -16.50 -3.71
CA GLY A 109 -2.24 -16.45 -5.09
C GLY A 109 -0.80 -16.92 -5.23
N VAL A 110 -0.47 -18.03 -4.59
CA VAL A 110 0.87 -18.57 -4.64
C VAL A 110 0.85 -20.09 -4.56
N CYS A 1 3.07 12.96 8.75
CA CYS A 1 4.17 12.84 7.75
C CYS A 1 5.46 12.43 8.48
N ASP A 2 5.39 12.41 9.80
CA ASP A 2 6.56 12.03 10.60
C ASP A 2 6.72 10.52 10.64
N SER A 3 7.92 10.05 10.32
CA SER A 3 8.19 8.61 10.32
C SER A 3 8.15 8.06 11.75
N GLY A 4 7.80 6.79 11.86
CA GLY A 4 7.72 6.16 13.18
C GLY A 4 6.29 6.11 13.68
N THR A 5 5.98 5.10 14.50
CA THR A 5 4.64 4.95 15.04
C THR A 5 4.59 3.83 16.08
N GLY A 6 3.49 3.08 16.08
CA GLY A 6 3.33 1.97 17.02
C GLY A 6 2.46 0.87 16.44
N LEU A 7 2.63 0.61 15.15
CA LEU A 7 1.85 -0.42 14.48
C LEU A 7 2.01 -1.76 15.20
N THR A 8 1.71 -2.86 14.52
CA THR A 8 1.83 -4.18 15.12
C THR A 8 2.69 -5.10 14.26
N GLY A 9 2.77 -4.78 12.97
CA GLY A 9 3.56 -5.58 12.05
C GLY A 9 3.50 -7.06 12.41
N ASN A 10 2.32 -7.51 12.82
CA ASN A 10 2.14 -8.91 13.20
C ASN A 10 2.56 -9.83 12.06
N TYR A 11 1.75 -9.86 11.00
CA TYR A 11 2.04 -10.70 9.85
C TYR A 11 1.03 -10.44 8.73
N SER A 12 0.45 -11.50 8.19
CA SER A 12 -0.53 -11.35 7.13
C SER A 12 -1.63 -10.40 7.56
N GLN A 13 -1.94 -10.40 8.85
CA GLN A 13 -2.98 -9.52 9.38
C GLN A 13 -2.58 -8.06 9.22
N ASP A 14 -1.37 -7.73 9.65
CA ASP A 14 -0.88 -6.37 9.54
C ASP A 14 -0.52 -6.04 8.10
N THR A 15 -0.13 -7.07 7.35
CA THR A 15 0.23 -6.88 5.94
C THR A 15 -1.00 -6.54 5.11
N LEU A 16 -2.06 -7.31 5.27
CA LEU A 16 -3.28 -7.08 4.52
C LEU A 16 -3.97 -5.82 5.00
N THR A 17 -3.76 -5.48 6.27
CA THR A 17 -4.37 -4.28 6.84
C THR A 17 -3.82 -3.03 6.15
N VAL A 18 -2.50 -2.91 6.13
CA VAL A 18 -1.87 -1.76 5.49
C VAL A 18 -2.14 -1.78 4.00
N ILE A 19 -1.80 -2.87 3.34
CA ILE A 19 -2.02 -3.01 1.90
C ILE A 19 -3.48 -2.78 1.58
N ALA A 20 -4.34 -3.09 2.53
CA ALA A 20 -5.76 -2.89 2.30
C ALA A 20 -6.06 -1.41 2.20
N THR A 21 -5.40 -0.61 3.02
CA THR A 21 -5.59 0.83 2.98
C THR A 21 -5.20 1.34 1.60
N LEU A 22 -4.09 0.80 1.08
CA LEU A 22 -3.62 1.16 -0.24
C LEU A 22 -4.68 0.83 -1.28
N ARG A 23 -5.19 -0.40 -1.20
CA ARG A 23 -6.23 -0.85 -2.12
C ARG A 23 -7.35 0.18 -2.14
N GLU A 24 -7.59 0.78 -0.98
CA GLU A 24 -8.65 1.77 -0.85
C GLU A 24 -8.29 3.04 -1.60
N ALA A 25 -7.02 3.38 -1.56
CA ALA A 25 -6.54 4.60 -2.23
C ALA A 25 -6.71 4.51 -3.75
N ILE A 26 -6.48 3.32 -4.30
CA ILE A 26 -6.60 3.14 -5.75
C ILE A 26 -8.06 3.09 -6.17
N ASP A 27 -8.94 2.63 -5.28
CA ASP A 27 -10.35 2.53 -5.62
C ASP A 27 -11.22 2.43 -4.38
N LEU A 28 -11.09 3.40 -3.48
CA LEU A 28 -11.89 3.39 -2.26
C LEU A 28 -13.37 3.41 -2.61
N PRO A 29 -14.21 2.92 -1.75
CA PRO A 29 -15.68 2.92 -1.99
C PRO A 29 -16.20 4.32 -2.26
N GLN A 30 -17.27 4.41 -3.05
CA GLN A 30 -17.84 5.71 -3.39
C GLN A 30 -18.26 6.47 -2.13
N ASP A 31 -18.00 5.88 -0.97
CA ASP A 31 -18.35 6.50 0.29
C ASP A 31 -17.16 7.30 0.83
N ALA A 32 -16.18 7.55 -0.03
CA ALA A 32 -14.99 8.29 0.38
C ALA A 32 -14.35 8.96 -0.84
N PRO A 33 -14.95 9.99 -1.36
CA PRO A 33 -14.40 10.70 -2.55
C PRO A 33 -13.10 11.44 -2.21
N ASN A 34 -12.41 10.95 -1.19
CA ASN A 34 -11.16 11.55 -0.76
C ASN A 34 -9.98 10.65 -1.11
N ARG A 35 -9.92 10.24 -2.37
CA ARG A 35 -8.85 9.36 -2.82
C ARG A 35 -7.49 9.97 -2.47
N GLN A 36 -7.43 11.29 -2.49
CA GLN A 36 -6.19 11.98 -2.15
C GLN A 36 -5.97 11.97 -0.64
N GLU A 37 -7.01 12.35 0.10
CA GLU A 37 -6.93 12.37 1.56
C GLU A 37 -6.72 10.96 2.10
N VAL A 38 -7.62 10.05 1.74
CA VAL A 38 -7.51 8.68 2.20
C VAL A 38 -6.09 8.17 1.95
N GLN A 39 -5.56 8.50 0.77
CA GLN A 39 -4.21 8.09 0.41
C GLN A 39 -3.22 8.63 1.45
N ASP A 40 -3.46 9.86 1.90
CA ASP A 40 -2.58 10.45 2.90
C ASP A 40 -2.52 9.56 4.14
N THR A 41 -3.68 9.18 4.64
CA THR A 41 -3.74 8.31 5.81
C THR A 41 -2.98 7.02 5.54
N ALA A 42 -3.12 6.50 4.32
CA ALA A 42 -2.43 5.28 3.93
C ALA A 42 -0.92 5.49 4.04
N ARG A 43 -0.47 6.68 3.63
CA ARG A 43 0.95 7.00 3.69
C ARG A 43 1.44 6.91 5.13
N GLY A 44 0.59 7.33 6.06
CA GLY A 44 0.94 7.28 7.48
C GLY A 44 1.21 5.85 7.90
N GLN A 45 0.26 4.97 7.59
CA GLN A 45 0.41 3.55 7.93
C GLN A 45 1.65 2.98 7.28
N ILE A 46 1.98 3.47 6.08
CA ILE A 46 3.16 2.99 5.36
C ILE A 46 4.42 3.27 6.16
N ASN A 47 4.59 4.51 6.59
CA ASN A 47 5.76 4.88 7.36
C ASN A 47 5.77 4.10 8.67
N ASP A 48 4.58 3.74 9.15
CA ASP A 48 4.45 3.00 10.39
C ASP A 48 4.89 1.55 10.21
N TYR A 49 4.36 0.91 9.17
CA TYR A 49 4.67 -0.48 8.90
C TYR A 49 6.11 -0.64 8.39
N ILE A 50 6.42 0.11 7.34
CA ILE A 50 7.74 0.06 6.73
C ILE A 50 8.79 0.78 7.58
N SER A 51 8.38 1.84 8.27
CA SER A 51 9.35 2.61 9.07
C SER A 51 9.09 2.50 10.57
N ARG A 52 8.71 1.32 11.05
CA ARG A 52 8.48 1.14 12.48
C ARG A 52 8.08 -0.30 12.79
N TYR A 53 7.28 -0.91 11.91
CA TYR A 53 6.85 -2.28 12.13
C TYR A 53 6.98 -3.09 10.85
N ARG A 54 8.22 -3.52 10.56
CA ARG A 54 8.48 -4.31 9.37
C ARG A 54 9.26 -5.57 9.71
N ARG A 55 10.54 -5.40 10.04
CA ARG A 55 11.38 -6.54 10.39
C ARG A 55 10.59 -7.57 11.21
N LYS A 56 11.02 -8.82 11.16
CA LYS A 56 10.35 -9.88 11.90
C LYS A 56 11.21 -11.15 11.92
N GLY A 57 12.19 -11.20 11.03
CA GLY A 57 13.08 -12.35 10.95
C GLY A 57 13.08 -12.94 9.55
N ASP A 58 12.34 -12.30 8.63
CA ASP A 58 12.27 -12.77 7.26
C ASP A 58 12.13 -14.29 7.22
N ALA A 59 10.88 -14.76 7.19
CA ALA A 59 10.62 -16.19 7.15
C ALA A 59 11.51 -16.88 6.12
N GLY A 60 11.10 -16.84 4.86
CA GLY A 60 11.87 -17.46 3.79
C GLY A 60 12.04 -16.51 2.61
N GLY A 61 12.37 -15.26 2.91
CA GLY A 61 12.57 -14.26 1.87
C GLY A 61 11.26 -13.53 1.56
N LEU A 62 10.65 -12.96 2.58
CA LEU A 62 9.39 -12.24 2.41
C LEU A 62 9.38 -11.50 1.07
N LYS A 63 8.33 -11.70 0.30
CA LYS A 63 8.20 -11.05 -0.99
C LYS A 63 7.31 -9.81 -0.89
N SER A 64 6.42 -9.82 0.10
CA SER A 64 5.52 -8.70 0.31
C SER A 64 6.30 -7.40 0.50
N PHE A 65 7.40 -7.49 1.26
CA PHE A 65 8.23 -6.32 1.53
C PHE A 65 8.69 -5.69 0.22
N THR A 66 9.12 -6.53 -0.72
CA THR A 66 9.58 -6.04 -2.01
C THR A 66 8.49 -5.23 -2.70
N THR A 67 7.30 -5.82 -2.79
CA THR A 67 6.19 -5.13 -3.43
C THR A 67 5.80 -3.91 -2.63
N MET A 68 5.84 -4.03 -1.30
CA MET A 68 5.49 -2.90 -0.45
C MET A 68 6.28 -1.68 -0.87
N GLN A 69 7.53 -1.90 -1.28
CA GLN A 69 8.37 -0.81 -1.74
C GLN A 69 7.96 -0.39 -3.15
N THR A 70 7.54 -1.37 -3.95
CA THR A 70 7.11 -1.08 -5.30
C THR A 70 5.88 -0.18 -5.28
N ALA A 71 4.90 -0.55 -4.47
CA ALA A 71 3.68 0.25 -4.36
C ALA A 71 3.99 1.60 -3.72
N LEU A 72 4.95 1.60 -2.80
CA LEU A 72 5.33 2.85 -2.13
C LEU A 72 5.68 3.91 -3.17
N ASN A 73 6.62 3.59 -4.04
CA ASN A 73 7.04 4.52 -5.08
C ASN A 73 5.86 4.85 -6.00
N SER A 74 5.03 3.84 -6.26
CA SER A 74 3.87 4.02 -7.13
C SER A 74 2.92 5.08 -6.57
N LEU A 75 2.43 4.84 -5.36
CA LEU A 75 1.52 5.79 -4.73
C LEU A 75 2.07 7.20 -4.86
N ALA A 76 3.32 7.36 -4.45
CA ALA A 76 3.98 8.66 -4.52
C ALA A 76 3.73 9.31 -5.88
N GLY A 77 3.93 8.54 -6.94
CA GLY A 77 3.72 9.05 -8.28
C GLY A 77 2.29 9.56 -8.44
N TYR A 78 1.35 8.86 -7.84
CA TYR A 78 -0.06 9.25 -7.91
C TYR A 78 -0.32 10.47 -7.03
N TYR A 79 0.60 10.73 -6.10
CA TYR A 79 0.45 11.87 -5.20
C TYR A 79 1.05 13.12 -5.83
N THR A 80 2.21 12.97 -6.47
CA THR A 80 2.88 14.09 -7.11
C THR A 80 1.96 14.75 -8.13
N SER A 81 1.26 13.93 -8.90
CA SER A 81 0.35 14.44 -9.92
C SER A 81 -0.80 15.21 -9.27
N TYR A 82 -1.93 15.25 -9.96
CA TYR A 82 -3.10 15.96 -9.44
C TYR A 82 -4.26 14.99 -9.23
N GLY A 83 -3.97 13.70 -9.28
CA GLY A 83 -5.00 12.69 -9.09
C GLY A 83 -6.22 12.99 -9.96
N ALA A 84 -7.33 12.31 -9.67
CA ALA A 84 -8.55 12.51 -10.43
C ALA A 84 -8.24 12.71 -11.91
N ARG A 85 -7.32 11.88 -12.42
CA ARG A 85 -6.94 11.98 -13.83
C ARG A 85 -6.56 10.60 -14.36
N PRO A 86 -6.66 10.38 -15.65
CA PRO A 86 -6.31 9.09 -16.27
C PRO A 86 -5.04 8.48 -15.67
N ILE A 87 -5.22 7.47 -14.83
CA ILE A 87 -4.09 6.83 -14.18
C ILE A 87 -3.21 6.12 -15.22
N PRO A 88 -1.91 6.35 -15.20
CA PRO A 88 -0.98 5.69 -16.16
C PRO A 88 -0.72 4.23 -15.81
N GLU A 89 -0.60 3.39 -16.83
CA GLU A 89 -0.36 1.97 -16.61
C GLU A 89 0.73 1.77 -15.56
N LYS A 90 1.43 2.84 -15.22
CA LYS A 90 2.48 2.77 -14.22
C LYS A 90 1.87 2.61 -12.83
N LEU A 91 1.10 3.60 -12.43
CA LEU A 91 0.44 3.58 -11.14
C LEU A 91 -0.70 2.60 -11.18
N LYS A 92 -1.32 2.48 -12.36
CA LYS A 92 -2.41 1.55 -12.55
C LYS A 92 -1.91 0.12 -12.44
N LYS A 93 -0.89 -0.22 -13.24
CA LYS A 93 -0.35 -1.57 -13.21
C LYS A 93 0.43 -1.80 -11.93
N ARG A 94 0.99 -0.74 -11.37
CA ARG A 94 1.75 -0.89 -10.12
C ARG A 94 0.79 -1.11 -8.96
N LEU A 95 -0.22 -0.25 -8.86
CA LEU A 95 -1.19 -0.39 -7.78
C LEU A 95 -2.13 -1.54 -8.08
N GLN A 96 -2.36 -1.82 -9.37
CA GLN A 96 -3.23 -2.93 -9.76
C GLN A 96 -2.48 -4.24 -9.62
N LEU A 97 -1.18 -4.21 -9.91
CA LEU A 97 -0.36 -5.41 -9.78
C LEU A 97 -0.14 -5.65 -8.30
N GLU A 98 -0.01 -4.55 -7.56
CA GLU A 98 0.18 -4.64 -6.13
C GLU A 98 -1.14 -5.01 -5.47
N PHE A 99 -2.24 -4.50 -6.02
CA PHE A 99 -3.57 -4.81 -5.46
C PHE A 99 -4.00 -6.20 -5.88
N THR A 100 -3.66 -6.59 -7.10
CA THR A 100 -4.01 -7.92 -7.56
C THR A 100 -3.08 -8.92 -6.90
N GLN A 101 -1.82 -8.52 -6.77
CA GLN A 101 -0.83 -9.38 -6.13
C GLN A 101 -1.10 -9.40 -4.62
N ALA A 102 -1.44 -8.25 -4.07
CA ALA A 102 -1.73 -8.13 -2.64
C ALA A 102 -3.02 -8.87 -2.35
N GLU A 103 -4.02 -8.64 -3.18
CA GLU A 103 -5.31 -9.28 -2.98
C GLU A 103 -5.25 -10.76 -3.32
N ARG A 104 -4.74 -11.08 -4.50
CA ARG A 104 -4.64 -12.46 -4.94
C ARG A 104 -3.66 -13.26 -4.09
N SER A 105 -2.43 -12.77 -3.96
CA SER A 105 -1.43 -13.48 -3.18
C SER A 105 -1.89 -13.68 -1.73
N ILE A 106 -2.30 -12.60 -1.07
CA ILE A 106 -2.75 -12.74 0.33
C ILE A 106 -3.98 -13.64 0.41
N GLU A 107 -4.81 -13.62 -0.62
CA GLU A 107 -6.01 -14.45 -0.64
C GLU A 107 -5.65 -15.92 -0.78
N ARG A 108 -4.61 -16.19 -1.58
CA ARG A 108 -4.17 -17.56 -1.80
C ARG A 108 -2.74 -17.74 -1.32
N GLY A 109 -1.79 -17.56 -2.22
CA GLY A 109 -0.38 -17.71 -1.89
C GLY A 109 0.40 -18.40 -3.00
N VAL A 110 0.02 -18.08 -4.24
CA VAL A 110 0.68 -18.67 -5.41
C VAL A 110 1.13 -20.10 -5.11
N CYS A 1 2.59 13.96 14.39
CA CYS A 1 3.91 13.53 13.86
C CYS A 1 3.74 12.19 13.15
N ASP A 2 4.24 12.11 11.92
CA ASP A 2 4.14 10.88 11.14
C ASP A 2 5.28 9.92 11.50
N SER A 3 6.44 10.13 10.90
CA SER A 3 7.59 9.28 11.17
C SER A 3 7.62 8.87 12.64
N GLY A 4 7.39 7.59 12.90
CA GLY A 4 7.39 7.08 14.26
C GLY A 4 5.97 6.74 14.72
N THR A 5 5.84 5.65 15.47
CA THR A 5 4.53 5.22 15.95
C THR A 5 4.65 4.06 16.93
N GLY A 6 3.69 3.16 16.89
CA GLY A 6 3.69 1.99 17.77
C GLY A 6 3.07 0.79 17.08
N LEU A 7 3.19 0.76 15.75
CA LEU A 7 2.63 -0.33 14.96
C LEU A 7 3.09 -1.68 15.51
N THR A 8 2.86 -2.74 14.73
CA THR A 8 3.26 -4.08 15.15
C THR A 8 4.14 -4.73 14.09
N GLY A 9 4.10 -4.19 12.87
CA GLY A 9 4.91 -4.72 11.78
C GLY A 9 4.92 -6.25 11.81
N ASN A 10 3.74 -6.84 11.98
CA ASN A 10 3.64 -8.29 12.01
C ASN A 10 3.84 -8.89 10.63
N TYR A 11 3.37 -10.12 10.44
CA TYR A 11 3.52 -10.80 9.15
C TYR A 11 2.35 -10.46 8.23
N SER A 12 1.66 -11.50 7.76
CA SER A 12 0.52 -11.31 6.86
C SER A 12 -0.48 -10.33 7.47
N GLN A 13 -0.67 -10.43 8.79
CA GLN A 13 -1.59 -9.54 9.48
C GLN A 13 -1.28 -8.08 9.16
N ASP A 14 -0.04 -7.68 9.36
CA ASP A 14 0.39 -6.31 9.10
C ASP A 14 0.49 -6.07 7.60
N THR A 15 0.81 -7.12 6.84
CA THR A 15 0.95 -6.99 5.40
C THR A 15 -0.37 -6.59 4.74
N LEU A 16 -1.44 -7.30 5.09
CA LEU A 16 -2.75 -7.00 4.52
C LEU A 16 -3.35 -5.74 5.12
N THR A 17 -3.07 -5.51 6.40
CA THR A 17 -3.63 -4.34 7.09
C THR A 17 -3.25 -3.03 6.39
N VAL A 18 -1.95 -2.80 6.25
CA VAL A 18 -1.48 -1.57 5.60
C VAL A 18 -1.80 -1.55 4.12
N ILE A 19 -1.43 -2.61 3.42
CA ILE A 19 -1.69 -2.69 1.98
C ILE A 19 -3.17 -2.63 1.69
N ALA A 20 -3.98 -3.09 2.63
CA ALA A 20 -5.42 -3.07 2.42
C ALA A 20 -5.90 -1.64 2.20
N THR A 21 -5.33 -0.71 2.96
CA THR A 21 -5.70 0.69 2.83
C THR A 21 -5.38 1.17 1.42
N LEU A 22 -4.28 0.66 0.86
CA LEU A 22 -3.88 1.03 -0.48
C LEU A 22 -4.88 0.51 -1.50
N ARG A 23 -5.20 -0.78 -1.39
CA ARG A 23 -6.17 -1.40 -2.29
C ARG A 23 -7.47 -0.62 -2.24
N GLU A 24 -7.75 -0.05 -1.08
CA GLU A 24 -8.97 0.73 -0.91
C GLU A 24 -8.83 2.10 -1.56
N ALA A 25 -7.64 2.65 -1.46
CA ALA A 25 -7.35 3.98 -2.01
C ALA A 25 -7.50 3.99 -3.53
N ILE A 26 -7.07 2.91 -4.20
CA ILE A 26 -7.17 2.83 -5.64
C ILE A 26 -8.61 2.65 -6.10
N ASP A 27 -9.42 2.02 -5.25
CA ASP A 27 -10.81 1.80 -5.60
C ASP A 27 -11.68 1.60 -4.35
N LEU A 28 -11.68 2.59 -3.47
CA LEU A 28 -12.49 2.50 -2.25
C LEU A 28 -13.98 2.60 -2.61
N PRO A 29 -14.83 2.03 -1.80
CA PRO A 29 -16.31 2.07 -2.03
C PRO A 29 -16.81 3.50 -2.19
N GLN A 30 -17.94 3.66 -2.87
CA GLN A 30 -18.52 4.98 -3.07
C GLN A 30 -18.82 5.66 -1.74
N ASP A 31 -18.49 4.97 -0.64
CA ASP A 31 -18.74 5.51 0.69
C ASP A 31 -17.55 6.36 1.14
N ALA A 32 -16.62 6.61 0.22
CA ALA A 32 -15.45 7.41 0.55
C ALA A 32 -14.97 8.18 -0.68
N PRO A 33 -15.69 9.20 -1.07
CA PRO A 33 -15.33 10.03 -2.25
C PRO A 33 -14.01 10.77 -2.04
N ASN A 34 -13.19 10.27 -1.13
CA ASN A 34 -11.90 10.88 -0.84
C ASN A 34 -10.77 9.91 -1.20
N ARG A 35 -10.77 9.47 -2.45
CA ARG A 35 -9.75 8.54 -2.93
C ARG A 35 -8.36 9.09 -2.66
N GLN A 36 -8.18 10.38 -2.92
CA GLN A 36 -6.88 11.01 -2.69
C GLN A 36 -6.63 11.27 -1.21
N GLU A 37 -7.71 11.48 -0.46
CA GLU A 37 -7.58 11.75 0.97
C GLU A 37 -7.37 10.45 1.75
N VAL A 38 -8.26 9.48 1.56
CA VAL A 38 -8.12 8.21 2.25
C VAL A 38 -6.71 7.67 2.07
N GLN A 39 -6.15 7.92 0.89
CA GLN A 39 -4.80 7.47 0.59
C GLN A 39 -3.81 8.10 1.58
N ASP A 40 -4.11 9.31 2.02
CA ASP A 40 -3.25 10.00 2.97
C ASP A 40 -3.19 9.25 4.29
N THR A 41 -4.33 8.70 4.71
CA THR A 41 -4.39 7.95 5.96
C THR A 41 -3.38 6.81 5.93
N ALA A 42 -3.21 6.21 4.75
CA ALA A 42 -2.27 5.12 4.59
C ALA A 42 -0.84 5.60 4.79
N ARG A 43 -0.58 6.83 4.33
CA ARG A 43 0.75 7.41 4.47
C ARG A 43 1.23 7.34 5.92
N GLY A 44 0.32 7.65 6.84
CA GLY A 44 0.66 7.62 8.26
C GLY A 44 1.14 6.23 8.66
N GLN A 45 0.34 5.22 8.33
CA GLN A 45 0.69 3.83 8.65
C GLN A 45 2.02 3.45 8.01
N ILE A 46 2.25 3.92 6.79
CA ILE A 46 3.49 3.64 6.09
C ILE A 46 4.68 4.10 6.92
N ASN A 47 4.63 5.34 7.38
CA ASN A 47 5.69 5.88 8.21
C ASN A 47 5.79 5.09 9.50
N ASP A 48 4.65 4.56 9.94
CA ASP A 48 4.60 3.79 11.16
C ASP A 48 5.24 2.42 10.98
N TYR A 49 4.87 1.73 9.91
CA TYR A 49 5.40 0.41 9.64
C TYR A 49 6.85 0.51 9.15
N ILE A 50 7.05 1.34 8.12
CA ILE A 50 8.38 1.51 7.54
C ILE A 50 9.30 2.37 8.43
N SER A 51 8.74 3.35 9.14
CA SER A 51 9.56 4.23 9.96
C SER A 51 9.37 3.99 11.47
N ARG A 52 9.11 2.75 11.86
CA ARG A 52 8.94 2.44 13.28
C ARG A 52 8.88 0.93 13.49
N TYR A 53 8.23 0.22 12.58
CA TYR A 53 8.14 -1.24 12.69
C TYR A 53 8.53 -1.91 11.37
N ARG A 54 9.60 -1.41 10.76
CA ARG A 54 10.06 -1.97 9.50
C ARG A 54 10.32 -3.47 9.62
N ARG A 55 10.86 -3.88 10.77
CA ARG A 55 11.15 -5.28 11.00
C ARG A 55 9.97 -6.15 10.58
N LYS A 56 10.26 -7.21 9.83
CA LYS A 56 9.22 -8.12 9.37
C LYS A 56 9.69 -9.56 9.43
N GLY A 57 9.09 -10.41 8.60
CA GLY A 57 9.46 -11.83 8.58
C GLY A 57 10.85 -12.01 7.98
N ASP A 58 10.98 -11.74 6.68
CA ASP A 58 12.25 -11.88 5.99
C ASP A 58 12.69 -13.33 5.98
N ALA A 59 11.73 -14.25 6.09
CA ALA A 59 12.03 -15.67 6.08
C ALA A 59 13.14 -15.98 5.08
N GLY A 60 12.75 -16.20 3.83
CA GLY A 60 13.72 -16.50 2.78
C GLY A 60 13.11 -16.28 1.40
N GLY A 61 12.83 -15.02 1.07
CA GLY A 61 12.25 -14.70 -0.23
C GLY A 61 11.19 -13.63 -0.08
N LEU A 62 10.08 -13.98 0.58
CA LEU A 62 8.99 -13.04 0.79
C LEU A 62 8.82 -12.14 -0.44
N LYS A 63 7.90 -12.53 -1.33
CA LYS A 63 7.65 -11.76 -2.53
C LYS A 63 6.54 -10.73 -2.30
N SER A 64 5.88 -10.85 -1.14
CA SER A 64 4.80 -9.92 -0.80
C SER A 64 5.37 -8.56 -0.40
N PHE A 65 6.44 -8.59 0.38
CA PHE A 65 7.07 -7.34 0.83
C PHE A 65 7.87 -6.71 -0.30
N THR A 66 8.52 -7.53 -1.11
CA THR A 66 9.32 -7.03 -2.22
C THR A 66 8.49 -6.11 -3.11
N THR A 67 7.22 -6.45 -3.30
CA THR A 67 6.34 -5.63 -4.14
C THR A 67 6.11 -4.27 -3.49
N MET A 68 5.90 -4.28 -2.18
CA MET A 68 5.67 -3.04 -1.46
C MET A 68 6.77 -2.04 -1.79
N GLN A 69 8.02 -2.47 -1.66
CA GLN A 69 9.15 -1.60 -1.96
C GLN A 69 9.13 -1.20 -3.43
N THR A 70 8.53 -2.04 -4.26
CA THR A 70 8.46 -1.76 -5.70
C THR A 70 7.33 -0.77 -6.00
N ALA A 71 6.13 -1.06 -5.50
CA ALA A 71 4.99 -0.18 -5.74
C ALA A 71 5.05 1.07 -4.87
N LEU A 72 5.58 0.93 -3.65
CA LEU A 72 5.66 2.06 -2.73
C LEU A 72 6.35 3.25 -3.40
N ASN A 73 7.52 3.00 -3.99
CA ASN A 73 8.26 4.07 -4.64
C ASN A 73 7.40 4.73 -5.72
N SER A 74 6.76 3.90 -6.54
CA SER A 74 5.90 4.42 -7.62
C SER A 74 4.62 5.02 -7.05
N LEU A 75 4.13 4.46 -5.95
CA LEU A 75 2.93 4.95 -5.32
C LEU A 75 2.98 6.46 -5.14
N ALA A 76 3.81 6.87 -4.21
CA ALA A 76 3.98 8.29 -3.92
C ALA A 76 4.13 9.08 -5.21
N GLY A 77 4.65 8.43 -6.24
CA GLY A 77 4.84 9.08 -7.53
C GLY A 77 3.53 9.67 -8.02
N TYR A 78 2.42 8.97 -7.74
CA TYR A 78 1.10 9.43 -8.16
C TYR A 78 0.68 10.63 -7.32
N TYR A 79 0.66 10.45 -6.01
CA TYR A 79 0.27 11.52 -5.10
C TYR A 79 1.05 12.79 -5.38
N THR A 80 2.18 12.64 -6.08
CA THR A 80 3.01 13.79 -6.41
C THR A 80 3.24 13.88 -7.92
N SER A 81 2.16 14.12 -8.66
CA SER A 81 2.25 14.23 -10.11
C SER A 81 0.87 14.42 -10.73
N TYR A 82 -0.12 13.76 -10.15
CA TYR A 82 -1.49 13.86 -10.65
C TYR A 82 -2.44 14.31 -9.55
N GLY A 83 -3.04 13.34 -8.86
CA GLY A 83 -3.98 13.64 -7.79
C GLY A 83 -5.38 13.16 -8.14
N ALA A 84 -6.02 13.86 -9.07
CA ALA A 84 -7.37 13.49 -9.50
C ALA A 84 -7.41 13.33 -11.02
N ARG A 85 -6.61 12.43 -11.54
CA ARG A 85 -6.57 12.18 -12.97
C ARG A 85 -6.29 10.71 -13.26
N PRO A 86 -6.66 10.24 -14.43
CA PRO A 86 -6.43 8.82 -14.84
C PRO A 86 -5.08 8.30 -14.38
N ILE A 87 -5.09 7.42 -13.39
CA ILE A 87 -3.85 6.85 -12.86
C ILE A 87 -3.03 6.21 -13.99
N PRO A 88 -1.85 6.71 -14.29
CA PRO A 88 -0.99 6.14 -15.35
C PRO A 88 -0.93 4.61 -15.30
N GLU A 89 -0.70 3.98 -16.44
CA GLU A 89 -0.61 2.54 -16.50
C GLU A 89 0.43 2.01 -15.52
N LYS A 90 1.55 2.71 -15.42
CA LYS A 90 2.61 2.30 -14.50
C LYS A 90 2.07 2.19 -13.09
N LEU A 91 1.32 3.20 -12.65
CA LEU A 91 0.74 3.19 -11.33
C LEU A 91 -0.43 2.23 -11.31
N LYS A 92 -1.37 2.46 -12.22
CA LYS A 92 -2.52 1.59 -12.31
C LYS A 92 -2.06 0.16 -12.41
N LYS A 93 -1.26 -0.14 -13.43
CA LYS A 93 -0.75 -1.50 -13.61
C LYS A 93 -0.02 -1.96 -12.36
N ARG A 94 1.01 -1.23 -11.98
CA ARG A 94 1.79 -1.60 -10.81
C ARG A 94 0.91 -1.75 -9.58
N LEU A 95 0.19 -0.69 -9.24
CA LEU A 95 -0.68 -0.72 -8.07
C LEU A 95 -1.83 -1.70 -8.28
N GLN A 96 -2.53 -1.57 -9.40
CA GLN A 96 -3.66 -2.47 -9.67
C GLN A 96 -3.19 -3.91 -9.78
N LEU A 97 -2.04 -4.12 -10.42
CA LEU A 97 -1.51 -5.47 -10.56
C LEU A 97 -0.94 -5.92 -9.21
N GLU A 98 -0.21 -5.02 -8.56
CA GLU A 98 0.35 -5.33 -7.26
C GLU A 98 -0.78 -5.44 -6.25
N PHE A 99 -1.81 -4.62 -6.44
CA PHE A 99 -2.96 -4.64 -5.56
C PHE A 99 -3.84 -5.80 -5.95
N THR A 100 -4.00 -6.01 -7.25
CA THR A 100 -4.80 -7.13 -7.71
C THR A 100 -4.08 -8.40 -7.32
N GLN A 101 -2.75 -8.34 -7.38
CA GLN A 101 -1.94 -9.48 -6.97
C GLN A 101 -2.02 -9.61 -5.46
N ALA A 102 -1.75 -8.50 -4.77
CA ALA A 102 -1.82 -8.50 -3.31
C ALA A 102 -3.24 -8.79 -2.86
N GLU A 103 -4.20 -8.29 -3.62
CA GLU A 103 -5.61 -8.51 -3.29
C GLU A 103 -6.03 -9.90 -3.70
N ARG A 104 -5.78 -10.23 -4.97
CA ARG A 104 -6.16 -11.54 -5.48
C ARG A 104 -5.33 -12.66 -4.85
N SER A 105 -4.03 -12.41 -4.68
CA SER A 105 -3.16 -13.43 -4.10
C SER A 105 -3.40 -13.60 -2.60
N ILE A 106 -3.32 -12.51 -1.84
CA ILE A 106 -3.53 -12.59 -0.41
C ILE A 106 -4.94 -13.08 -0.10
N GLU A 107 -5.87 -12.80 -0.99
CA GLU A 107 -7.26 -13.22 -0.80
C GLU A 107 -7.36 -14.74 -0.88
N ARG A 108 -6.26 -15.39 -1.25
CA ARG A 108 -6.25 -16.84 -1.35
C ARG A 108 -7.45 -17.33 -2.16
N GLY A 109 -7.64 -16.76 -3.34
CA GLY A 109 -8.75 -17.15 -4.19
C GLY A 109 -8.25 -17.86 -5.45
N VAL A 110 -6.94 -18.02 -5.55
CA VAL A 110 -6.36 -18.69 -6.71
C VAL A 110 -7.23 -19.86 -7.16
N CYS A 1 3.14 14.79 11.31
CA CYS A 1 2.35 15.30 10.16
C CYS A 1 2.77 14.55 8.89
N ASP A 2 4.05 14.24 8.79
CA ASP A 2 4.55 13.53 7.62
C ASP A 2 4.42 12.02 7.80
N SER A 3 4.89 11.52 8.93
CA SER A 3 4.81 10.09 9.21
C SER A 3 3.54 9.76 10.00
N GLY A 4 3.08 8.52 9.88
CA GLY A 4 1.87 8.10 10.59
C GLY A 4 1.99 6.65 11.04
N THR A 5 1.06 6.21 11.88
CA THR A 5 1.09 4.84 12.36
C THR A 5 -0.30 4.31 12.68
N GLY A 6 -0.33 3.20 13.42
CA GLY A 6 -1.58 2.56 13.78
C GLY A 6 -1.47 1.07 13.48
N LEU A 7 -0.22 0.58 13.48
CA LEU A 7 0.06 -0.81 13.20
C LEU A 7 0.16 -1.60 14.50
N THR A 8 1.17 -2.48 14.60
CA THR A 8 1.37 -3.28 15.81
C THR A 8 2.34 -4.43 15.55
N GLY A 9 3.25 -4.24 14.62
CA GLY A 9 4.23 -5.28 14.30
C GLY A 9 3.57 -6.65 14.20
N ASN A 10 2.69 -6.81 13.21
CA ASN A 10 2.00 -8.07 13.01
C ASN A 10 2.38 -8.69 11.67
N TYR A 11 1.82 -9.86 11.37
CA TYR A 11 2.12 -10.54 10.12
C TYR A 11 0.99 -10.34 9.12
N SER A 12 0.40 -11.46 8.67
CA SER A 12 -0.69 -11.40 7.70
C SER A 12 -1.78 -10.44 8.19
N GLN A 13 -2.07 -10.48 9.49
CA GLN A 13 -3.09 -9.62 10.07
C GLN A 13 -2.82 -8.16 9.71
N ASP A 14 -1.63 -7.68 10.02
CA ASP A 14 -1.27 -6.29 9.73
C ASP A 14 -1.04 -6.10 8.23
N THR A 15 -0.45 -7.11 7.59
CA THR A 15 -0.15 -7.03 6.18
C THR A 15 -1.42 -6.79 5.34
N LEU A 16 -2.47 -7.58 5.61
CA LEU A 16 -3.71 -7.44 4.86
C LEU A 16 -4.47 -6.19 5.28
N THR A 17 -4.40 -5.85 6.56
CA THR A 17 -5.11 -4.66 7.05
C THR A 17 -4.60 -3.42 6.33
N VAL A 18 -3.30 -3.17 6.43
CA VAL A 18 -2.70 -2.00 5.80
C VAL A 18 -2.92 -2.05 4.28
N ILE A 19 -2.57 -3.17 3.66
CA ILE A 19 -2.74 -3.32 2.23
C ILE A 19 -4.16 -3.05 1.83
N ALA A 20 -5.10 -3.53 2.64
CA ALA A 20 -6.51 -3.35 2.32
C ALA A 20 -6.83 -1.87 2.15
N THR A 21 -6.39 -1.06 3.10
CA THR A 21 -6.65 0.38 3.01
C THR A 21 -5.95 0.96 1.79
N LEU A 22 -4.84 0.35 1.40
CA LEU A 22 -4.10 0.81 0.23
C LEU A 22 -4.83 0.48 -1.06
N ARG A 23 -5.23 -0.79 -1.20
CA ARG A 23 -5.97 -1.20 -2.39
C ARG A 23 -7.22 -0.34 -2.50
N GLU A 24 -7.73 0.07 -1.35
CA GLU A 24 -8.92 0.91 -1.31
C GLU A 24 -8.57 2.31 -1.78
N ALA A 25 -7.34 2.71 -1.50
CA ALA A 25 -6.88 4.04 -1.90
C ALA A 25 -6.88 4.20 -3.41
N ILE A 26 -6.42 3.19 -4.13
CA ILE A 26 -6.38 3.27 -5.59
C ILE A 26 -7.78 3.15 -6.17
N ASP A 27 -8.65 2.42 -5.48
CA ASP A 27 -10.02 2.25 -5.97
C ASP A 27 -11.02 2.09 -4.84
N LEU A 28 -11.07 3.08 -3.96
CA LEU A 28 -12.01 3.03 -2.84
C LEU A 28 -13.45 3.20 -3.36
N PRO A 29 -14.42 2.69 -2.64
CA PRO A 29 -15.84 2.82 -3.03
C PRO A 29 -16.19 4.27 -3.38
N GLN A 30 -17.26 4.45 -4.14
CA GLN A 30 -17.67 5.81 -4.52
C GLN A 30 -18.17 6.57 -3.30
N ASP A 31 -18.08 5.93 -2.14
CA ASP A 31 -18.52 6.56 -0.90
C ASP A 31 -17.37 7.35 -0.26
N ALA A 32 -16.24 7.39 -0.96
CA ALA A 32 -15.08 8.12 -0.46
C ALA A 32 -14.43 8.92 -1.58
N PRO A 33 -15.07 9.97 -2.01
CA PRO A 33 -14.54 10.85 -3.09
C PRO A 33 -13.23 11.53 -2.70
N ASN A 34 -12.51 10.90 -1.76
CA ASN A 34 -11.24 11.46 -1.29
C ASN A 34 -10.12 10.44 -1.48
N ARG A 35 -9.96 9.96 -2.71
CA ARG A 35 -8.91 9.00 -3.01
C ARG A 35 -7.55 9.52 -2.54
N GLN A 36 -7.41 10.84 -2.55
CA GLN A 36 -6.16 11.47 -2.11
C GLN A 36 -6.05 11.45 -0.59
N GLU A 37 -7.14 11.82 0.08
CA GLU A 37 -7.15 11.85 1.55
C GLU A 37 -6.95 10.44 2.12
N VAL A 38 -7.83 9.52 1.73
CA VAL A 38 -7.71 8.15 2.22
C VAL A 38 -6.30 7.64 1.97
N GLN A 39 -5.74 8.01 0.83
CA GLN A 39 -4.39 7.60 0.47
C GLN A 39 -3.39 8.21 1.45
N ASP A 40 -3.67 9.43 1.90
CA ASP A 40 -2.79 10.10 2.85
C ASP A 40 -2.64 9.26 4.11
N THR A 41 -3.77 8.84 4.68
CA THR A 41 -3.74 8.01 5.87
C THR A 41 -2.93 6.75 5.61
N ALA A 42 -3.15 6.14 4.45
CA ALA A 42 -2.44 4.93 4.09
C ALA A 42 -0.93 5.18 4.14
N ARG A 43 -0.50 6.29 3.55
CA ARG A 43 0.92 6.65 3.55
C ARG A 43 1.45 6.69 4.97
N GLY A 44 0.62 7.17 5.90
CA GLY A 44 1.01 7.25 7.30
C GLY A 44 1.37 5.87 7.83
N GLN A 45 0.48 4.91 7.63
CA GLN A 45 0.71 3.55 8.10
C GLN A 45 2.01 3.01 7.50
N ILE A 46 2.28 3.36 6.25
CA ILE A 46 3.49 2.91 5.58
C ILE A 46 4.71 3.58 6.19
N ASN A 47 4.59 4.87 6.51
CA ASN A 47 5.71 5.58 7.12
C ASN A 47 6.17 4.82 8.34
N ASP A 48 5.22 4.38 9.14
CA ASP A 48 5.52 3.62 10.35
C ASP A 48 5.97 2.20 9.99
N TYR A 49 5.19 1.54 9.13
CA TYR A 49 5.53 0.18 8.71
C TYR A 49 6.99 0.12 8.31
N ILE A 50 7.37 0.97 7.36
CA ILE A 50 8.74 1.01 6.89
C ILE A 50 9.64 1.71 7.90
N SER A 51 9.06 2.57 8.74
CA SER A 51 9.85 3.32 9.71
C SER A 51 9.36 3.12 11.15
N ARG A 52 9.20 1.87 11.57
CA ARG A 52 8.78 1.59 12.94
C ARG A 52 8.30 0.14 13.09
N TYR A 53 7.44 -0.30 12.18
CA TYR A 53 6.92 -1.65 12.26
C TYR A 53 7.20 -2.43 10.97
N ARG A 54 8.47 -2.76 10.75
CA ARG A 54 8.85 -3.50 9.56
C ARG A 54 9.27 -4.92 9.92
N ARG A 55 8.31 -5.83 9.90
CA ARG A 55 8.57 -7.23 10.24
C ARG A 55 7.62 -8.15 9.49
N LYS A 56 8.18 -9.12 8.77
CA LYS A 56 7.35 -10.07 8.03
C LYS A 56 8.13 -11.34 7.73
N GLY A 57 9.19 -11.58 8.50
CA GLY A 57 10.01 -12.76 8.31
C GLY A 57 10.76 -12.70 6.99
N ASP A 58 11.50 -11.61 6.79
CA ASP A 58 12.27 -11.45 5.55
C ASP A 58 13.40 -12.46 5.47
N ALA A 59 13.12 -13.61 4.89
CA ALA A 59 14.12 -14.67 4.75
C ALA A 59 15.27 -14.19 3.87
N GLY A 60 14.97 -13.92 2.61
CA GLY A 60 15.98 -13.45 1.67
C GLY A 60 15.46 -13.47 0.24
N GLY A 61 14.19 -13.12 0.08
CA GLY A 61 13.57 -13.10 -1.24
C GLY A 61 12.07 -12.87 -1.13
N LEU A 62 11.63 -12.41 0.03
CA LEU A 62 10.21 -12.15 0.25
C LEU A 62 9.58 -11.53 -0.98
N LYS A 63 8.30 -11.84 -1.21
CA LYS A 63 7.58 -11.30 -2.36
C LYS A 63 6.52 -10.32 -1.91
N SER A 64 6.12 -10.43 -0.64
CA SER A 64 5.10 -9.54 -0.09
C SER A 64 5.70 -8.17 0.21
N PHE A 65 6.76 -8.15 1.00
CA PHE A 65 7.42 -6.89 1.35
C PHE A 65 7.99 -6.23 0.11
N THR A 66 8.59 -7.03 -0.76
CA THR A 66 9.17 -6.50 -1.99
C THR A 66 8.14 -5.68 -2.76
N THR A 67 6.91 -6.16 -2.79
CA THR A 67 5.84 -5.44 -3.48
C THR A 67 5.51 -4.16 -2.73
N MET A 68 5.41 -4.26 -1.41
CA MET A 68 5.09 -3.09 -0.60
C MET A 68 6.03 -1.95 -0.97
N GLN A 69 7.25 -2.31 -1.37
CA GLN A 69 8.24 -1.32 -1.76
C GLN A 69 7.96 -0.84 -3.19
N THR A 70 7.55 -1.75 -4.05
CA THR A 70 7.25 -1.41 -5.43
C THR A 70 6.03 -0.49 -5.49
N ALA A 71 4.95 -0.88 -4.80
CA ALA A 71 3.75 -0.07 -4.77
C ALA A 71 4.01 1.24 -4.06
N LEU A 72 4.87 1.20 -3.03
CA LEU A 72 5.19 2.40 -2.28
C LEU A 72 5.68 3.50 -3.23
N ASN A 73 6.72 3.18 -4.00
CA ASN A 73 7.27 4.13 -4.95
C ASN A 73 6.21 4.56 -5.95
N SER A 74 5.42 3.59 -6.41
CA SER A 74 4.36 3.88 -7.37
C SER A 74 3.40 4.93 -6.82
N LEU A 75 2.87 4.68 -5.62
CA LEU A 75 1.96 5.61 -5.00
C LEU A 75 2.50 7.02 -5.10
N ALA A 76 3.72 7.16 -4.60
CA ALA A 76 4.39 8.46 -4.61
C ALA A 76 4.24 9.12 -5.97
N GLY A 77 4.55 8.39 -7.03
CA GLY A 77 4.43 8.92 -8.38
C GLY A 77 3.03 9.50 -8.60
N TYR A 78 2.02 8.82 -8.07
CA TYR A 78 0.64 9.27 -8.21
C TYR A 78 0.41 10.51 -7.35
N TYR A 79 1.08 10.56 -6.21
CA TYR A 79 0.95 11.69 -5.29
C TYR A 79 1.69 12.91 -5.84
N THR A 80 2.65 12.66 -6.73
CA THR A 80 3.42 13.74 -7.34
C THR A 80 2.58 14.48 -8.37
N SER A 81 2.73 15.80 -8.43
CA SER A 81 1.97 16.60 -9.38
C SER A 81 0.49 16.48 -9.12
N TYR A 82 0.13 16.01 -7.92
CA TYR A 82 -1.26 15.84 -7.54
C TYR A 82 -1.99 14.96 -8.56
N GLY A 83 -2.11 13.68 -8.22
CA GLY A 83 -2.80 12.74 -9.11
C GLY A 83 -4.10 13.33 -9.64
N ALA A 84 -5.21 12.95 -9.02
CA ALA A 84 -6.51 13.44 -9.44
C ALA A 84 -6.60 13.47 -10.97
N ARG A 85 -6.18 12.37 -11.59
CA ARG A 85 -6.21 12.27 -13.04
C ARG A 85 -5.97 10.83 -13.48
N PRO A 86 -6.35 10.48 -14.68
CA PRO A 86 -6.17 9.10 -15.21
C PRO A 86 -4.82 8.50 -14.82
N ILE A 87 -4.85 7.60 -13.85
CA ILE A 87 -3.62 6.95 -13.37
C ILE A 87 -2.91 6.23 -14.52
N PRO A 88 -1.75 6.71 -14.94
CA PRO A 88 -0.98 6.07 -16.05
C PRO A 88 -0.88 4.56 -15.89
N GLU A 89 -0.98 3.84 -17.01
CA GLU A 89 -0.88 2.38 -16.99
C GLU A 89 0.28 1.94 -16.09
N LYS A 90 1.18 2.85 -15.80
CA LYS A 90 2.32 2.54 -14.95
C LYS A 90 1.88 2.37 -13.51
N LEU A 91 1.32 3.44 -12.94
CA LEU A 91 0.85 3.40 -11.57
C LEU A 91 -0.42 2.59 -11.51
N LYS A 92 -1.22 2.68 -12.56
CA LYS A 92 -2.46 1.95 -12.63
C LYS A 92 -2.15 0.47 -12.67
N LYS A 93 -1.32 0.04 -13.61
CA LYS A 93 -0.98 -1.37 -13.72
C LYS A 93 -0.08 -1.80 -12.57
N ARG A 94 0.74 -0.90 -12.09
CA ARG A 94 1.64 -1.24 -10.97
C ARG A 94 0.86 -1.36 -9.68
N LEU A 95 0.02 -0.37 -9.40
CA LEU A 95 -0.77 -0.39 -8.16
C LEU A 95 -1.96 -1.32 -8.32
N GLN A 96 -2.50 -1.44 -9.54
CA GLN A 96 -3.64 -2.32 -9.76
C GLN A 96 -3.17 -3.76 -9.83
N LEU A 97 -2.01 -3.98 -10.43
CA LEU A 97 -1.48 -5.33 -10.51
C LEU A 97 -0.90 -5.70 -9.16
N GLU A 98 -0.34 -4.70 -8.47
CA GLU A 98 0.21 -4.92 -7.15
C GLU A 98 -0.91 -5.08 -6.15
N PHE A 99 -1.98 -4.30 -6.32
CA PHE A 99 -3.12 -4.41 -5.42
C PHE A 99 -4.03 -5.54 -5.84
N THR A 100 -3.98 -5.91 -7.12
CA THR A 100 -4.79 -7.02 -7.60
C THR A 100 -4.05 -8.31 -7.29
N GLN A 101 -2.73 -8.25 -7.42
CA GLN A 101 -1.89 -9.40 -7.11
C GLN A 101 -1.79 -9.53 -5.61
N ALA A 102 -1.79 -8.40 -4.91
CA ALA A 102 -1.74 -8.42 -3.45
C ALA A 102 -3.12 -8.73 -2.92
N GLU A 103 -4.15 -8.24 -3.61
CA GLU A 103 -5.51 -8.53 -3.19
C GLU A 103 -5.78 -10.01 -3.39
N ARG A 104 -5.44 -10.49 -4.58
CA ARG A 104 -5.64 -11.90 -4.91
C ARG A 104 -4.68 -12.79 -4.11
N SER A 105 -3.43 -12.34 -3.97
CA SER A 105 -2.43 -13.12 -3.24
C SER A 105 -2.71 -13.10 -1.74
N ILE A 106 -2.87 -11.91 -1.17
CA ILE A 106 -3.13 -11.79 0.27
C ILE A 106 -4.34 -12.63 0.65
N GLU A 107 -5.26 -12.81 -0.29
CA GLU A 107 -6.46 -13.60 -0.04
C GLU A 107 -6.10 -15.05 0.27
N ARG A 108 -4.93 -15.47 -0.20
CA ARG A 108 -4.47 -16.84 0.02
C ARG A 108 -5.58 -17.83 -0.31
N GLY A 109 -5.99 -17.85 -1.57
CA GLY A 109 -7.04 -18.77 -2.01
C GLY A 109 -6.75 -19.31 -3.41
N VAL A 110 -5.47 -19.36 -3.76
CA VAL A 110 -5.06 -19.86 -5.06
C VAL A 110 -5.22 -21.38 -5.13
N CYS A 1 6.42 17.71 11.04
CA CYS A 1 6.24 16.26 11.36
C CYS A 1 4.89 15.79 10.82
N ASP A 2 4.85 15.44 9.55
CA ASP A 2 3.61 14.97 8.93
C ASP A 2 3.52 13.45 9.01
N SER A 3 4.64 12.80 9.30
CA SER A 3 4.66 11.35 9.40
C SER A 3 3.82 10.89 10.58
N GLY A 4 3.78 9.57 10.80
CA GLY A 4 3.01 9.02 11.90
C GLY A 4 3.21 7.51 11.99
N THR A 5 3.26 6.99 13.22
CA THR A 5 3.47 5.56 13.41
C THR A 5 2.57 5.02 14.52
N GLY A 6 2.89 3.81 14.98
CA GLY A 6 2.11 3.16 16.02
C GLY A 6 1.41 1.92 15.48
N LEU A 7 2.14 1.14 14.69
CA LEU A 7 1.58 -0.07 14.09
C LEU A 7 1.03 -0.99 15.19
N THR A 8 1.05 -2.30 14.94
CA THR A 8 0.55 -3.26 15.91
C THR A 8 1.63 -4.28 16.25
N GLY A 9 2.62 -4.41 15.36
CA GLY A 9 3.71 -5.35 15.58
C GLY A 9 3.27 -6.78 15.28
N ASN A 10 2.80 -7.00 14.05
CA ASN A 10 2.34 -8.34 13.65
C ASN A 10 3.18 -8.86 12.49
N TYR A 11 2.78 -10.00 11.95
CA TYR A 11 3.52 -10.60 10.83
C TYR A 11 2.69 -10.53 9.55
N SER A 12 2.13 -11.67 9.16
CA SER A 12 1.31 -11.74 7.95
C SER A 12 0.02 -10.95 8.14
N GLN A 13 -0.55 -11.03 9.33
CA GLN A 13 -1.79 -10.32 9.63
C GLN A 13 -1.67 -8.84 9.29
N ASP A 14 -0.47 -8.29 9.49
CA ASP A 14 -0.24 -6.87 9.20
C ASP A 14 -0.28 -6.61 7.70
N THR A 15 0.35 -7.48 6.93
CA THR A 15 0.39 -7.33 5.47
C THR A 15 -1.03 -7.14 4.92
N LEU A 16 -1.94 -8.01 5.35
CA LEU A 16 -3.33 -7.93 4.89
C LEU A 16 -3.92 -6.57 5.22
N THR A 17 -3.55 -6.02 6.37
CA THR A 17 -4.06 -4.73 6.79
C THR A 17 -3.44 -3.61 5.97
N VAL A 18 -2.11 -3.64 5.84
CA VAL A 18 -1.40 -2.62 5.09
C VAL A 18 -1.62 -2.78 3.58
N ILE A 19 -1.42 -4.00 3.08
CA ILE A 19 -1.60 -4.27 1.66
C ILE A 19 -2.95 -3.80 1.17
N ALA A 20 -3.96 -3.95 2.00
CA ALA A 20 -5.30 -3.55 1.60
C ALA A 20 -5.44 -2.02 1.54
N THR A 21 -5.12 -1.35 2.65
CA THR A 21 -5.27 0.11 2.71
C THR A 21 -4.43 0.84 1.68
N LEU A 22 -3.13 0.55 1.63
CA LEU A 22 -2.24 1.22 0.69
C LEU A 22 -2.73 1.08 -0.74
N ARG A 23 -3.00 -0.14 -1.16
CA ARG A 23 -3.48 -0.40 -2.51
C ARG A 23 -4.92 0.08 -2.67
N GLU A 24 -5.67 0.05 -1.57
CA GLU A 24 -7.07 0.48 -1.62
C GLU A 24 -7.16 2.00 -1.71
N ALA A 25 -6.20 2.67 -1.09
CA ALA A 25 -6.15 4.13 -1.09
C ALA A 25 -6.20 4.68 -2.51
N ILE A 26 -5.51 4.01 -3.43
CA ILE A 26 -5.49 4.44 -4.82
C ILE A 26 -6.72 3.94 -5.56
N ASP A 27 -7.17 2.76 -5.15
CA ASP A 27 -8.31 2.12 -5.77
C ASP A 27 -9.65 2.72 -5.32
N LEU A 28 -9.63 3.55 -4.28
CA LEU A 28 -10.85 4.15 -3.78
C LEU A 28 -11.79 4.52 -4.93
N PRO A 29 -12.82 3.73 -5.18
CA PRO A 29 -13.79 4.00 -6.27
C PRO A 29 -14.30 5.44 -6.23
N GLN A 30 -14.86 5.89 -7.35
CA GLN A 30 -15.39 7.26 -7.45
C GLN A 30 -16.29 7.59 -6.25
N ASP A 31 -16.48 6.62 -5.35
CA ASP A 31 -17.32 6.84 -4.18
C ASP A 31 -16.50 7.45 -3.06
N ALA A 32 -15.19 7.56 -3.28
CA ALA A 32 -14.30 8.14 -2.27
C ALA A 32 -13.21 8.96 -2.97
N PRO A 33 -13.60 9.98 -3.69
CA PRO A 33 -12.65 10.86 -4.42
C PRO A 33 -11.46 11.24 -3.55
N ASN A 34 -11.56 10.91 -2.27
CA ASN A 34 -10.49 11.22 -1.32
C ASN A 34 -9.32 10.25 -1.51
N ARG A 35 -9.14 9.76 -2.73
CA ARG A 35 -8.05 8.84 -3.00
C ARG A 35 -6.74 9.43 -2.50
N GLN A 36 -6.56 10.73 -2.74
CA GLN A 36 -5.36 11.42 -2.30
C GLN A 36 -5.41 11.71 -0.80
N GLU A 37 -6.60 12.03 -0.31
CA GLU A 37 -6.77 12.33 1.10
C GLU A 37 -6.69 11.07 1.95
N VAL A 38 -7.54 10.10 1.65
CA VAL A 38 -7.51 8.85 2.40
C VAL A 38 -6.11 8.27 2.35
N GLN A 39 -5.46 8.42 1.19
CA GLN A 39 -4.10 7.94 1.03
C GLN A 39 -3.20 8.55 2.09
N ASP A 40 -3.49 9.80 2.46
CA ASP A 40 -2.69 10.48 3.48
C ASP A 40 -2.69 9.65 4.76
N THR A 41 -3.87 9.19 5.17
CA THR A 41 -3.98 8.38 6.36
C THR A 41 -3.07 7.16 6.24
N ALA A 42 -2.97 6.64 5.02
CA ALA A 42 -2.12 5.48 4.77
C ALA A 42 -0.65 5.87 4.95
N ARG A 43 -0.34 7.12 4.64
CA ARG A 43 1.03 7.61 4.78
C ARG A 43 1.53 7.31 6.19
N GLY A 44 0.69 7.58 7.19
CA GLY A 44 1.06 7.31 8.57
C GLY A 44 1.39 5.84 8.74
N GLN A 45 0.54 4.98 8.20
CA GLN A 45 0.76 3.55 8.27
C GLN A 45 2.11 3.22 7.65
N ILE A 46 2.35 3.76 6.46
CA ILE A 46 3.62 3.54 5.77
C ILE A 46 4.75 3.96 6.69
N ASN A 47 4.61 5.14 7.28
CA ASN A 47 5.60 5.64 8.21
C ASN A 47 5.65 4.73 9.43
N ASP A 48 4.52 4.09 9.70
CA ASP A 48 4.41 3.19 10.83
C ASP A 48 5.14 1.88 10.57
N TYR A 49 4.88 1.28 9.42
CA TYR A 49 5.52 0.03 9.08
C TYR A 49 6.99 0.24 8.75
N ILE A 50 7.25 1.14 7.80
CA ILE A 50 8.61 1.41 7.36
C ILE A 50 9.40 2.26 8.37
N SER A 51 8.72 3.14 9.10
CA SER A 51 9.44 4.01 10.04
C SER A 51 9.15 3.70 11.52
N ARG A 52 8.85 2.46 11.83
CA ARG A 52 8.58 2.10 13.23
C ARG A 52 8.57 0.59 13.42
N TYR A 53 8.00 -0.12 12.45
CA TYR A 53 7.93 -1.57 12.54
C TYR A 53 8.45 -2.21 11.24
N ARG A 54 9.48 -1.62 10.66
CA ARG A 54 10.06 -2.15 9.43
C ARG A 54 10.38 -3.63 9.58
N ARG A 55 10.29 -4.14 10.80
CA ARG A 55 10.56 -5.55 11.06
C ARG A 55 9.27 -6.34 11.18
N LYS A 56 9.20 -7.46 10.47
CA LYS A 56 8.01 -8.30 10.51
C LYS A 56 8.39 -9.78 10.46
N GLY A 57 9.65 -10.05 10.14
CA GLY A 57 10.12 -11.43 10.08
C GLY A 57 10.98 -11.65 8.83
N ASP A 58 10.33 -11.62 7.66
CA ASP A 58 11.04 -11.82 6.41
C ASP A 58 11.69 -13.21 6.38
N ALA A 59 11.04 -14.15 5.70
CA ALA A 59 11.56 -15.50 5.60
C ALA A 59 12.50 -15.64 4.42
N GLY A 60 13.60 -14.89 4.45
CA GLY A 60 14.58 -14.94 3.38
C GLY A 60 13.89 -15.12 2.02
N GLY A 61 13.02 -14.18 1.67
CA GLY A 61 12.31 -14.24 0.41
C GLY A 61 11.19 -13.21 0.36
N LEU A 62 9.99 -13.63 0.74
CA LEU A 62 8.83 -12.74 0.74
C LEU A 62 8.89 -11.78 -0.45
N LYS A 63 8.30 -12.20 -1.56
CA LYS A 63 8.29 -11.36 -2.75
C LYS A 63 7.19 -10.31 -2.67
N SER A 64 6.22 -10.55 -1.79
CA SER A 64 5.12 -9.61 -1.62
C SER A 64 5.64 -8.28 -1.06
N PHE A 65 6.43 -8.37 0.01
CA PHE A 65 6.99 -7.17 0.63
C PHE A 65 7.79 -6.36 -0.39
N THR A 66 8.49 -7.07 -1.27
CA THR A 66 9.30 -6.40 -2.29
C THR A 66 8.42 -5.52 -3.17
N THR A 67 7.17 -5.92 -3.35
CA THR A 67 6.25 -5.14 -4.17
C THR A 67 5.83 -3.88 -3.44
N MET A 68 5.62 -4.00 -2.13
CA MET A 68 5.22 -2.86 -1.34
C MET A 68 6.16 -1.69 -1.63
N GLN A 69 7.43 -2.00 -1.85
CA GLN A 69 8.41 -0.97 -2.16
C GLN A 69 8.27 -0.58 -3.61
N THR A 70 7.69 -1.47 -4.41
CA THR A 70 7.49 -1.20 -5.82
C THR A 70 6.31 -0.24 -6.01
N ALA A 71 5.19 -0.54 -5.36
CA ALA A 71 4.02 0.33 -5.47
C ALA A 71 4.21 1.58 -4.60
N LEU A 72 4.88 1.43 -3.47
CA LEU A 72 5.10 2.59 -2.60
C LEU A 72 5.69 3.73 -3.42
N ASN A 73 6.58 3.39 -4.35
CA ASN A 73 7.19 4.40 -5.20
C ASN A 73 6.19 4.92 -6.24
N SER A 74 5.49 3.99 -6.91
CA SER A 74 4.51 4.35 -7.92
C SER A 74 3.28 4.98 -7.28
N LEU A 75 2.68 4.25 -6.33
CA LEU A 75 1.50 4.72 -5.64
C LEU A 75 1.68 6.18 -5.24
N ALA A 76 2.55 6.39 -4.29
CA ALA A 76 2.84 7.73 -3.80
C ALA A 76 3.03 8.69 -4.96
N GLY A 77 3.23 8.14 -6.16
CA GLY A 77 3.42 8.96 -7.35
C GLY A 77 2.11 9.64 -7.74
N TYR A 78 1.04 8.86 -7.82
CA TYR A 78 -0.26 9.41 -8.18
C TYR A 78 -0.74 10.39 -7.11
N TYR A 79 -0.17 10.28 -5.92
CA TYR A 79 -0.54 11.16 -4.81
C TYR A 79 0.35 12.39 -4.79
N THR A 80 1.62 12.22 -5.14
CA THR A 80 2.56 13.33 -5.15
C THR A 80 2.19 14.34 -6.23
N SER A 81 2.35 13.94 -7.49
CA SER A 81 2.02 14.82 -8.61
C SER A 81 0.68 15.50 -8.38
N TYR A 82 -0.09 14.99 -7.43
CA TYR A 82 -1.41 15.56 -7.13
C TYR A 82 -2.11 15.99 -8.41
N GLY A 83 -2.46 15.01 -9.24
CA GLY A 83 -3.14 15.30 -10.50
C GLY A 83 -4.50 14.61 -10.55
N ALA A 84 -5.56 15.41 -10.69
CA ALA A 84 -6.91 14.86 -10.75
C ALA A 84 -7.23 14.37 -12.16
N ARG A 85 -6.42 13.45 -12.66
CA ARG A 85 -6.63 12.91 -13.99
C ARG A 85 -6.53 11.39 -13.98
N PRO A 86 -6.97 10.75 -15.02
CA PRO A 86 -6.92 9.26 -15.14
C PRO A 86 -5.61 8.70 -14.64
N ILE A 87 -5.67 7.53 -14.01
CA ILE A 87 -4.47 6.88 -13.49
C ILE A 87 -3.72 6.16 -14.62
N PRO A 88 -2.53 6.59 -14.97
CA PRO A 88 -1.73 5.95 -16.06
C PRO A 88 -1.71 4.42 -15.93
N GLU A 89 -1.92 3.73 -17.04
CA GLU A 89 -1.92 2.27 -17.04
C GLU A 89 -0.75 1.75 -16.21
N LYS A 90 0.29 2.55 -16.08
CA LYS A 90 1.46 2.15 -15.31
C LYS A 90 1.08 1.97 -13.85
N LEU A 91 0.60 3.05 -13.23
CA LEU A 91 0.19 2.99 -11.83
C LEU A 91 -1.06 2.13 -11.73
N LYS A 92 -1.96 2.34 -12.67
CA LYS A 92 -3.18 1.57 -12.69
C LYS A 92 -2.85 0.09 -12.79
N LYS A 93 -2.12 -0.28 -13.84
CA LYS A 93 -1.75 -1.69 -14.03
C LYS A 93 -0.79 -2.14 -12.95
N ARG A 94 0.13 -1.27 -12.56
CA ARG A 94 1.08 -1.61 -11.51
C ARG A 94 0.36 -1.78 -10.19
N LEU A 95 -0.37 -0.75 -9.78
CA LEU A 95 -1.12 -0.81 -8.53
C LEU A 95 -2.22 -1.85 -8.63
N GLN A 96 -2.81 -1.99 -9.82
CA GLN A 96 -3.86 -2.98 -10.03
C GLN A 96 -3.24 -4.37 -10.06
N LEU A 97 -2.22 -4.53 -10.88
CA LEU A 97 -1.53 -5.80 -10.97
C LEU A 97 -0.87 -6.09 -9.63
N GLU A 98 -0.36 -5.04 -9.00
CA GLU A 98 0.27 -5.18 -7.69
C GLU A 98 -0.81 -5.40 -6.64
N PHE A 99 -1.88 -4.62 -6.73
CA PHE A 99 -2.99 -4.76 -5.79
C PHE A 99 -3.58 -6.13 -5.92
N THR A 100 -3.71 -6.57 -7.16
CA THR A 100 -4.25 -7.88 -7.41
C THR A 100 -3.18 -8.91 -7.09
N GLN A 101 -1.98 -8.70 -7.61
CA GLN A 101 -0.89 -9.63 -7.32
C GLN A 101 -0.61 -9.62 -5.83
N ALA A 102 -0.90 -8.49 -5.19
CA ALA A 102 -0.70 -8.38 -3.75
C ALA A 102 -1.93 -8.89 -3.03
N GLU A 103 -3.07 -8.34 -3.38
CA GLU A 103 -4.32 -8.73 -2.75
C GLU A 103 -4.84 -10.06 -3.29
N ARG A 104 -4.92 -10.17 -4.61
CA ARG A 104 -5.43 -11.40 -5.22
C ARG A 104 -4.56 -12.62 -4.87
N SER A 105 -3.26 -12.39 -4.69
CA SER A 105 -2.37 -13.49 -4.37
C SER A 105 -2.34 -13.77 -2.87
N ILE A 106 -2.13 -12.73 -2.07
CA ILE A 106 -2.08 -12.92 -0.62
C ILE A 106 -3.43 -13.39 -0.10
N GLU A 107 -4.50 -13.03 -0.79
CA GLU A 107 -5.84 -13.44 -0.38
C GLU A 107 -5.88 -14.93 -0.04
N ARG A 108 -4.97 -15.68 -0.62
CA ARG A 108 -4.91 -17.12 -0.38
C ARG A 108 -3.49 -17.54 0.02
N GLY A 109 -2.54 -17.29 -0.87
CA GLY A 109 -1.15 -17.65 -0.60
C GLY A 109 -0.60 -18.56 -1.70
N VAL A 110 -1.27 -18.55 -2.84
CA VAL A 110 -0.85 -19.38 -3.97
C VAL A 110 -0.66 -20.83 -3.53
N CYS A 1 -0.59 14.38 8.55
CA CYS A 1 -0.12 13.39 9.56
C CYS A 1 0.33 12.12 8.86
N ASP A 2 0.67 12.25 7.58
CA ASP A 2 1.12 11.09 6.80
C ASP A 2 2.57 10.76 7.13
N SER A 3 2.86 10.60 8.41
CA SER A 3 4.21 10.27 8.85
C SER A 3 4.19 9.71 10.27
N GLY A 4 4.62 8.46 10.41
CA GLY A 4 4.65 7.81 11.72
C GLY A 4 3.27 7.26 12.07
N THR A 5 3.23 6.31 13.01
CA THR A 5 1.97 5.71 13.42
C THR A 5 2.17 4.84 14.66
N GLY A 6 1.53 3.68 14.66
CA GLY A 6 1.62 2.74 15.77
C GLY A 6 1.06 1.38 15.36
N LEU A 7 1.71 0.76 14.38
CA LEU A 7 1.27 -0.54 13.90
C LEU A 7 1.47 -1.61 14.96
N THR A 8 2.47 -2.47 14.74
CA THR A 8 2.77 -3.54 15.68
C THR A 8 3.75 -4.54 15.05
N GLY A 9 4.63 -4.03 14.19
CA GLY A 9 5.61 -4.88 13.53
C GLY A 9 5.06 -6.27 13.27
N ASN A 10 3.75 -6.35 13.06
CA ASN A 10 3.11 -7.64 12.80
C ASN A 10 3.60 -8.25 11.50
N TYR A 11 2.91 -9.27 11.03
CA TYR A 11 3.29 -9.94 9.78
C TYR A 11 2.09 -10.10 8.85
N SER A 12 1.75 -11.33 8.52
CA SER A 12 0.62 -11.61 7.64
C SER A 12 -0.64 -10.92 8.14
N GLN A 13 -0.64 -10.55 9.43
CA GLN A 13 -1.78 -9.90 10.03
C GLN A 13 -1.86 -8.43 9.60
N ASP A 14 -0.80 -7.69 9.85
CA ASP A 14 -0.77 -6.27 9.50
C ASP A 14 -0.87 -6.07 8.00
N THR A 15 -0.26 -6.97 7.24
CA THR A 15 -0.29 -6.86 5.78
C THR A 15 -1.72 -6.64 5.29
N LEU A 16 -2.65 -7.45 5.79
CA LEU A 16 -4.05 -7.32 5.37
C LEU A 16 -4.59 -5.96 5.76
N THR A 17 -4.22 -5.49 6.95
CA THR A 17 -4.68 -4.20 7.42
C THR A 17 -4.16 -3.08 6.53
N VAL A 18 -2.85 -3.09 6.27
CA VAL A 18 -2.24 -2.08 5.43
C VAL A 18 -2.68 -2.22 3.98
N ILE A 19 -2.61 -3.45 3.46
CA ILE A 19 -3.00 -3.71 2.08
C ILE A 19 -4.44 -3.29 1.82
N ALA A 20 -5.33 -3.63 2.74
CA ALA A 20 -6.72 -3.29 2.55
C ALA A 20 -6.90 -1.79 2.32
N THR A 21 -6.26 -0.98 3.15
CA THR A 21 -6.37 0.46 3.00
C THR A 21 -5.74 0.91 1.69
N LEU A 22 -4.78 0.13 1.20
CA LEU A 22 -4.11 0.46 -0.05
C LEU A 22 -4.99 0.13 -1.25
N ARG A 23 -5.54 -1.08 -1.26
CA ARG A 23 -6.39 -1.51 -2.35
C ARG A 23 -7.68 -0.70 -2.35
N GLU A 24 -8.11 -0.27 -1.17
CA GLU A 24 -9.33 0.52 -1.08
C GLU A 24 -9.07 1.96 -1.50
N ALA A 25 -7.91 2.46 -1.09
CA ALA A 25 -7.51 3.83 -1.39
C ALA A 25 -7.70 4.16 -2.87
N ILE A 26 -7.12 3.35 -3.74
CA ILE A 26 -7.23 3.57 -5.18
C ILE A 26 -8.67 3.35 -5.64
N ASP A 27 -9.38 2.49 -4.93
CA ASP A 27 -10.77 2.18 -5.30
C ASP A 27 -11.78 2.59 -4.23
N LEU A 28 -11.59 3.74 -3.60
CA LEU A 28 -12.56 4.19 -2.58
C LEU A 28 -13.93 4.41 -3.23
N PRO A 29 -14.99 4.17 -2.50
CA PRO A 29 -16.38 4.36 -3.04
C PRO A 29 -16.66 5.81 -3.41
N GLN A 30 -17.66 6.01 -4.26
CA GLN A 30 -18.03 7.35 -4.69
C GLN A 30 -18.31 8.24 -3.48
N ASP A 31 -18.27 7.63 -2.29
CA ASP A 31 -18.52 8.38 -1.06
C ASP A 31 -17.22 9.01 -0.56
N ALA A 32 -16.13 8.77 -1.27
CA ALA A 32 -14.84 9.33 -0.89
C ALA A 32 -13.93 9.49 -2.11
N PRO A 33 -14.34 10.30 -3.06
CA PRO A 33 -13.52 10.56 -4.28
C PRO A 33 -12.12 11.02 -3.94
N ASN A 34 -11.85 11.15 -2.64
CA ASN A 34 -10.54 11.60 -2.18
C ASN A 34 -9.55 10.44 -2.15
N ARG A 35 -9.64 9.55 -3.12
CA ARG A 35 -8.72 8.41 -3.17
C ARG A 35 -7.30 8.92 -3.10
N GLN A 36 -7.09 10.17 -3.49
CA GLN A 36 -5.77 10.79 -3.47
C GLN A 36 -5.39 11.18 -2.04
N GLU A 37 -6.28 11.92 -1.37
CA GLU A 37 -6.01 12.36 -0.01
C GLU A 37 -6.16 11.21 0.97
N VAL A 38 -7.28 10.49 0.89
CA VAL A 38 -7.50 9.37 1.79
C VAL A 38 -6.31 8.41 1.73
N GLN A 39 -5.75 8.27 0.54
CA GLN A 39 -4.59 7.40 0.36
C GLN A 39 -3.42 7.91 1.19
N ASP A 40 -3.35 9.22 1.36
CA ASP A 40 -2.28 9.82 2.14
C ASP A 40 -2.26 9.22 3.55
N THR A 41 -3.45 9.01 4.10
CA THR A 41 -3.56 8.43 5.43
C THR A 41 -3.00 7.02 5.44
N ALA A 42 -3.23 6.28 4.37
CA ALA A 42 -2.73 4.92 4.26
C ALA A 42 -1.21 4.93 4.25
N ARG A 43 -0.62 5.98 3.69
CA ARG A 43 0.82 6.11 3.62
C ARG A 43 1.41 6.26 5.03
N GLY A 44 0.64 6.90 5.91
CA GLY A 44 1.10 7.11 7.28
C GLY A 44 1.42 5.77 7.94
N GLN A 45 0.58 4.77 7.68
CA GLN A 45 0.80 3.44 8.24
C GLN A 45 2.11 2.85 7.74
N ILE A 46 2.38 3.02 6.45
CA ILE A 46 3.61 2.51 5.87
C ILE A 46 4.82 3.25 6.39
N ASN A 47 4.67 4.56 6.57
CA ASN A 47 5.78 5.37 7.08
C ASN A 47 6.26 4.78 8.40
N ASP A 48 5.33 4.51 9.31
CA ASP A 48 5.68 3.94 10.61
C ASP A 48 6.11 2.49 10.45
N TYR A 49 5.31 1.72 9.72
CA TYR A 49 5.62 0.31 9.50
C TYR A 49 7.04 0.17 8.97
N ILE A 50 7.34 0.86 7.88
CA ILE A 50 8.66 0.79 7.29
C ILE A 50 9.68 1.58 8.12
N SER A 51 9.20 2.59 8.83
CA SER A 51 10.10 3.41 9.63
C SER A 51 9.86 3.25 11.14
N ARG A 52 9.65 2.01 11.58
CA ARG A 52 9.44 1.77 13.00
C ARG A 52 8.82 0.39 13.25
N TYR A 53 7.77 0.05 12.52
CA TYR A 53 7.12 -1.25 12.71
C TYR A 53 7.17 -2.08 11.44
N ARG A 54 8.38 -2.44 11.02
CA ARG A 54 8.56 -3.24 9.82
C ARG A 54 8.59 -4.72 10.16
N ARG A 55 9.75 -5.19 10.63
CA ARG A 55 9.90 -6.60 11.00
C ARG A 55 9.19 -7.48 9.99
N LYS A 56 9.90 -7.85 8.93
CA LYS A 56 9.34 -8.70 7.88
C LYS A 56 9.65 -10.17 8.16
N GLY A 57 10.72 -10.41 8.92
CA GLY A 57 11.12 -11.77 9.25
C GLY A 57 12.56 -12.03 8.81
N ASP A 58 13.02 -11.27 7.83
CA ASP A 58 14.38 -11.42 7.33
C ASP A 58 14.66 -12.89 6.98
N ALA A 59 14.45 -13.23 5.71
CA ALA A 59 14.68 -14.59 5.25
C ALA A 59 15.20 -14.60 3.82
N GLY A 60 15.48 -13.41 3.30
CA GLY A 60 15.99 -13.28 1.94
C GLY A 60 15.04 -12.46 1.07
N GLY A 61 14.23 -11.64 1.72
CA GLY A 61 13.28 -10.81 0.99
C GLY A 61 12.26 -11.67 0.25
N LEU A 62 11.00 -11.26 0.30
CA LEU A 62 9.94 -12.01 -0.38
C LEU A 62 9.46 -11.25 -1.61
N LYS A 63 8.54 -11.88 -2.35
CA LYS A 63 8.02 -11.27 -3.57
C LYS A 63 6.94 -10.24 -3.22
N SER A 64 6.25 -10.47 -2.11
CA SER A 64 5.20 -9.56 -1.67
C SER A 64 5.79 -8.31 -1.02
N PHE A 65 6.81 -8.52 -0.19
CA PHE A 65 7.46 -7.40 0.48
C PHE A 65 8.13 -6.47 -0.51
N THR A 66 8.80 -7.05 -1.50
CA THR A 66 9.48 -6.25 -2.51
C THR A 66 8.49 -5.39 -3.29
N THR A 67 7.27 -5.88 -3.43
CA THR A 67 6.24 -5.13 -4.15
C THR A 67 5.78 -3.94 -3.31
N MET A 68 5.64 -4.17 -2.00
CA MET A 68 5.20 -3.10 -1.11
C MET A 68 6.04 -1.86 -1.34
N GLN A 69 7.32 -2.07 -1.60
CA GLN A 69 8.24 -0.96 -1.86
C GLN A 69 8.07 -0.47 -3.28
N THR A 70 7.55 -1.34 -4.15
CA THR A 70 7.34 -0.98 -5.55
C THR A 70 6.08 -0.13 -5.69
N ALA A 71 4.97 -0.59 -5.10
CA ALA A 71 3.72 0.14 -5.17
C ALA A 71 3.79 1.39 -4.30
N LEU A 72 4.51 1.30 -3.19
CA LEU A 72 4.64 2.44 -2.28
C LEU A 72 5.13 3.67 -3.04
N ASN A 73 6.20 3.50 -3.81
CA ASN A 73 6.75 4.59 -4.59
C ASN A 73 5.78 4.99 -5.70
N SER A 74 5.03 4.01 -6.20
CA SER A 74 4.06 4.26 -7.27
C SER A 74 2.91 5.14 -6.77
N LEU A 75 2.20 4.68 -5.75
CA LEU A 75 1.08 5.45 -5.22
C LEU A 75 1.57 6.79 -4.69
N ALA A 76 2.77 6.80 -4.11
CA ALA A 76 3.34 8.03 -3.58
C ALA A 76 3.23 9.14 -4.61
N GLY A 77 3.64 8.83 -5.85
CA GLY A 77 3.56 9.82 -6.92
C GLY A 77 2.14 10.31 -7.08
N TYR A 78 1.18 9.43 -6.87
CA TYR A 78 -0.22 9.79 -6.98
C TYR A 78 -0.54 11.00 -6.10
N TYR A 79 0.22 11.13 -5.01
CA TYR A 79 0.02 12.24 -4.09
C TYR A 79 1.03 13.36 -4.37
N THR A 80 2.03 13.06 -5.18
CA THR A 80 3.04 14.05 -5.53
C THR A 80 2.54 14.97 -6.64
N SER A 81 1.39 15.58 -6.42
CA SER A 81 0.81 16.48 -7.41
C SER A 81 0.92 15.88 -8.81
N TYR A 82 0.13 14.84 -9.06
CA TYR A 82 0.14 14.17 -10.35
C TYR A 82 -1.19 14.38 -11.07
N GLY A 83 -2.26 13.82 -10.51
CA GLY A 83 -3.58 13.97 -11.12
C GLY A 83 -4.65 13.26 -10.27
N ALA A 84 -5.79 13.91 -10.12
CA ALA A 84 -6.88 13.35 -9.32
C ALA A 84 -7.93 12.73 -10.25
N ARG A 85 -7.51 11.75 -11.04
CA ARG A 85 -8.42 11.08 -11.96
C ARG A 85 -7.66 10.10 -12.86
N PRO A 86 -6.61 10.55 -13.48
CA PRO A 86 -5.79 9.69 -14.38
C PRO A 86 -4.80 8.83 -13.61
N ILE A 87 -4.85 7.51 -13.84
CA ILE A 87 -3.95 6.59 -13.16
C ILE A 87 -2.96 5.98 -14.15
N PRO A 88 -1.78 6.55 -14.28
CA PRO A 88 -0.74 6.02 -15.21
C PRO A 88 -0.52 4.52 -15.01
N GLU A 89 -0.34 3.81 -16.12
CA GLU A 89 -0.11 2.37 -16.07
C GLU A 89 0.86 2.03 -14.94
N LYS A 90 1.80 2.93 -14.69
CA LYS A 90 2.78 2.72 -13.63
C LYS A 90 2.08 2.44 -12.31
N LEU A 91 1.20 3.35 -11.90
CA LEU A 91 0.47 3.17 -10.66
C LEU A 91 -0.57 2.11 -10.86
N LYS A 92 -1.40 2.29 -11.88
CA LYS A 92 -2.42 1.31 -12.16
C LYS A 92 -1.80 -0.08 -12.20
N LYS A 93 -0.82 -0.28 -13.07
CA LYS A 93 -0.17 -1.57 -13.17
C LYS A 93 0.46 -1.96 -11.84
N ARG A 94 1.37 -1.13 -11.36
CA ARG A 94 2.04 -1.43 -10.09
C ARG A 94 1.02 -1.67 -8.99
N LEU A 95 0.17 -0.68 -8.75
CA LEU A 95 -0.84 -0.80 -7.70
C LEU A 95 -1.84 -1.88 -8.04
N GLN A 96 -2.44 -1.84 -9.22
CA GLN A 96 -3.43 -2.85 -9.59
C GLN A 96 -2.79 -4.24 -9.63
N LEU A 97 -1.56 -4.32 -10.11
CA LEU A 97 -0.87 -5.61 -10.17
C LEU A 97 -0.42 -5.99 -8.78
N GLU A 98 0.17 -5.03 -8.06
CA GLU A 98 0.61 -5.27 -6.71
C GLU A 98 -0.62 -5.49 -5.83
N PHE A 99 -1.70 -4.78 -6.15
CA PHE A 99 -2.95 -4.93 -5.40
C PHE A 99 -3.65 -6.18 -5.86
N THR A 100 -3.64 -6.41 -7.17
CA THR A 100 -4.26 -7.62 -7.69
C THR A 100 -3.45 -8.79 -7.20
N GLN A 101 -2.14 -8.56 -7.09
CA GLN A 101 -1.25 -9.59 -6.59
C GLN A 101 -1.45 -9.71 -5.08
N ALA A 102 -1.38 -8.57 -4.40
CA ALA A 102 -1.59 -8.55 -2.96
C ALA A 102 -3.00 -9.02 -2.64
N GLU A 103 -3.94 -8.67 -3.51
CA GLU A 103 -5.33 -9.08 -3.33
C GLU A 103 -5.50 -10.52 -3.73
N ARG A 104 -5.07 -10.83 -4.94
CA ARG A 104 -5.20 -12.20 -5.46
C ARG A 104 -4.28 -13.16 -4.70
N SER A 105 -3.01 -12.80 -4.60
CA SER A 105 -2.05 -13.66 -3.89
C SER A 105 -2.48 -13.92 -2.46
N ILE A 106 -2.70 -12.85 -1.68
CA ILE A 106 -3.11 -13.02 -0.29
C ILE A 106 -4.41 -13.82 -0.20
N GLU A 107 -5.26 -13.68 -1.22
CA GLU A 107 -6.53 -14.39 -1.23
C GLU A 107 -6.31 -15.91 -1.24
N ARG A 108 -5.09 -16.33 -1.51
CA ARG A 108 -4.76 -17.75 -1.55
C ARG A 108 -5.49 -18.42 -2.69
N GLY A 109 -5.90 -17.64 -3.69
CA GLY A 109 -6.60 -18.19 -4.83
C GLY A 109 -5.65 -18.41 -6.00
N VAL A 110 -4.48 -18.97 -5.70
CA VAL A 110 -3.48 -19.23 -6.72
C VAL A 110 -3.83 -20.49 -7.50
N CYS A 1 11.59 13.67 13.84
CA CYS A 1 11.35 13.66 12.37
C CYS A 1 9.97 13.08 12.09
N ASP A 2 9.73 12.74 10.82
CA ASP A 2 8.44 12.17 10.43
C ASP A 2 8.49 10.64 10.43
N SER A 3 9.16 10.09 11.44
CA SER A 3 9.28 8.64 11.55
C SER A 3 9.06 8.19 12.99
N GLY A 4 8.38 7.06 13.15
CA GLY A 4 8.11 6.53 14.49
C GLY A 4 6.60 6.46 14.75
N THR A 5 6.15 5.33 15.28
CA THR A 5 4.73 5.16 15.57
C THR A 5 4.49 3.89 16.38
N GLY A 6 3.56 3.06 15.91
CA GLY A 6 3.23 1.81 16.59
C GLY A 6 2.05 1.12 15.91
N LEU A 7 2.31 0.51 14.75
CA LEU A 7 1.25 -0.19 14.01
C LEU A 7 0.35 -0.96 14.97
N THR A 8 0.90 -2.03 15.53
CA THR A 8 0.16 -2.86 16.46
C THR A 8 0.98 -4.08 16.88
N GLY A 9 1.95 -4.46 16.04
CA GLY A 9 2.79 -5.60 16.33
C GLY A 9 2.14 -6.90 15.84
N ASN A 10 1.93 -6.99 14.53
CA ASN A 10 1.33 -8.17 13.95
C ASN A 10 2.08 -8.60 12.69
N TYR A 11 1.59 -9.67 12.05
CA TYR A 11 2.22 -10.17 10.83
C TYR A 11 1.33 -9.91 9.62
N SER A 12 0.71 -10.97 9.11
CA SER A 12 -0.17 -10.83 7.95
C SER A 12 -1.21 -9.76 8.20
N GLN A 13 -1.77 -9.75 9.41
CA GLN A 13 -2.77 -8.75 9.76
C GLN A 13 -2.26 -7.35 9.48
N ASP A 14 -1.01 -7.09 9.85
CA ASP A 14 -0.41 -5.78 9.63
C ASP A 14 -0.09 -5.58 8.15
N THR A 15 0.20 -6.69 7.47
CA THR A 15 0.52 -6.62 6.05
C THR A 15 -0.71 -6.28 5.22
N LEU A 16 -1.82 -6.97 5.50
CA LEU A 16 -3.05 -6.73 4.76
C LEU A 16 -3.69 -5.41 5.20
N THR A 17 -3.56 -5.10 6.48
CA THR A 17 -4.13 -3.86 7.02
C THR A 17 -3.52 -2.64 6.33
N VAL A 18 -2.20 -2.67 6.18
CA VAL A 18 -1.50 -1.56 5.53
C VAL A 18 -1.82 -1.54 4.04
N ILE A 19 -1.65 -2.68 3.38
CA ILE A 19 -1.92 -2.77 1.95
C ILE A 19 -3.40 -2.56 1.69
N ALA A 20 -4.22 -2.89 2.66
CA ALA A 20 -5.65 -2.72 2.49
C ALA A 20 -6.00 -1.26 2.30
N THR A 21 -5.35 -0.39 3.07
CA THR A 21 -5.59 1.04 2.95
C THR A 21 -5.25 1.53 1.55
N LEU A 22 -4.15 1.00 1.01
CA LEU A 22 -3.73 1.36 -0.33
C LEU A 22 -4.70 0.81 -1.35
N ARG A 23 -5.00 -0.47 -1.21
CA ARG A 23 -5.94 -1.13 -2.11
C ARG A 23 -7.27 -0.39 -2.10
N GLU A 24 -7.57 0.24 -0.97
CA GLU A 24 -8.81 1.00 -0.85
C GLU A 24 -8.70 2.32 -1.58
N ALA A 25 -7.51 2.90 -1.54
CA ALA A 25 -7.25 4.17 -2.17
C ALA A 25 -7.45 4.10 -3.68
N ILE A 26 -7.00 3.01 -4.29
CA ILE A 26 -7.13 2.84 -5.73
C ILE A 26 -8.58 2.66 -6.13
N ASP A 27 -9.36 2.03 -5.25
CA ASP A 27 -10.77 1.80 -5.55
C ASP A 27 -11.61 1.77 -4.27
N LEU A 28 -11.58 2.85 -3.50
CA LEU A 28 -12.36 2.91 -2.27
C LEU A 28 -13.83 3.10 -2.59
N PRO A 29 -14.72 2.74 -1.70
CA PRO A 29 -16.18 2.90 -1.93
C PRO A 29 -16.50 4.30 -2.45
N GLN A 30 -17.55 4.41 -3.25
CA GLN A 30 -17.94 5.70 -3.81
C GLN A 30 -18.25 6.71 -2.70
N ASP A 31 -18.05 6.29 -1.45
CA ASP A 31 -18.31 7.17 -0.31
C ASP A 31 -17.08 8.02 0.01
N ALA A 32 -16.05 7.91 -0.83
CA ALA A 32 -14.82 8.68 -0.62
C ALA A 32 -14.28 9.20 -1.95
N PRO A 33 -14.94 10.17 -2.53
CA PRO A 33 -14.51 10.79 -3.82
C PRO A 33 -13.14 11.44 -3.72
N ASN A 34 -12.38 11.05 -2.70
CA ASN A 34 -11.05 11.60 -2.51
C ASN A 34 -10.02 10.48 -2.40
N ARG A 35 -9.91 9.70 -3.46
CA ARG A 35 -8.97 8.57 -3.49
C ARG A 35 -7.58 9.06 -3.12
N GLN A 36 -7.35 10.36 -3.24
CA GLN A 36 -6.05 10.94 -2.90
C GLN A 36 -5.88 11.06 -1.38
N GLU A 37 -6.86 11.66 -0.73
CA GLU A 37 -6.80 11.83 0.72
C GLU A 37 -6.64 10.49 1.43
N VAL A 38 -7.55 9.56 1.19
CA VAL A 38 -7.47 8.26 1.82
C VAL A 38 -6.07 7.69 1.65
N GLN A 39 -5.46 7.95 0.50
CA GLN A 39 -4.11 7.47 0.23
C GLN A 39 -3.13 8.06 1.23
N ASP A 40 -3.35 9.33 1.59
CA ASP A 40 -2.47 10.00 2.55
C ASP A 40 -2.56 9.30 3.90
N THR A 41 -3.74 8.80 4.23
CA THR A 41 -3.94 8.11 5.49
C THR A 41 -2.98 6.93 5.59
N ALA A 42 -2.74 6.29 4.46
CA ALA A 42 -1.82 5.16 4.42
C ALA A 42 -0.40 5.64 4.64
N ARG A 43 -0.11 6.85 4.17
CA ARG A 43 1.23 7.41 4.33
C ARG A 43 1.65 7.34 5.80
N GLY A 44 0.70 7.66 6.68
CA GLY A 44 0.98 7.61 8.11
C GLY A 44 1.34 6.19 8.53
N GLN A 45 0.61 5.21 7.99
CA GLN A 45 0.87 3.81 8.31
C GLN A 45 2.23 3.39 7.76
N ILE A 46 2.61 3.95 6.60
CA ILE A 46 3.89 3.60 6.00
C ILE A 46 5.02 3.91 6.96
N ASN A 47 5.04 5.13 7.48
CA ASN A 47 6.07 5.52 8.42
C ASN A 47 6.04 4.61 9.64
N ASP A 48 4.84 4.16 9.99
CA ASP A 48 4.67 3.28 11.13
C ASP A 48 5.19 1.89 10.83
N TYR A 49 4.80 1.36 9.68
CA TYR A 49 5.21 0.02 9.28
C TYR A 49 6.68 0.00 8.87
N ILE A 50 7.05 0.88 7.94
CA ILE A 50 8.42 0.95 7.45
C ILE A 50 9.37 1.63 8.43
N SER A 51 8.87 2.60 9.20
CA SER A 51 9.75 3.34 10.12
C SER A 51 9.47 3.04 11.59
N ARG A 52 8.92 1.87 11.90
CA ARG A 52 8.66 1.53 13.29
C ARG A 52 8.34 0.05 13.44
N TYR A 53 7.51 -0.46 12.55
CA TYR A 53 7.13 -1.86 12.59
C TYR A 53 7.34 -2.53 11.24
N ARG A 54 8.61 -2.78 10.90
CA ARG A 54 8.93 -3.42 9.63
C ARG A 54 9.27 -4.89 9.83
N ARG A 55 10.25 -5.16 10.69
CA ARG A 55 10.67 -6.53 10.96
C ARG A 55 9.45 -7.45 10.99
N LYS A 56 9.67 -8.73 10.72
CA LYS A 56 8.59 -9.71 10.72
C LYS A 56 9.15 -11.12 10.60
N GLY A 57 10.45 -11.22 10.34
CA GLY A 57 11.09 -12.53 10.20
C GLY A 57 11.45 -12.81 8.74
N ASP A 58 10.53 -12.49 7.84
CA ASP A 58 10.76 -12.72 6.42
C ASP A 58 11.26 -14.14 6.18
N ALA A 59 10.36 -15.02 5.78
CA ALA A 59 10.72 -16.40 5.52
C ALA A 59 12.04 -16.47 4.75
N GLY A 60 12.09 -15.78 3.62
CA GLY A 60 13.30 -15.77 2.81
C GLY A 60 13.18 -14.76 1.67
N GLY A 61 12.15 -13.93 1.74
CA GLY A 61 11.93 -12.91 0.71
C GLY A 61 10.77 -13.29 -0.19
N LEU A 62 9.65 -12.57 -0.06
CA LEU A 62 8.48 -12.85 -0.88
C LEU A 62 8.24 -11.72 -1.88
N LYS A 63 8.00 -12.08 -3.14
CA LYS A 63 7.77 -11.09 -4.17
C LYS A 63 6.65 -10.15 -3.77
N SER A 64 5.88 -10.55 -2.76
CA SER A 64 4.77 -9.73 -2.29
C SER A 64 5.29 -8.55 -1.46
N PHE A 65 6.30 -8.80 -0.65
CA PHE A 65 6.89 -7.76 0.18
C PHE A 65 7.71 -6.80 -0.67
N THR A 66 8.42 -7.34 -1.65
CA THR A 66 9.24 -6.51 -2.52
C THR A 66 8.37 -5.55 -3.30
N THR A 67 7.10 -5.89 -3.45
CA THR A 67 6.15 -5.05 -4.17
C THR A 67 5.81 -3.82 -3.34
N MET A 68 5.67 -4.01 -2.03
CA MET A 68 5.34 -2.90 -1.16
C MET A 68 6.29 -1.74 -1.41
N GLN A 69 7.58 -2.05 -1.56
CA GLN A 69 8.57 -1.02 -1.82
C GLN A 69 8.40 -0.50 -3.24
N THR A 70 7.92 -1.36 -4.13
CA THR A 70 7.70 -0.98 -5.52
C THR A 70 6.51 -0.03 -5.60
N ALA A 71 5.41 -0.43 -4.97
CA ALA A 71 4.20 0.39 -4.97
C ALA A 71 4.39 1.62 -4.08
N LEU A 72 5.17 1.48 -3.01
CA LEU A 72 5.41 2.60 -2.11
C LEU A 72 5.91 3.80 -2.89
N ASN A 73 6.90 3.57 -3.74
CA ASN A 73 7.46 4.66 -4.55
C ASN A 73 6.48 5.09 -5.64
N SER A 74 5.71 4.13 -6.15
CA SER A 74 4.74 4.40 -7.21
C SER A 74 3.56 5.21 -6.67
N LEU A 75 3.01 4.76 -5.54
CA LEU A 75 1.87 5.44 -4.94
C LEU A 75 2.12 6.94 -4.93
N ALA A 76 3.12 7.32 -4.15
CA ALA A 76 3.49 8.72 -4.02
C ALA A 76 3.55 9.40 -5.38
N GLY A 77 3.74 8.61 -6.43
CA GLY A 77 3.81 9.15 -7.78
C GLY A 77 2.48 9.79 -8.17
N TYR A 78 1.38 9.13 -7.82
CA TYR A 78 0.06 9.64 -8.14
C TYR A 78 -0.30 10.83 -7.25
N TYR A 79 0.17 10.79 -6.00
CA TYR A 79 -0.11 11.87 -5.06
C TYR A 79 0.78 13.08 -5.35
N THR A 80 2.07 12.81 -5.56
CA THR A 80 3.02 13.88 -5.85
C THR A 80 2.59 14.67 -7.08
N SER A 81 1.86 14.02 -7.97
CA SER A 81 1.39 14.66 -9.19
C SER A 81 0.00 15.25 -8.99
N TYR A 82 -0.34 16.24 -9.81
CA TYR A 82 -1.65 16.89 -9.71
C TYR A 82 -2.73 15.99 -10.32
N GLY A 83 -2.44 14.71 -10.42
CA GLY A 83 -3.40 13.76 -10.99
C GLY A 83 -4.55 13.51 -10.02
N ALA A 84 -5.69 14.15 -10.28
CA ALA A 84 -6.86 13.98 -9.43
C ALA A 84 -7.97 13.24 -10.17
N ARG A 85 -7.57 12.27 -10.99
CA ARG A 85 -8.52 11.48 -11.76
C ARG A 85 -7.79 10.55 -12.73
N PRO A 86 -6.89 11.07 -13.51
CA PRO A 86 -6.11 10.26 -14.49
C PRO A 86 -4.92 9.56 -13.84
N ILE A 87 -5.01 8.23 -13.73
CA ILE A 87 -3.93 7.46 -13.12
C ILE A 87 -3.21 6.61 -14.19
N PRO A 88 -1.99 6.95 -14.54
CA PRO A 88 -1.23 6.19 -15.58
C PRO A 88 -1.31 4.67 -15.39
N GLU A 89 -0.93 3.94 -16.42
CA GLU A 89 -0.96 2.49 -16.38
C GLU A 89 0.12 1.97 -15.43
N LYS A 90 1.08 2.82 -15.13
CA LYS A 90 2.15 2.44 -14.23
C LYS A 90 1.61 2.35 -12.81
N LEU A 91 0.87 3.36 -12.41
CA LEU A 91 0.27 3.38 -11.09
C LEU A 91 -0.81 2.33 -11.04
N LYS A 92 -1.57 2.27 -12.13
CA LYS A 92 -2.64 1.28 -12.23
C LYS A 92 -2.04 -0.11 -12.28
N LYS A 93 -1.16 -0.34 -13.25
CA LYS A 93 -0.52 -1.64 -13.38
C LYS A 93 0.24 -1.99 -12.12
N ARG A 94 0.85 -0.98 -11.51
CA ARG A 94 1.60 -1.18 -10.28
C ARG A 94 0.64 -1.39 -9.12
N LEU A 95 -0.32 -0.47 -8.97
CA LEU A 95 -1.29 -0.60 -7.90
C LEU A 95 -2.16 -1.81 -8.16
N GLN A 96 -2.35 -2.11 -9.44
CA GLN A 96 -3.13 -3.28 -9.84
C GLN A 96 -2.30 -4.51 -9.63
N LEU A 97 -1.06 -4.45 -10.09
CA LEU A 97 -0.14 -5.56 -9.90
C LEU A 97 0.10 -5.74 -8.42
N GLU A 98 0.15 -4.61 -7.71
CA GLU A 98 0.34 -4.63 -6.28
C GLU A 98 -0.94 -5.09 -5.61
N PHE A 99 -2.07 -4.54 -6.06
CA PHE A 99 -3.37 -4.92 -5.50
C PHE A 99 -3.64 -6.37 -5.81
N THR A 100 -3.26 -6.81 -7.00
CA THR A 100 -3.48 -8.20 -7.35
C THR A 100 -2.40 -9.03 -6.67
N GLN A 101 -1.16 -8.55 -6.72
CA GLN A 101 -0.08 -9.26 -6.05
C GLN A 101 -0.34 -9.25 -4.56
N ALA A 102 -1.01 -8.19 -4.10
CA ALA A 102 -1.34 -8.05 -2.69
C ALA A 102 -2.66 -8.76 -2.39
N GLU A 103 -3.70 -8.39 -3.13
CA GLU A 103 -5.02 -8.97 -2.94
C GLU A 103 -5.10 -10.37 -3.51
N ARG A 104 -4.72 -10.53 -4.77
CA ARG A 104 -4.79 -11.84 -5.42
C ARG A 104 -3.92 -12.87 -4.70
N SER A 105 -2.79 -12.42 -4.15
CA SER A 105 -1.90 -13.35 -3.46
C SER A 105 -2.33 -13.54 -2.01
N ILE A 106 -2.54 -12.43 -1.29
CA ILE A 106 -2.95 -12.53 0.11
C ILE A 106 -4.32 -13.17 0.22
N GLU A 107 -5.25 -12.76 -0.63
CA GLU A 107 -6.60 -13.30 -0.60
C GLU A 107 -6.60 -14.77 -1.00
N ARG A 108 -6.30 -15.02 -2.27
CA ARG A 108 -6.26 -16.39 -2.79
C ARG A 108 -4.91 -17.04 -2.49
N GLY A 109 -3.92 -16.74 -3.33
CA GLY A 109 -2.59 -17.31 -3.15
C GLY A 109 -2.05 -17.86 -4.46
N VAL A 110 -2.79 -17.64 -5.55
CA VAL A 110 -2.37 -18.12 -6.86
C VAL A 110 -2.04 -19.61 -6.80
N CYS A 1 5.21 14.61 16.48
CA CYS A 1 5.50 13.21 16.09
C CYS A 1 6.05 13.18 14.67
N ASP A 2 7.20 12.53 14.51
CA ASP A 2 7.83 12.43 13.19
C ASP A 2 7.81 10.99 12.69
N SER A 3 8.87 10.25 12.98
CA SER A 3 8.96 8.86 12.56
C SER A 3 8.83 7.92 13.75
N GLY A 4 8.09 6.84 13.57
CA GLY A 4 7.89 5.87 14.65
C GLY A 4 6.42 5.76 15.01
N THR A 5 5.94 4.52 15.14
CA THR A 5 4.54 4.30 15.49
C THR A 5 4.29 2.87 15.96
N GLY A 6 4.27 1.95 15.00
CA GLY A 6 4.01 0.54 15.30
C GLY A 6 2.55 0.22 15.00
N LEU A 7 2.24 0.04 13.71
CA LEU A 7 0.88 -0.26 13.29
C LEU A 7 0.17 -1.13 14.32
N THR A 8 0.94 -1.91 15.07
CA THR A 8 0.35 -2.78 16.09
C THR A 8 1.37 -3.83 16.54
N GLY A 9 2.32 -4.15 15.67
CA GLY A 9 3.34 -5.14 15.99
C GLY A 9 3.07 -6.46 15.26
N ASN A 10 1.86 -6.59 14.72
CA ASN A 10 1.48 -7.80 14.00
C ASN A 10 2.34 -7.97 12.75
N TYR A 11 2.05 -9.02 11.98
CA TYR A 11 2.81 -9.28 10.77
C TYR A 11 1.88 -9.30 9.55
N SER A 12 1.47 -10.51 9.15
CA SER A 12 0.58 -10.65 8.01
C SER A 12 -0.75 -9.93 8.27
N GLN A 13 -1.24 -10.04 9.49
CA GLN A 13 -2.50 -9.40 9.85
C GLN A 13 -2.48 -7.92 9.50
N ASP A 14 -1.44 -7.23 9.94
CA ASP A 14 -1.31 -5.80 9.66
C ASP A 14 -1.10 -5.55 8.17
N THR A 15 -0.49 -6.52 7.50
CA THR A 15 -0.23 -6.39 6.06
C THR A 15 -1.53 -6.25 5.28
N LEU A 16 -2.50 -7.11 5.58
CA LEU A 16 -3.78 -7.06 4.88
C LEU A 16 -4.39 -5.67 5.00
N THR A 17 -4.30 -5.09 6.19
CA THR A 17 -4.86 -3.75 6.43
C THR A 17 -3.97 -2.69 5.79
N VAL A 18 -2.65 -2.88 5.89
CA VAL A 18 -1.71 -1.93 5.34
C VAL A 18 -1.73 -1.95 3.81
N ILE A 19 -1.54 -3.13 3.22
CA ILE A 19 -1.53 -3.26 1.77
C ILE A 19 -2.89 -2.92 1.20
N ALA A 20 -3.95 -3.24 1.92
CA ALA A 20 -5.27 -2.95 1.42
C ALA A 20 -5.53 -1.45 1.40
N THR A 21 -5.29 -0.80 2.53
CA THR A 21 -5.52 0.65 2.62
C THR A 21 -4.65 1.42 1.63
N LEU A 22 -3.46 0.91 1.35
CA LEU A 22 -2.57 1.58 0.41
C LEU A 22 -3.05 1.39 -1.02
N ARG A 23 -3.30 0.14 -1.38
CA ARG A 23 -3.77 -0.18 -2.72
C ARG A 23 -5.23 0.24 -2.88
N GLU A 24 -5.98 0.23 -1.78
CA GLU A 24 -7.39 0.63 -1.84
C GLU A 24 -7.52 2.13 -1.94
N ALA A 25 -6.49 2.83 -1.51
CA ALA A 25 -6.50 4.30 -1.55
C ALA A 25 -6.54 4.80 -2.98
N ILE A 26 -5.78 4.17 -3.86
CA ILE A 26 -5.75 4.55 -5.26
C ILE A 26 -6.98 4.02 -5.95
N ASP A 27 -7.46 2.90 -5.46
CA ASP A 27 -8.65 2.26 -6.04
C ASP A 27 -9.72 2.01 -4.98
N LEU A 28 -10.03 3.04 -4.19
CA LEU A 28 -11.05 2.90 -3.15
C LEU A 28 -12.45 2.97 -3.78
N PRO A 29 -13.43 2.37 -3.16
CA PRO A 29 -14.83 2.40 -3.67
C PRO A 29 -15.31 3.82 -3.94
N GLN A 30 -16.34 3.94 -4.77
CA GLN A 30 -16.88 5.25 -5.11
C GLN A 30 -17.38 5.98 -3.86
N ASP A 31 -17.18 5.37 -2.69
CA ASP A 31 -17.61 5.96 -1.44
C ASP A 31 -16.54 6.89 -0.89
N ALA A 32 -15.48 7.10 -1.66
CA ALA A 32 -14.39 7.98 -1.23
C ALA A 32 -13.81 8.73 -2.42
N PRO A 33 -14.55 9.65 -2.97
CA PRO A 33 -14.11 10.46 -4.14
C PRO A 33 -12.88 11.31 -3.81
N ASN A 34 -12.05 10.83 -2.88
CA ASN A 34 -10.84 11.54 -2.50
C ASN A 34 -9.72 10.55 -2.24
N ARG A 35 -9.25 9.91 -3.30
CA ARG A 35 -8.17 8.93 -3.17
C ARG A 35 -6.98 9.55 -2.43
N GLN A 36 -6.97 10.88 -2.38
CA GLN A 36 -5.88 11.59 -1.71
C GLN A 36 -6.04 11.53 -0.19
N GLU A 37 -7.25 11.81 0.29
CA GLU A 37 -7.51 11.79 1.73
C GLU A 37 -7.19 10.43 2.32
N VAL A 38 -7.84 9.40 1.80
CA VAL A 38 -7.62 8.05 2.29
C VAL A 38 -6.11 7.75 2.30
N GLN A 39 -5.42 8.26 1.29
CA GLN A 39 -3.98 8.05 1.20
C GLN A 39 -3.29 8.66 2.42
N ASP A 40 -3.83 9.78 2.90
CA ASP A 40 -3.27 10.42 4.08
C ASP A 40 -3.26 9.45 5.24
N THR A 41 -4.38 8.74 5.43
CA THR A 41 -4.47 7.76 6.51
C THR A 41 -3.47 6.65 6.25
N ALA A 42 -3.28 6.32 4.98
CA ALA A 42 -2.32 5.28 4.62
C ALA A 42 -0.91 5.77 4.90
N ARG A 43 -0.66 7.05 4.63
CA ARG A 43 0.64 7.66 4.87
C ARG A 43 1.09 7.37 6.31
N GLY A 44 0.11 7.22 7.20
CA GLY A 44 0.42 6.93 8.61
C GLY A 44 0.99 5.53 8.76
N GLN A 45 0.34 4.56 8.10
CA GLN A 45 0.79 3.17 8.17
C GLN A 45 2.22 3.04 7.69
N ILE A 46 2.50 3.62 6.52
CA ILE A 46 3.86 3.58 5.95
C ILE A 46 4.83 4.10 6.99
N ASN A 47 4.49 5.19 7.64
CA ASN A 47 5.34 5.76 8.66
C ASN A 47 5.52 4.73 9.77
N ASP A 48 4.47 3.99 10.04
CA ASP A 48 4.53 2.96 11.06
C ASP A 48 5.35 1.77 10.60
N TYR A 49 5.09 1.34 9.38
CA TYR A 49 5.77 0.20 8.82
C TYR A 49 7.23 0.51 8.49
N ILE A 50 7.43 1.56 7.69
CA ILE A 50 8.77 1.96 7.27
C ILE A 50 9.57 2.64 8.39
N SER A 51 8.88 3.22 9.37
CA SER A 51 9.60 3.94 10.44
C SER A 51 9.55 3.24 11.80
N ARG A 52 9.35 1.93 11.82
CA ARG A 52 9.31 1.21 13.09
C ARG A 52 9.00 -0.27 12.90
N TYR A 53 8.08 -0.56 12.00
CA TYR A 53 7.68 -1.94 11.76
C TYR A 53 7.87 -2.32 10.29
N ARG A 54 9.11 -2.35 9.85
CA ARG A 54 9.42 -2.72 8.46
C ARG A 54 9.92 -4.15 8.39
N ARG A 55 10.74 -4.54 9.35
CA ARG A 55 11.29 -5.88 9.39
C ARG A 55 10.18 -6.92 9.46
N LYS A 56 9.96 -7.62 8.35
CA LYS A 56 8.92 -8.64 8.28
C LYS A 56 9.54 -10.03 8.34
N GLY A 57 8.69 -11.05 8.39
CA GLY A 57 9.16 -12.43 8.44
C GLY A 57 10.27 -12.66 7.41
N ASP A 58 11.51 -12.52 7.85
CA ASP A 58 12.65 -12.72 6.96
C ASP A 58 12.89 -14.21 6.71
N ALA A 59 12.76 -14.62 5.46
CA ALA A 59 12.96 -16.03 5.11
C ALA A 59 13.88 -16.14 3.90
N GLY A 60 14.59 -15.06 3.59
CA GLY A 60 15.51 -15.06 2.47
C GLY A 60 15.05 -14.07 1.40
N GLY A 61 14.18 -13.15 1.78
CA GLY A 61 13.67 -12.14 0.85
C GLY A 61 12.40 -12.65 0.17
N LEU A 62 11.30 -11.93 0.38
CA LEU A 62 10.03 -12.31 -0.22
C LEU A 62 9.54 -11.23 -1.18
N LYS A 63 8.52 -11.56 -1.96
CA LYS A 63 7.96 -10.63 -2.93
C LYS A 63 6.86 -9.79 -2.29
N SER A 64 6.18 -10.38 -1.31
CA SER A 64 5.09 -9.68 -0.62
C SER A 64 5.59 -8.39 0.01
N PHE A 65 6.72 -8.46 0.69
CA PHE A 65 7.30 -7.28 1.34
C PHE A 65 7.92 -6.35 0.31
N THR A 66 8.62 -6.92 -0.66
CA THR A 66 9.27 -6.11 -1.70
C THR A 66 8.23 -5.34 -2.51
N THR A 67 7.05 -5.92 -2.65
CA THR A 67 5.97 -5.27 -3.39
C THR A 67 5.49 -4.05 -2.64
N MET A 68 5.42 -4.16 -1.32
CA MET A 68 4.95 -3.06 -0.48
C MET A 68 5.71 -1.78 -0.84
N GLN A 69 7.03 -1.87 -0.93
CA GLN A 69 7.85 -0.72 -1.26
C GLN A 69 7.77 -0.40 -2.75
N THR A 70 7.36 -1.39 -3.54
CA THR A 70 7.25 -1.21 -4.99
C THR A 70 6.01 -0.39 -5.32
N ALA A 71 4.87 -0.78 -4.76
CA ALA A 71 3.61 -0.07 -5.02
C ALA A 71 3.58 1.26 -4.27
N LEU A 72 4.20 1.31 -3.08
CA LEU A 72 4.22 2.53 -2.30
C LEU A 72 4.71 3.70 -3.14
N ASN A 73 5.85 3.51 -3.79
CA ASN A 73 6.40 4.56 -4.64
C ASN A 73 5.49 4.82 -5.84
N SER A 74 4.79 3.77 -6.27
CA SER A 74 3.88 3.89 -7.41
C SER A 74 2.66 4.75 -7.07
N LEU A 75 1.90 4.34 -6.05
CA LEU A 75 0.71 5.10 -5.67
C LEU A 75 1.08 6.53 -5.30
N ALA A 76 2.33 6.72 -4.88
CA ALA A 76 2.81 8.05 -4.50
C ALA A 76 2.85 8.98 -5.70
N GLY A 77 3.20 8.44 -6.86
CA GLY A 77 3.29 9.24 -8.08
C GLY A 77 1.91 9.70 -8.52
N TYR A 78 0.88 8.91 -8.21
CA TYR A 78 -0.48 9.25 -8.59
C TYR A 78 -0.95 10.48 -7.83
N TYR A 79 -0.39 10.72 -6.65
CA TYR A 79 -0.78 11.87 -5.85
C TYR A 79 0.28 12.96 -5.92
N THR A 80 1.54 12.55 -6.08
CA THR A 80 2.64 13.51 -6.15
C THR A 80 2.21 14.77 -6.91
N SER A 81 2.41 14.76 -8.21
CA SER A 81 2.04 15.91 -9.05
C SER A 81 1.66 15.45 -10.45
N TYR A 82 0.85 14.40 -10.53
CA TYR A 82 0.43 13.88 -11.82
C TYR A 82 -0.95 14.41 -12.20
N GLY A 83 -1.94 14.10 -11.37
CA GLY A 83 -3.30 14.54 -11.62
C GLY A 83 -4.25 14.10 -10.51
N ALA A 84 -5.51 13.86 -10.86
CA ALA A 84 -6.50 13.44 -9.88
C ALA A 84 -7.68 12.77 -10.59
N ARG A 85 -7.38 11.76 -11.41
CA ARG A 85 -8.42 11.04 -12.13
C ARG A 85 -7.80 10.01 -13.08
N PRO A 86 -6.87 10.43 -13.89
CA PRO A 86 -6.19 9.52 -14.85
C PRO A 86 -5.05 8.74 -14.20
N ILE A 87 -5.12 7.42 -14.29
CA ILE A 87 -4.08 6.57 -13.71
C ILE A 87 -3.27 5.87 -14.79
N PRO A 88 -2.09 6.36 -15.12
CA PRO A 88 -1.24 5.73 -16.16
C PRO A 88 -1.13 4.23 -15.98
N GLU A 89 -1.26 3.49 -17.07
CA GLU A 89 -1.18 2.03 -17.02
C GLU A 89 -0.05 1.59 -16.10
N LYS A 90 0.93 2.46 -15.91
CA LYS A 90 2.05 2.13 -15.04
C LYS A 90 1.57 1.98 -13.60
N LEU A 91 1.03 3.06 -13.06
CA LEU A 91 0.52 3.05 -11.69
C LEU A 91 -0.68 2.13 -11.62
N LYS A 92 -1.52 2.21 -12.64
CA LYS A 92 -2.69 1.37 -12.70
C LYS A 92 -2.28 -0.10 -12.75
N LYS A 93 -1.46 -0.45 -13.75
CA LYS A 93 -1.01 -1.83 -13.88
C LYS A 93 -0.11 -2.21 -12.72
N ARG A 94 0.71 -1.27 -12.29
CA ARG A 94 1.60 -1.52 -11.17
C ARG A 94 0.79 -1.70 -9.89
N LEU A 95 -0.08 -0.75 -9.61
CA LEU A 95 -0.93 -0.84 -8.43
C LEU A 95 -1.96 -1.93 -8.60
N GLN A 96 -2.42 -2.11 -9.82
CA GLN A 96 -3.40 -3.17 -10.10
C GLN A 96 -2.71 -4.52 -10.04
N LEU A 97 -1.54 -4.60 -10.65
CA LEU A 97 -0.75 -5.82 -10.62
C LEU A 97 -0.28 -6.06 -9.21
N GLU A 98 0.13 -4.98 -8.54
CA GLU A 98 0.59 -5.08 -7.16
C GLU A 98 -0.61 -5.31 -6.25
N PHE A 99 -1.71 -4.60 -6.52
CA PHE A 99 -2.93 -4.76 -5.72
C PHE A 99 -3.42 -6.15 -5.90
N THR A 100 -3.34 -6.64 -7.12
CA THR A 100 -3.77 -7.99 -7.39
C THR A 100 -2.73 -8.95 -6.85
N GLN A 101 -1.47 -8.73 -7.20
CA GLN A 101 -0.42 -9.59 -6.69
C GLN A 101 -0.39 -9.49 -5.17
N ALA A 102 -0.82 -8.35 -4.66
CA ALA A 102 -0.86 -8.15 -3.21
C ALA A 102 -2.17 -8.69 -2.65
N GLU A 103 -3.26 -8.21 -3.20
CA GLU A 103 -4.59 -8.62 -2.77
C GLU A 103 -4.96 -9.99 -3.32
N ARG A 104 -4.84 -10.15 -4.64
CA ARG A 104 -5.18 -11.44 -5.25
C ARG A 104 -4.38 -12.56 -4.59
N SER A 105 -3.16 -12.24 -4.17
CA SER A 105 -2.32 -13.25 -3.51
C SER A 105 -2.63 -13.31 -2.02
N ILE A 106 -2.64 -12.17 -1.35
CA ILE A 106 -2.94 -12.15 0.08
C ILE A 106 -4.32 -12.73 0.35
N GLU A 107 -5.29 -12.33 -0.44
CA GLU A 107 -6.66 -12.82 -0.28
C GLU A 107 -6.67 -14.34 -0.12
N ARG A 108 -5.56 -14.97 -0.50
CA ARG A 108 -5.45 -16.42 -0.38
C ARG A 108 -6.46 -17.11 -1.30
N GLY A 109 -6.92 -16.38 -2.32
CA GLY A 109 -7.88 -16.94 -3.26
C GLY A 109 -7.20 -17.82 -4.28
N VAL A 110 -5.87 -17.82 -4.29
CA VAL A 110 -5.10 -18.63 -5.22
C VAL A 110 -4.28 -19.68 -4.48
N CYS A 1 11.00 11.20 9.59
CA CYS A 1 11.57 9.82 9.48
C CYS A 1 11.12 8.99 10.68
N ASP A 2 10.04 9.43 11.32
CA ASP A 2 9.52 8.72 12.48
C ASP A 2 8.22 7.99 12.12
N SER A 3 7.77 7.13 13.02
CA SER A 3 6.55 6.37 12.80
C SER A 3 5.33 7.28 12.88
N GLY A 4 4.41 7.13 11.94
CA GLY A 4 3.20 7.94 11.92
C GLY A 4 1.95 7.08 11.98
N THR A 5 1.89 6.18 12.95
CA THR A 5 0.74 5.30 13.10
C THR A 5 0.82 4.49 14.39
N GLY A 6 -0.31 3.91 14.78
CA GLY A 6 -0.37 3.10 15.98
C GLY A 6 -0.49 1.62 15.62
N LEU A 7 0.25 1.22 14.60
CA LEU A 7 0.24 -0.17 14.14
C LEU A 7 0.37 -1.11 15.34
N THR A 8 0.38 -2.42 15.07
CA THR A 8 0.49 -3.41 16.13
C THR A 8 1.79 -4.19 16.04
N GLY A 9 2.21 -4.47 14.81
CA GLY A 9 3.43 -5.23 14.59
C GLY A 9 3.16 -6.73 14.60
N ASN A 10 2.25 -7.15 13.73
CA ASN A 10 1.90 -8.58 13.65
C ASN A 10 2.43 -9.19 12.36
N TYR A 11 1.72 -10.18 11.85
CA TYR A 11 2.13 -10.86 10.62
C TYR A 11 1.15 -10.56 9.48
N SER A 12 0.73 -11.61 8.77
CA SER A 12 -0.21 -11.45 7.67
C SER A 12 -1.42 -10.66 8.11
N GLN A 13 -1.69 -10.66 9.42
CA GLN A 13 -2.84 -9.93 9.96
C GLN A 13 -2.65 -8.43 9.77
N ASP A 14 -1.54 -7.91 10.27
CA ASP A 14 -1.26 -6.49 10.15
C ASP A 14 -0.87 -6.14 8.72
N THR A 15 -0.29 -7.11 8.03
CA THR A 15 0.14 -6.90 6.65
C THR A 15 -1.05 -6.70 5.72
N LEU A 16 -2.04 -7.59 5.82
CA LEU A 16 -3.22 -7.50 4.96
C LEU A 16 -4.09 -6.31 5.38
N THR A 17 -4.04 -5.97 6.66
CA THR A 17 -4.85 -4.85 7.17
C THR A 17 -4.43 -3.54 6.48
N VAL A 18 -3.15 -3.20 6.62
CA VAL A 18 -2.64 -1.97 6.02
C VAL A 18 -2.78 -2.01 4.50
N ILE A 19 -2.30 -3.08 3.88
CA ILE A 19 -2.39 -3.22 2.44
C ILE A 19 -3.82 -3.07 1.99
N ALA A 20 -4.73 -3.65 2.75
CA ALA A 20 -6.13 -3.59 2.39
C ALA A 20 -6.58 -2.15 2.26
N THR A 21 -6.17 -1.32 3.20
CA THR A 21 -6.54 0.09 3.16
C THR A 21 -6.00 0.75 1.90
N LEU A 22 -4.80 0.34 1.50
CA LEU A 22 -4.16 0.90 0.32
C LEU A 22 -4.95 0.56 -0.94
N ARG A 23 -5.26 -0.72 -1.14
CA ARG A 23 -6.02 -1.13 -2.31
C ARG A 23 -7.35 -0.39 -2.33
N GLU A 24 -7.85 -0.08 -1.14
CA GLU A 24 -9.11 0.64 -1.02
C GLU A 24 -8.92 2.08 -1.47
N ALA A 25 -7.72 2.58 -1.28
CA ALA A 25 -7.39 3.95 -1.66
C ALA A 25 -7.48 4.13 -3.18
N ILE A 26 -6.90 3.21 -3.92
CA ILE A 26 -6.93 3.29 -5.38
C ILE A 26 -8.34 3.06 -5.89
N ASP A 27 -9.11 2.29 -5.14
CA ASP A 27 -10.48 1.98 -5.53
C ASP A 27 -11.41 2.02 -4.32
N LEU A 28 -11.44 3.15 -3.63
CA LEU A 28 -12.30 3.30 -2.46
C LEU A 28 -13.74 3.50 -2.89
N PRO A 29 -14.69 3.15 -2.05
CA PRO A 29 -16.14 3.32 -2.37
C PRO A 29 -16.45 4.75 -2.80
N GLN A 30 -17.56 4.92 -3.51
CA GLN A 30 -17.97 6.24 -3.98
C GLN A 30 -18.20 7.18 -2.81
N ASP A 31 -17.93 6.71 -1.60
CA ASP A 31 -18.12 7.52 -0.41
C ASP A 31 -16.87 8.35 -0.11
N ALA A 32 -15.90 8.31 -1.02
CA ALA A 32 -14.67 9.07 -0.83
C ALA A 32 -14.09 9.52 -2.18
N PRO A 33 -14.71 10.48 -2.79
CA PRO A 33 -14.26 11.03 -4.11
C PRO A 33 -12.89 11.70 -4.01
N ASN A 34 -12.05 11.18 -3.13
CA ASN A 34 -10.71 11.74 -2.94
C ASN A 34 -9.71 10.62 -2.69
N ARG A 35 -9.46 9.82 -3.72
CA ARG A 35 -8.51 8.72 -3.59
C ARG A 35 -7.17 9.23 -3.07
N GLN A 36 -6.98 10.54 -3.15
CA GLN A 36 -5.75 11.17 -2.70
C GLN A 36 -5.69 11.26 -1.17
N GLU A 37 -6.78 11.73 -0.56
CA GLU A 37 -6.82 11.87 0.89
C GLU A 37 -6.66 10.53 1.57
N VAL A 38 -7.53 9.59 1.25
CA VAL A 38 -7.45 8.26 1.85
C VAL A 38 -6.03 7.72 1.67
N GLN A 39 -5.45 7.99 0.51
CA GLN A 39 -4.09 7.54 0.23
C GLN A 39 -3.14 8.14 1.25
N ASP A 40 -3.39 9.40 1.62
CA ASP A 40 -2.56 10.07 2.61
C ASP A 40 -2.54 9.25 3.89
N THR A 41 -3.73 8.81 4.31
CA THR A 41 -3.84 8.01 5.52
C THR A 41 -2.97 6.76 5.38
N ALA A 42 -3.04 6.14 4.20
CA ALA A 42 -2.24 4.96 3.94
C ALA A 42 -0.76 5.29 4.11
N ARG A 43 -0.39 6.49 3.68
CA ARG A 43 1.00 6.93 3.81
C ARG A 43 1.42 6.83 5.27
N GLY A 44 0.53 7.26 6.16
CA GLY A 44 0.80 7.19 7.59
C GLY A 44 1.11 5.76 7.99
N GLN A 45 0.26 4.83 7.56
CA GLN A 45 0.46 3.43 7.88
C GLN A 45 1.80 2.96 7.36
N ILE A 46 2.23 3.50 6.23
CA ILE A 46 3.50 3.13 5.63
C ILE A 46 4.66 3.67 6.46
N ASN A 47 4.56 4.92 6.90
CA ASN A 47 5.60 5.50 7.71
C ASN A 47 5.89 4.61 8.90
N ASP A 48 4.82 4.15 9.55
CA ASP A 48 4.95 3.27 10.70
C ASP A 48 5.39 1.87 10.25
N TYR A 49 4.70 1.34 9.24
CA TYR A 49 5.03 0.02 8.74
C TYR A 49 6.52 -0.10 8.49
N ILE A 50 7.05 0.82 7.68
CA ILE A 50 8.46 0.82 7.38
C ILE A 50 9.28 1.35 8.55
N SER A 51 8.64 2.17 9.40
CA SER A 51 9.35 2.75 10.54
C SER A 51 8.74 2.35 11.88
N ARG A 52 8.43 1.06 12.05
CA ARG A 52 7.87 0.58 13.32
C ARG A 52 7.29 -0.82 13.17
N TYR A 53 6.58 -1.06 12.06
CA TYR A 53 5.99 -2.37 11.83
C TYR A 53 6.47 -2.91 10.48
N ARG A 54 7.72 -3.38 10.47
CA ARG A 54 8.31 -3.93 9.26
C ARG A 54 8.83 -5.35 9.52
N ARG A 55 9.74 -5.81 8.65
CA ARG A 55 10.31 -7.14 8.79
C ARG A 55 9.28 -8.11 9.36
N LYS A 56 8.61 -8.84 8.48
CA LYS A 56 7.61 -9.81 8.91
C LYS A 56 8.28 -11.08 9.39
N GLY A 57 8.58 -11.98 8.45
CA GLY A 57 9.21 -13.25 8.80
C GLY A 57 10.54 -13.41 8.05
N ASP A 58 11.60 -12.85 8.62
CA ASP A 58 12.91 -12.95 8.01
C ASP A 58 13.19 -14.36 7.52
N ALA A 59 13.02 -14.58 6.22
CA ALA A 59 13.25 -15.90 5.64
C ALA A 59 13.87 -15.76 4.25
N GLY A 60 14.81 -14.84 4.11
CA GLY A 60 15.47 -14.62 2.84
C GLY A 60 14.77 -13.51 2.04
N GLY A 61 13.65 -13.04 2.58
CA GLY A 61 12.89 -11.98 1.91
C GLY A 61 11.82 -12.57 1.01
N LEU A 62 10.57 -12.17 1.22
CA LEU A 62 9.46 -12.67 0.42
C LEU A 62 9.02 -11.62 -0.60
N LYS A 63 8.52 -12.09 -1.74
CA LYS A 63 8.06 -11.18 -2.79
C LYS A 63 6.98 -10.24 -2.26
N SER A 64 6.41 -10.60 -1.12
CA SER A 64 5.37 -9.78 -0.51
C SER A 64 5.89 -8.38 -0.21
N PHE A 65 7.00 -8.32 0.52
CA PHE A 65 7.59 -7.03 0.87
C PHE A 65 8.12 -6.33 -0.38
N THR A 66 8.70 -7.11 -1.29
CA THR A 66 9.24 -6.55 -2.52
C THR A 66 8.17 -5.72 -3.24
N THR A 67 6.95 -6.23 -3.26
CA THR A 67 5.86 -5.52 -3.91
C THR A 67 5.51 -4.27 -3.12
N MET A 68 5.45 -4.41 -1.80
CA MET A 68 5.14 -3.28 -0.94
C MET A 68 6.03 -2.10 -1.30
N GLN A 69 7.25 -2.40 -1.71
CA GLN A 69 8.20 -1.37 -2.10
C GLN A 69 7.89 -0.87 -3.50
N THR A 70 7.47 -1.79 -4.37
CA THR A 70 7.15 -1.42 -5.74
C THR A 70 5.92 -0.51 -5.79
N ALA A 71 4.85 -0.93 -5.11
CA ALA A 71 3.63 -0.13 -5.09
C ALA A 71 3.86 1.17 -4.31
N LEU A 72 4.68 1.10 -3.27
CA LEU A 72 4.98 2.28 -2.47
C LEU A 72 5.48 3.40 -3.37
N ASN A 73 6.51 3.10 -4.16
CA ASN A 73 7.06 4.09 -5.08
C ASN A 73 5.98 4.56 -6.05
N SER A 74 5.19 3.61 -6.54
CA SER A 74 4.11 3.94 -7.47
C SER A 74 3.18 4.98 -6.86
N LEU A 75 2.67 4.69 -5.67
CA LEU A 75 1.77 5.63 -5.00
C LEU A 75 2.36 7.03 -5.07
N ALA A 76 3.55 7.15 -4.50
CA ALA A 76 4.24 8.44 -4.47
C ALA A 76 4.19 9.10 -5.85
N GLY A 77 4.25 8.28 -6.89
CA GLY A 77 4.20 8.79 -8.25
C GLY A 77 2.85 9.45 -8.53
N TYR A 78 1.79 8.81 -8.05
CA TYR A 78 0.44 9.34 -8.25
C TYR A 78 0.21 10.54 -7.33
N TYR A 79 1.08 10.70 -6.34
CA TYR A 79 0.94 11.81 -5.40
C TYR A 79 1.99 12.88 -5.68
N THR A 80 3.09 12.48 -6.30
CA THR A 80 4.16 13.42 -6.63
C THR A 80 3.61 14.60 -7.40
N SER A 81 2.73 14.32 -8.35
CA SER A 81 2.12 15.36 -9.16
C SER A 81 0.67 15.57 -8.76
N TYR A 82 -0.02 16.45 -9.49
CA TYR A 82 -1.42 16.73 -9.20
C TYR A 82 -2.32 15.65 -9.80
N GLY A 83 -1.89 14.39 -9.66
CA GLY A 83 -2.66 13.28 -10.18
C GLY A 83 -3.98 13.13 -9.43
N ALA A 84 -5.08 13.17 -10.17
CA ALA A 84 -6.40 13.03 -9.57
C ALA A 84 -7.11 11.82 -10.13
N ARG A 85 -8.34 12.03 -10.57
CA ARG A 85 -9.14 10.95 -11.13
C ARG A 85 -8.38 10.23 -12.23
N PRO A 86 -7.73 10.96 -13.11
CA PRO A 86 -6.94 10.38 -14.23
C PRO A 86 -5.68 9.67 -13.74
N ILE A 87 -5.72 8.34 -13.74
CA ILE A 87 -4.57 7.56 -13.29
C ILE A 87 -3.95 6.81 -14.48
N PRO A 88 -2.86 7.30 -15.02
CA PRO A 88 -2.18 6.64 -16.17
C PRO A 88 -2.02 5.15 -15.96
N GLU A 89 -2.24 4.37 -17.02
CA GLU A 89 -2.11 2.92 -16.95
C GLU A 89 -0.86 2.53 -16.17
N LYS A 90 0.02 3.49 -15.96
CA LYS A 90 1.25 3.22 -15.22
C LYS A 90 0.94 3.00 -13.75
N LEU A 91 0.38 4.03 -13.12
CA LEU A 91 0.02 3.96 -11.71
C LEU A 91 -1.20 3.08 -11.55
N LYS A 92 -2.08 3.12 -12.55
CA LYS A 92 -3.29 2.32 -12.52
C LYS A 92 -2.94 0.85 -12.64
N LYS A 93 -2.19 0.49 -13.68
CA LYS A 93 -1.79 -0.90 -13.87
C LYS A 93 -0.75 -1.31 -12.85
N ARG A 94 0.05 -0.37 -12.40
CA ARG A 94 1.07 -0.67 -11.41
C ARG A 94 0.42 -0.89 -10.05
N LEU A 95 -0.48 0.00 -9.67
CA LEU A 95 -1.15 -0.14 -8.38
C LEU A 95 -2.25 -1.17 -8.49
N GLN A 96 -2.83 -1.32 -9.69
CA GLN A 96 -3.88 -2.31 -9.89
C GLN A 96 -3.27 -3.69 -10.01
N LEU A 97 -2.10 -3.75 -10.63
CA LEU A 97 -1.40 -5.03 -10.77
C LEU A 97 -0.75 -5.36 -9.44
N GLU A 98 -0.28 -4.32 -8.76
CA GLU A 98 0.34 -4.51 -7.46
C GLU A 98 -0.73 -4.80 -6.42
N PHE A 99 -1.88 -4.14 -6.55
CA PHE A 99 -2.97 -4.39 -5.60
C PHE A 99 -3.74 -5.62 -6.02
N THR A 100 -3.67 -5.98 -7.29
CA THR A 100 -4.33 -7.18 -7.76
C THR A 100 -3.44 -8.34 -7.40
N GLN A 101 -2.13 -8.07 -7.43
CA GLN A 101 -1.13 -9.06 -7.06
C GLN A 101 -1.10 -9.17 -5.55
N ALA A 102 -1.25 -8.03 -4.87
CA ALA A 102 -1.27 -8.02 -3.41
C ALA A 102 -2.61 -8.56 -2.94
N GLU A 103 -3.66 -8.21 -3.67
CA GLU A 103 -5.00 -8.69 -3.32
C GLU A 103 -5.07 -10.19 -3.56
N ARG A 104 -4.60 -10.61 -4.72
CA ARG A 104 -4.62 -12.01 -5.09
C ARG A 104 -3.60 -12.79 -4.26
N SER A 105 -2.42 -12.20 -4.04
CA SER A 105 -1.38 -12.87 -3.26
C SER A 105 -1.72 -12.91 -1.78
N ILE A 106 -2.03 -11.74 -1.20
CA ILE A 106 -2.37 -11.68 0.23
C ILE A 106 -3.51 -12.64 0.54
N GLU A 107 -4.55 -12.60 -0.28
CA GLU A 107 -5.70 -13.47 -0.08
C GLU A 107 -5.36 -14.90 -0.47
N ARG A 108 -4.09 -15.15 -0.77
CA ARG A 108 -3.65 -16.48 -1.15
C ARG A 108 -4.60 -17.09 -2.19
N GLY A 109 -4.48 -16.63 -3.43
CA GLY A 109 -5.33 -17.13 -4.51
C GLY A 109 -4.57 -18.12 -5.38
N VAL A 110 -3.45 -18.63 -4.87
CA VAL A 110 -2.64 -19.58 -5.61
C VAL A 110 -2.32 -20.79 -4.75
N CYS A 1 0.72 10.91 9.26
CA CYS A 1 1.27 12.03 10.08
C CYS A 1 2.72 12.28 9.69
N ASP A 2 3.34 13.27 10.33
CA ASP A 2 4.73 13.60 10.04
C ASP A 2 5.58 12.33 9.99
N SER A 3 5.43 11.49 11.01
CA SER A 3 6.19 10.25 11.08
C SER A 3 5.91 9.51 12.39
N GLY A 4 5.93 8.18 12.32
CA GLY A 4 5.68 7.37 13.50
C GLY A 4 4.21 7.00 13.62
N THR A 5 3.91 6.01 14.45
CA THR A 5 2.54 5.55 14.64
C THR A 5 2.45 4.60 15.83
N GLY A 6 1.82 3.45 15.59
CA GLY A 6 1.65 2.44 16.62
C GLY A 6 1.53 1.06 15.99
N LEU A 7 2.04 0.93 14.78
CA LEU A 7 2.00 -0.34 14.05
C LEU A 7 2.52 -1.47 14.94
N THR A 8 2.72 -2.63 14.33
CA THR A 8 3.22 -3.78 15.07
C THR A 8 4.07 -4.70 14.18
N GLY A 9 4.34 -4.24 12.96
CA GLY A 9 5.14 -5.02 12.01
C GLY A 9 4.92 -6.51 12.22
N ASN A 10 3.67 -6.89 12.48
CA ASN A 10 3.34 -8.30 12.70
C ASN A 10 3.69 -9.14 11.48
N TYR A 11 3.47 -10.45 11.60
CA TYR A 11 3.76 -11.37 10.51
C TYR A 11 2.84 -11.10 9.33
N SER A 12 2.54 -12.15 8.57
CA SER A 12 1.67 -12.01 7.41
C SER A 12 0.36 -11.31 7.79
N GLN A 13 0.04 -11.35 9.08
CA GLN A 13 -1.17 -10.72 9.59
C GLN A 13 -1.12 -9.22 9.35
N ASP A 14 0.07 -8.64 9.42
CA ASP A 14 0.25 -7.21 9.21
C ASP A 14 0.05 -6.84 7.74
N THR A 15 0.45 -7.73 6.85
CA THR A 15 0.31 -7.48 5.42
C THR A 15 -1.16 -7.27 5.05
N LEU A 16 -2.01 -8.16 5.52
CA LEU A 16 -3.43 -8.06 5.23
C LEU A 16 -3.99 -6.73 5.71
N THR A 17 -3.55 -6.29 6.88
CA THR A 17 -4.02 -5.02 7.43
C THR A 17 -3.51 -3.86 6.60
N VAL A 18 -2.20 -3.84 6.34
CA VAL A 18 -1.59 -2.78 5.55
C VAL A 18 -1.97 -2.91 4.08
N ILE A 19 -1.72 -4.08 3.51
CA ILE A 19 -2.03 -4.32 2.10
C ILE A 19 -3.48 -3.99 1.79
N ALA A 20 -4.32 -4.13 2.78
CA ALA A 20 -5.73 -3.87 2.57
C ALA A 20 -6.01 -2.37 2.40
N THR A 21 -5.61 -1.57 3.37
CA THR A 21 -5.85 -0.14 3.32
C THR A 21 -4.94 0.60 2.33
N LEU A 22 -3.65 0.32 2.39
CA LEU A 22 -2.69 1.00 1.51
C LEU A 22 -3.04 0.82 0.04
N ARG A 23 -3.23 -0.41 -0.38
CA ARG A 23 -3.57 -0.67 -1.78
C ARG A 23 -5.00 -0.25 -2.07
N GLU A 24 -5.87 -0.34 -1.07
CA GLU A 24 -7.26 0.08 -1.26
C GLU A 24 -7.36 1.60 -1.20
N ALA A 25 -6.30 2.23 -0.72
CA ALA A 25 -6.27 3.68 -0.61
C ALA A 25 -6.34 4.32 -2.00
N ILE A 26 -5.58 3.78 -2.92
CA ILE A 26 -5.57 4.30 -4.30
C ILE A 26 -6.75 3.76 -5.07
N ASP A 27 -7.13 2.55 -4.74
CA ASP A 27 -8.25 1.89 -5.42
C ASP A 27 -9.51 1.85 -4.57
N LEU A 28 -9.57 2.69 -3.54
CA LEU A 28 -10.75 2.71 -2.67
C LEU A 28 -12.01 2.85 -3.52
N PRO A 29 -13.13 2.34 -3.06
CA PRO A 29 -14.42 2.43 -3.80
C PRO A 29 -14.72 3.86 -4.24
N GLN A 30 -15.43 3.99 -5.36
CA GLN A 30 -15.78 5.32 -5.86
C GLN A 30 -16.56 6.10 -4.82
N ASP A 31 -16.80 5.50 -3.66
CA ASP A 31 -17.53 6.15 -2.59
C ASP A 31 -16.58 6.97 -1.73
N ALA A 32 -15.39 7.26 -2.26
CA ALA A 32 -14.40 8.04 -1.52
C ALA A 32 -13.62 8.95 -2.47
N PRO A 33 -14.29 9.90 -3.06
CA PRO A 33 -13.65 10.87 -4.01
C PRO A 33 -12.32 11.40 -3.48
N ASN A 34 -12.01 11.07 -2.24
CA ASN A 34 -10.76 11.52 -1.63
C ASN A 34 -9.67 10.48 -1.83
N ARG A 35 -9.61 9.93 -3.04
CA ARG A 35 -8.61 8.91 -3.35
C ARG A 35 -7.21 9.43 -3.02
N GLN A 36 -6.97 10.71 -3.32
CA GLN A 36 -5.68 11.31 -3.06
C GLN A 36 -5.51 11.64 -1.57
N GLU A 37 -6.61 11.98 -0.91
CA GLU A 37 -6.56 12.33 0.50
C GLU A 37 -6.48 11.09 1.38
N VAL A 38 -7.41 10.16 1.19
CA VAL A 38 -7.40 8.93 1.98
C VAL A 38 -6.03 8.29 1.92
N GLN A 39 -5.40 8.41 0.76
CA GLN A 39 -4.06 7.85 0.56
C GLN A 39 -3.07 8.51 1.52
N ASP A 40 -3.27 9.80 1.77
CA ASP A 40 -2.39 10.53 2.67
C ASP A 40 -2.36 9.86 4.04
N THR A 41 -3.51 9.39 4.49
CA THR A 41 -3.61 8.72 5.78
C THR A 41 -2.87 7.39 5.74
N ALA A 42 -2.93 6.72 4.59
CA ALA A 42 -2.25 5.45 4.43
C ALA A 42 -0.73 5.65 4.44
N ARG A 43 -0.29 6.78 3.90
CA ARG A 43 1.12 7.10 3.85
C ARG A 43 1.71 7.11 5.27
N GLY A 44 0.92 7.60 6.22
CA GLY A 44 1.36 7.67 7.61
C GLY A 44 1.72 6.28 8.12
N GLN A 45 0.89 5.29 7.80
CA GLN A 45 1.13 3.92 8.24
C GLN A 45 2.49 3.43 7.76
N ILE A 46 2.88 3.88 6.57
CA ILE A 46 4.16 3.47 5.99
C ILE A 46 5.34 4.05 6.78
N ASN A 47 5.21 5.31 7.18
CA ASN A 47 6.29 5.96 7.92
C ASN A 47 6.69 5.13 9.13
N ASP A 48 5.70 4.72 9.91
CA ASP A 48 5.97 3.90 11.09
C ASP A 48 6.38 2.49 10.69
N TYR A 49 5.62 1.90 9.78
CA TYR A 49 5.91 0.55 9.32
C TYR A 49 7.32 0.44 8.76
N ILE A 50 7.64 1.29 7.78
CA ILE A 50 8.96 1.25 7.18
C ILE A 50 10.01 1.86 8.11
N SER A 51 9.57 2.75 8.99
CA SER A 51 10.51 3.40 9.91
C SER A 51 10.19 3.08 11.37
N ARG A 52 9.78 1.85 11.65
CA ARG A 52 9.48 1.47 13.03
C ARG A 52 8.88 0.07 13.11
N TYR A 53 8.01 -0.27 12.17
CA TYR A 53 7.38 -1.60 12.18
C TYR A 53 7.42 -2.25 10.80
N ARG A 54 8.59 -2.72 10.41
CA ARG A 54 8.75 -3.37 9.11
C ARG A 54 8.96 -4.87 9.29
N ARG A 55 9.95 -5.22 10.10
CA ARG A 55 10.26 -6.64 10.36
C ARG A 55 8.97 -7.44 10.51
N LYS A 56 9.05 -8.72 10.18
CA LYS A 56 7.88 -9.60 10.29
C LYS A 56 8.30 -11.04 10.52
N GLY A 57 9.56 -11.22 10.94
CA GLY A 57 10.09 -12.56 11.20
C GLY A 57 10.84 -13.09 9.99
N ASP A 58 10.73 -12.38 8.87
CA ASP A 58 11.41 -12.79 7.65
C ASP A 58 11.20 -14.28 7.39
N ALA A 59 10.14 -14.61 6.65
CA ALA A 59 9.85 -16.00 6.33
C ALA A 59 11.00 -16.62 5.56
N GLY A 60 11.79 -15.78 4.92
CA GLY A 60 12.94 -16.26 4.14
C GLY A 60 12.99 -15.57 2.78
N GLY A 61 12.35 -14.40 2.69
CA GLY A 61 12.33 -13.65 1.44
C GLY A 61 11.01 -13.86 0.71
N LEU A 62 10.10 -12.90 0.85
CA LEU A 62 8.80 -12.99 0.19
C LEU A 62 8.60 -11.82 -0.77
N LYS A 63 7.77 -12.03 -1.78
CA LYS A 63 7.50 -10.99 -2.76
C LYS A 63 6.48 -10.00 -2.22
N SER A 64 5.72 -10.42 -1.22
CA SER A 64 4.71 -9.56 -0.62
C SER A 64 5.36 -8.30 -0.04
N PHE A 65 6.49 -8.48 0.62
CA PHE A 65 7.20 -7.35 1.21
C PHE A 65 7.82 -6.48 0.12
N THR A 66 8.47 -7.14 -0.84
CA THR A 66 9.09 -6.41 -1.94
C THR A 66 8.06 -5.55 -2.66
N THR A 67 6.79 -5.90 -2.52
CA THR A 67 5.73 -5.15 -3.17
C THR A 67 5.53 -3.82 -2.45
N MET A 68 5.56 -3.85 -1.12
CA MET A 68 5.37 -2.63 -0.35
C MET A 68 6.31 -1.54 -0.85
N GLN A 69 7.52 -1.92 -1.19
CA GLN A 69 8.50 -0.97 -1.70
C GLN A 69 8.25 -0.67 -3.17
N THR A 70 7.73 -1.65 -3.90
CA THR A 70 7.44 -1.46 -5.31
C THR A 70 6.22 -0.54 -5.49
N ALA A 71 5.15 -0.85 -4.77
CA ALA A 71 3.94 -0.03 -4.84
C ALA A 71 4.18 1.33 -4.21
N LEU A 72 5.02 1.37 -3.18
CA LEU A 72 5.32 2.64 -2.50
C LEU A 72 5.79 3.67 -3.51
N ASN A 73 6.82 3.34 -4.27
CA ASN A 73 7.35 4.25 -5.26
C ASN A 73 6.28 4.60 -6.29
N SER A 74 5.43 3.62 -6.60
CA SER A 74 4.35 3.83 -7.56
C SER A 74 3.28 4.76 -7.00
N LEU A 75 2.83 4.46 -5.78
CA LEU A 75 1.81 5.27 -5.14
C LEU A 75 2.15 6.74 -5.27
N ALA A 76 3.24 7.12 -4.63
CA ALA A 76 3.70 8.50 -4.65
C ALA A 76 3.66 9.07 -6.07
N GLY A 77 3.91 8.21 -7.05
CA GLY A 77 3.89 8.64 -8.44
C GLY A 77 2.55 9.30 -8.78
N TYR A 78 1.49 8.78 -8.17
CA TYR A 78 0.15 9.32 -8.41
C TYR A 78 -0.02 10.67 -7.70
N TYR A 79 0.44 10.73 -6.46
CA TYR A 79 0.34 11.97 -5.68
C TYR A 79 1.14 13.09 -6.34
N THR A 80 2.39 12.79 -6.67
CA THR A 80 3.26 13.78 -7.29
C THR A 80 2.73 14.13 -8.68
N SER A 81 2.19 13.14 -9.38
CA SER A 81 1.64 13.36 -10.71
C SER A 81 0.67 14.53 -10.71
N TYR A 82 0.17 14.90 -11.88
CA TYR A 82 -0.77 16.00 -11.99
C TYR A 82 -1.95 15.80 -11.05
N GLY A 83 -2.12 14.56 -10.57
CA GLY A 83 -3.21 14.25 -9.66
C GLY A 83 -4.55 14.59 -10.30
N ALA A 84 -5.63 14.37 -9.55
CA ALA A 84 -6.97 14.66 -10.05
C ALA A 84 -7.06 14.33 -11.55
N ARG A 85 -6.44 13.22 -11.94
CA ARG A 85 -6.47 12.81 -13.34
C ARG A 85 -6.38 11.28 -13.44
N PRO A 86 -6.84 10.73 -14.53
CA PRO A 86 -6.81 9.26 -14.75
C PRO A 86 -5.51 8.63 -14.26
N ILE A 87 -5.62 7.73 -13.30
CA ILE A 87 -4.44 7.06 -12.76
C ILE A 87 -3.59 6.46 -13.88
N PRO A 88 -2.40 6.97 -14.13
CA PRO A 88 -1.53 6.43 -15.20
C PRO A 88 -1.48 4.91 -15.19
N GLU A 89 -1.70 4.30 -16.35
CA GLU A 89 -1.69 2.85 -16.46
C GLU A 89 -0.52 2.26 -15.66
N LYS A 90 0.52 3.06 -15.46
CA LYS A 90 1.68 2.59 -14.72
C LYS A 90 1.32 2.35 -13.26
N LEU A 91 0.90 3.40 -12.57
CA LEU A 91 0.51 3.29 -11.18
C LEU A 91 -0.75 2.45 -11.08
N LYS A 92 -1.63 2.63 -12.04
CA LYS A 92 -2.87 1.88 -12.07
C LYS A 92 -2.56 0.42 -12.29
N LYS A 93 -1.88 0.10 -13.40
CA LYS A 93 -1.53 -1.28 -13.67
C LYS A 93 -0.62 -1.83 -12.60
N ARG A 94 0.28 -0.99 -12.12
CA ARG A 94 1.19 -1.41 -11.06
C ARG A 94 0.42 -1.63 -9.77
N LEU A 95 -0.27 -0.60 -9.31
CA LEU A 95 -1.06 -0.72 -8.08
C LEU A 95 -2.16 -1.74 -8.28
N GLN A 96 -2.71 -1.78 -9.48
CA GLN A 96 -3.77 -2.74 -9.78
C GLN A 96 -3.20 -4.14 -9.86
N LEU A 97 -2.14 -4.28 -10.65
CA LEU A 97 -1.48 -5.58 -10.79
C LEU A 97 -0.88 -5.95 -9.44
N GLU A 98 -0.34 -4.96 -8.75
CA GLU A 98 0.24 -5.19 -7.44
C GLU A 98 -0.89 -5.41 -6.44
N PHE A 99 -1.94 -4.60 -6.53
CA PHE A 99 -3.08 -4.76 -5.61
C PHE A 99 -3.70 -6.11 -5.83
N THR A 100 -3.84 -6.49 -7.08
CA THR A 100 -4.43 -7.77 -7.38
C THR A 100 -3.40 -8.87 -7.15
N GLN A 101 -2.17 -8.63 -7.60
CA GLN A 101 -1.12 -9.62 -7.37
C GLN A 101 -0.84 -9.71 -5.88
N ALA A 102 -1.03 -8.60 -5.17
CA ALA A 102 -0.82 -8.58 -3.73
C ALA A 102 -2.09 -9.03 -3.01
N GLU A 103 -3.19 -8.38 -3.34
CA GLU A 103 -4.46 -8.71 -2.70
C GLU A 103 -5.06 -9.99 -3.27
N ARG A 104 -5.18 -10.07 -4.59
CA ARG A 104 -5.78 -11.26 -5.20
C ARG A 104 -4.96 -12.52 -4.90
N SER A 105 -3.64 -12.37 -4.79
CA SER A 105 -2.79 -13.53 -4.51
C SER A 105 -2.71 -13.82 -3.02
N ILE A 106 -2.40 -12.81 -2.22
CA ILE A 106 -2.30 -13.03 -0.77
C ILE A 106 -3.62 -13.54 -0.20
N GLU A 107 -4.72 -13.17 -0.85
CA GLU A 107 -6.03 -13.60 -0.40
C GLU A 107 -6.17 -15.11 -0.54
N ARG A 108 -6.43 -15.56 -1.75
CA ARG A 108 -6.57 -16.99 -2.03
C ARG A 108 -6.51 -17.24 -3.53
N GLY A 109 -5.29 -17.40 -4.04
CA GLY A 109 -5.09 -17.66 -5.46
C GLY A 109 -3.66 -18.11 -5.74
N VAL A 110 -3.14 -18.96 -4.86
CA VAL A 110 -1.78 -19.47 -5.01
C VAL A 110 -1.75 -20.98 -4.80
N CYS A 1 12.36 12.41 11.38
CA CYS A 1 11.64 11.11 11.43
C CYS A 1 10.14 11.36 11.56
N ASP A 2 9.34 10.36 11.19
CA ASP A 2 7.90 10.49 11.27
C ASP A 2 7.26 9.16 11.69
N SER A 3 8.05 8.31 12.35
CA SER A 3 7.55 7.02 12.80
C SER A 3 6.11 7.14 13.30
N GLY A 4 5.16 6.75 12.45
CA GLY A 4 3.75 6.83 12.82
C GLY A 4 3.35 5.66 13.72
N THR A 5 2.53 4.76 13.18
CA THR A 5 2.07 3.62 13.95
C THR A 5 3.21 3.05 14.80
N GLY A 6 2.84 2.22 15.77
CA GLY A 6 3.83 1.59 16.63
C GLY A 6 4.08 0.15 16.20
N LEU A 7 3.93 -0.11 14.90
CA LEU A 7 4.13 -1.45 14.37
C LEU A 7 5.24 -2.16 15.15
N THR A 8 4.87 -2.85 16.21
CA THR A 8 5.85 -3.57 17.04
C THR A 8 6.53 -4.68 16.24
N GLY A 9 5.72 -5.53 15.62
CA GLY A 9 6.26 -6.63 14.83
C GLY A 9 5.14 -7.57 14.37
N ASN A 10 4.09 -7.00 13.80
CA ASN A 10 2.97 -7.79 13.32
C ASN A 10 3.41 -8.69 12.17
N TYR A 11 2.45 -9.27 11.47
CA TYR A 11 2.75 -10.15 10.34
C TYR A 11 1.66 -10.06 9.28
N SER A 12 1.25 -11.22 8.78
CA SER A 12 0.19 -11.26 7.75
C SER A 12 -1.03 -10.49 8.20
N GLN A 13 -1.22 -10.39 9.52
CA GLN A 13 -2.37 -9.68 10.06
C GLN A 13 -2.32 -8.19 9.72
N ASP A 14 -1.14 -7.60 9.85
CA ASP A 14 -0.98 -6.18 9.56
C ASP A 14 -1.21 -5.89 8.08
N THR A 15 -0.73 -6.78 7.22
CA THR A 15 -0.90 -6.60 5.78
C THR A 15 -2.36 -6.40 5.43
N LEU A 16 -3.24 -7.24 5.98
CA LEU A 16 -4.67 -7.10 5.69
C LEU A 16 -5.15 -5.69 6.01
N THR A 17 -4.62 -5.12 7.09
CA THR A 17 -5.00 -3.78 7.50
C THR A 17 -4.40 -2.74 6.56
N VAL A 18 -3.08 -2.77 6.41
CA VAL A 18 -2.39 -1.81 5.55
C VAL A 18 -2.80 -2.01 4.09
N ILE A 19 -2.89 -3.27 3.67
CA ILE A 19 -3.25 -3.59 2.29
C ILE A 19 -4.62 -3.04 1.94
N ALA A 20 -5.54 -3.11 2.88
CA ALA A 20 -6.88 -2.62 2.61
C ALA A 20 -6.84 -1.16 2.20
N THR A 21 -5.89 -0.41 2.77
CA THR A 21 -5.75 1.00 2.44
C THR A 21 -5.14 1.16 1.04
N LEU A 22 -4.37 0.16 0.61
CA LEU A 22 -3.74 0.22 -0.70
C LEU A 22 -4.77 0.00 -1.80
N ARG A 23 -5.56 -1.05 -1.68
CA ARG A 23 -6.60 -1.34 -2.68
C ARG A 23 -7.61 -0.20 -2.68
N GLU A 24 -7.79 0.41 -1.52
CA GLU A 24 -8.73 1.51 -1.41
C GLU A 24 -8.13 2.78 -2.00
N ALA A 25 -6.83 2.81 -2.09
CA ALA A 25 -6.15 3.98 -2.64
C ALA A 25 -6.23 4.04 -4.16
N ILE A 26 -6.26 2.88 -4.81
CA ILE A 26 -6.32 2.85 -6.26
C ILE A 26 -7.71 3.16 -6.78
N ASP A 27 -8.74 2.70 -6.08
CA ASP A 27 -10.09 2.95 -6.54
C ASP A 27 -11.13 2.62 -5.47
N LEU A 28 -10.88 3.06 -4.24
CA LEU A 28 -11.82 2.80 -3.15
C LEU A 28 -13.25 2.92 -3.66
N PRO A 29 -14.18 2.24 -3.04
CA PRO A 29 -15.62 2.29 -3.45
C PRO A 29 -16.13 3.73 -3.50
N GLN A 30 -17.18 3.95 -4.28
CA GLN A 30 -17.75 5.29 -4.41
C GLN A 30 -18.19 5.82 -3.04
N ASP A 31 -17.95 5.03 -2.01
CA ASP A 31 -18.32 5.43 -0.65
C ASP A 31 -17.20 6.21 0.02
N ALA A 32 -16.18 6.58 -0.76
CA ALA A 32 -15.05 7.33 -0.23
C ALA A 32 -14.58 8.38 -1.23
N PRO A 33 -15.46 9.26 -1.65
CA PRO A 33 -15.12 10.33 -2.63
C PRO A 33 -13.94 11.17 -2.16
N ASN A 34 -12.75 10.57 -2.19
CA ASN A 34 -11.53 11.25 -1.76
C ASN A 34 -10.36 10.27 -1.77
N ARG A 35 -10.08 9.74 -2.95
CA ARG A 35 -8.99 8.77 -3.10
C ARG A 35 -7.68 9.33 -2.54
N GLN A 36 -7.57 10.65 -2.46
CA GLN A 36 -6.37 11.29 -1.95
C GLN A 36 -6.29 11.20 -0.44
N GLU A 37 -7.40 11.49 0.24
CA GLU A 37 -7.43 11.46 1.70
C GLU A 37 -7.17 10.06 2.22
N VAL A 38 -7.99 9.10 1.80
CA VAL A 38 -7.82 7.72 2.25
C VAL A 38 -6.38 7.29 2.07
N GLN A 39 -5.77 7.75 0.98
CA GLN A 39 -4.38 7.40 0.70
C GLN A 39 -3.47 7.98 1.78
N ASP A 40 -3.87 9.11 2.36
CA ASP A 40 -3.09 9.75 3.41
C ASP A 40 -3.01 8.85 4.64
N THR A 41 -4.09 8.11 4.88
CA THR A 41 -4.12 7.20 6.02
C THR A 41 -3.07 6.11 5.88
N ALA A 42 -2.86 5.66 4.64
CA ALA A 42 -1.88 4.63 4.37
C ALA A 42 -0.47 5.16 4.57
N ARG A 43 -0.28 6.45 4.27
CA ARG A 43 1.02 7.07 4.43
C ARG A 43 1.47 7.02 5.88
N GLY A 44 0.52 7.14 6.79
CA GLY A 44 0.83 7.10 8.22
C GLY A 44 1.52 5.79 8.58
N GLN A 45 0.90 4.68 8.20
CA GLN A 45 1.46 3.37 8.49
C GLN A 45 2.82 3.20 7.82
N ILE A 46 2.92 3.61 6.56
CA ILE A 46 4.17 3.50 5.83
C ILE A 46 5.30 4.17 6.59
N ASN A 47 5.04 5.34 7.15
CA ASN A 47 6.06 6.05 7.90
C ASN A 47 6.66 5.14 8.97
N ASP A 48 5.80 4.59 9.81
CA ASP A 48 6.27 3.69 10.85
C ASP A 48 6.73 2.37 10.26
N TYR A 49 5.90 1.81 9.37
CA TYR A 49 6.25 0.54 8.74
C TYR A 49 7.67 0.61 8.19
N ILE A 50 7.94 1.60 7.35
CA ILE A 50 9.27 1.75 6.77
C ILE A 50 10.26 2.29 7.81
N SER A 51 9.73 2.97 8.83
CA SER A 51 10.59 3.54 9.87
C SER A 51 10.40 2.86 11.22
N ARG A 52 10.41 1.52 11.22
CA ARG A 52 10.27 0.77 12.47
C ARG A 52 9.93 -0.69 12.18
N TYR A 53 8.89 -0.93 11.39
CA TYR A 53 8.49 -2.29 11.06
C TYR A 53 8.61 -2.55 9.57
N ARG A 54 9.85 -2.57 9.08
CA ARG A 54 10.09 -2.82 7.67
C ARG A 54 10.32 -4.30 7.41
N ARG A 55 10.91 -4.98 8.39
CA ARG A 55 11.19 -6.41 8.28
C ARG A 55 10.55 -7.18 9.42
N LYS A 56 10.52 -8.50 9.30
CA LYS A 56 9.94 -9.35 10.33
C LYS A 56 10.77 -10.61 10.52
N GLY A 57 12.08 -10.47 10.35
CA GLY A 57 12.99 -11.60 10.49
C GLY A 57 13.23 -12.27 9.14
N ASP A 58 12.39 -11.95 8.17
CA ASP A 58 12.51 -12.52 6.83
C ASP A 58 12.27 -14.01 6.86
N ALA A 59 11.08 -14.43 6.46
CA ALA A 59 10.73 -15.84 6.44
C ALA A 59 11.39 -16.54 5.27
N GLY A 60 11.21 -15.98 4.08
CA GLY A 60 11.79 -16.56 2.87
C GLY A 60 11.85 -15.53 1.75
N GLY A 61 11.50 -14.29 2.07
CA GLY A 61 11.52 -13.22 1.07
C GLY A 61 10.37 -13.39 0.07
N LEU A 62 9.33 -12.59 0.25
CA LEU A 62 8.18 -12.65 -0.66
C LEU A 62 8.21 -11.51 -1.67
N LYS A 63 7.23 -11.48 -2.56
CA LYS A 63 7.16 -10.43 -3.56
C LYS A 63 6.19 -9.34 -3.14
N SER A 64 5.19 -9.73 -2.35
CA SER A 64 4.20 -8.78 -1.87
C SER A 64 4.86 -7.68 -1.04
N PHE A 65 5.74 -8.08 -0.15
CA PHE A 65 6.45 -7.11 0.70
C PHE A 65 7.29 -6.18 -0.15
N THR A 66 7.89 -6.72 -1.20
CA THR A 66 8.73 -5.92 -2.09
C THR A 66 7.87 -4.92 -2.86
N THR A 67 6.62 -5.27 -3.10
CA THR A 67 5.71 -4.40 -3.82
C THR A 67 5.35 -3.20 -2.96
N MET A 68 5.16 -3.44 -1.67
CA MET A 68 4.81 -2.36 -0.76
C MET A 68 5.78 -1.19 -0.91
N GLN A 69 7.04 -1.52 -1.16
CA GLN A 69 8.06 -0.49 -1.36
C GLN A 69 7.99 0.08 -2.77
N THR A 70 7.55 -0.75 -3.71
CA THR A 70 7.45 -0.31 -5.11
C THR A 70 6.23 0.58 -5.29
N ALA A 71 5.09 0.13 -4.81
CA ALA A 71 3.86 0.90 -4.92
C ALA A 71 3.95 2.17 -4.08
N LEU A 72 4.61 2.08 -2.94
CA LEU A 72 4.75 3.24 -2.06
C LEU A 72 5.36 4.41 -2.83
N ASN A 73 6.53 4.17 -3.43
CA ASN A 73 7.22 5.21 -4.19
C ASN A 73 6.43 5.59 -5.44
N SER A 74 5.91 4.58 -6.13
CA SER A 74 5.14 4.83 -7.36
C SER A 74 3.81 5.51 -7.03
N LEU A 75 3.00 4.88 -6.19
CA LEU A 75 1.71 5.44 -5.82
C LEU A 75 1.90 6.84 -5.24
N ALA A 76 3.08 7.08 -4.69
CA ALA A 76 3.38 8.39 -4.10
C ALA A 76 3.44 9.46 -5.18
N GLY A 77 3.76 9.03 -6.41
CA GLY A 77 3.84 9.96 -7.53
C GLY A 77 2.47 10.48 -7.91
N TYR A 78 1.54 9.57 -8.16
CA TYR A 78 0.18 9.95 -8.53
C TYR A 78 -0.42 10.84 -7.45
N TYR A 79 0.28 10.96 -6.33
CA TYR A 79 -0.21 11.77 -5.22
C TYR A 79 0.41 13.17 -5.28
N THR A 80 1.74 13.23 -5.36
CA THR A 80 2.43 14.51 -5.42
C THR A 80 2.41 15.06 -6.84
N SER A 81 1.35 14.75 -7.58
CA SER A 81 1.21 15.22 -8.95
C SER A 81 0.09 16.25 -9.06
N TYR A 82 -1.11 15.76 -9.37
CA TYR A 82 -2.26 16.65 -9.51
C TYR A 82 -3.54 15.92 -9.12
N GLY A 83 -3.60 14.63 -9.44
CA GLY A 83 -4.79 13.83 -9.12
C GLY A 83 -5.84 13.96 -10.20
N ALA A 84 -6.92 13.20 -10.07
CA ALA A 84 -8.01 13.24 -11.04
C ALA A 84 -7.45 13.14 -12.46
N ARG A 85 -6.61 12.13 -12.69
CA ARG A 85 -6.02 11.92 -14.00
C ARG A 85 -5.77 10.44 -14.26
N PRO A 86 -5.72 10.04 -15.52
CA PRO A 86 -5.48 8.62 -15.90
C PRO A 86 -4.42 7.95 -15.01
N ILE A 87 -4.40 6.62 -15.05
CA ILE A 87 -3.44 5.86 -14.27
C ILE A 87 -2.39 5.22 -15.18
N PRO A 88 -1.23 5.83 -15.32
CA PRO A 88 -0.15 5.28 -16.19
C PRO A 88 0.11 3.81 -15.92
N GLU A 89 0.40 3.05 -16.98
CA GLU A 89 0.66 1.63 -16.84
C GLU A 89 1.54 1.35 -15.63
N LYS A 90 2.46 2.25 -15.36
CA LYS A 90 3.35 2.10 -14.22
C LYS A 90 2.56 1.99 -12.93
N LEU A 91 1.76 3.02 -12.65
CA LEU A 91 0.95 3.03 -11.45
C LEU A 91 -0.13 1.98 -11.58
N LYS A 92 -0.84 2.00 -12.70
CA LYS A 92 -1.89 1.03 -12.92
C LYS A 92 -1.31 -0.36 -12.77
N LYS A 93 -0.29 -0.69 -13.56
CA LYS A 93 0.32 -2.01 -13.48
C LYS A 93 0.89 -2.27 -12.10
N ARG A 94 1.57 -1.29 -11.54
CA ARG A 94 2.15 -1.46 -10.20
C ARG A 94 1.03 -1.57 -9.17
N LEU A 95 0.18 -0.56 -9.13
CA LEU A 95 -0.93 -0.55 -8.20
C LEU A 95 -1.80 -1.76 -8.45
N GLN A 96 -1.99 -2.09 -9.72
CA GLN A 96 -2.80 -3.25 -10.10
C GLN A 96 -2.03 -4.51 -9.76
N LEU A 97 -0.86 -4.66 -10.36
CA LEU A 97 -0.03 -5.82 -10.06
C LEU A 97 0.07 -5.93 -8.56
N GLU A 98 0.14 -4.78 -7.91
CA GLU A 98 0.22 -4.74 -6.45
C GLU A 98 -1.14 -5.08 -5.87
N PHE A 99 -2.21 -4.49 -6.42
CA PHE A 99 -3.56 -4.78 -5.92
C PHE A 99 -3.87 -6.23 -6.19
N THR A 100 -3.42 -6.72 -7.32
CA THR A 100 -3.66 -8.11 -7.64
C THR A 100 -2.71 -8.98 -6.84
N GLN A 101 -1.45 -8.56 -6.76
CA GLN A 101 -0.50 -9.33 -5.97
C GLN A 101 -0.87 -9.20 -4.50
N ALA A 102 -1.48 -8.07 -4.16
CA ALA A 102 -1.90 -7.82 -2.78
C ALA A 102 -3.28 -8.40 -2.53
N GLU A 103 -4.22 -8.01 -3.37
CA GLU A 103 -5.60 -8.47 -3.23
C GLU A 103 -5.79 -9.90 -3.72
N ARG A 104 -5.33 -10.17 -4.94
CA ARG A 104 -5.48 -11.51 -5.51
C ARG A 104 -4.71 -12.56 -4.70
N SER A 105 -3.52 -12.21 -4.23
CA SER A 105 -2.72 -13.16 -3.47
C SER A 105 -3.24 -13.31 -2.04
N ILE A 106 -3.41 -12.19 -1.34
CA ILE A 106 -3.90 -12.25 0.03
C ILE A 106 -5.23 -12.98 0.11
N GLU A 107 -6.19 -12.57 -0.72
CA GLU A 107 -7.50 -13.20 -0.73
C GLU A 107 -7.38 -14.69 -1.03
N ARG A 108 -6.27 -15.08 -1.63
CA ARG A 108 -6.04 -16.48 -1.97
C ARG A 108 -5.53 -17.26 -0.75
N GLY A 109 -5.06 -16.53 0.25
CA GLY A 109 -4.55 -17.16 1.46
C GLY A 109 -3.45 -18.17 1.13
N VAL A 110 -2.35 -17.68 0.58
CA VAL A 110 -1.23 -18.55 0.23
C VAL A 110 -0.47 -18.98 1.47
#